data_9AXR
#
_entry.id   9AXR
#
_cell.length_a   114.635
_cell.length_b   114.635
_cell.length_c   90.951
_cell.angle_alpha   90.000
_cell.angle_beta   90.000
_cell.angle_gamma   120.000
#
_symmetry.space_group_name_H-M   'P 31'
#
loop_
_entity.id
_entity.type
_entity.pdbx_description
1 polymer 'HY18-5B1_Ch Fab Heavy Chain'
2 polymer 'HY18-5B1_Ch Fab Light Chain'
3 non-polymer N-phenyl-N-[1-(2-phenylethyl)piperidin-4-yl]propanamide
#
loop_
_entity_poly.entity_id
_entity_poly.type
_entity_poly.pdbx_seq_one_letter_code
_entity_poly.pdbx_strand_id
1 'polypeptide(L)'
;EVQLQQSGAELVKPGASVKLSCTASGFNIKDTYIYWVRQRPEQGLEWIGRIDPANGNTKYDPKVQGKATITADTSSNTAY
LQLSSLTFEDTAVYYCALEHGYYDVMDYWGQGTSVTVSSASTKGPSVFPLAPSSKSTSGGTAALGCLVKDYFPEPVTVSW
NSGALTSGVHTFPAVLQSSGLYSLSSVVTVPSSSLGTQTYICNVNHKPSNTKVDKRVEPKSCDKTHHHHHH
;
A,H,C
2 'polypeptide(L)'
;DIVMTQSQKFMSTSVGDRVSVTCKASQNVDTNVAWYQKKPGQSPKALIYSASYRYSGVPDRFTGSGSGTDFTLTISNVQS
EDLAEYFCQQYNSYPYTFGGGTKLEIKRTVAAPSVFIFPPSDEQLKSGTASVVCLLNNFYPREAKVQWKVDNALQSGNSQ
ESVTEQDSKDSTYSLSSTLTLSKADYEKHKVYACEVTHQGLSSPVTKSFNRGEC
;
B,L,D
#
loop_
_chem_comp.id
_chem_comp.type
_chem_comp.name
_chem_comp.formula
7V7 non-polymer N-phenyl-N-[1-(2-phenylethyl)piperidin-4-yl]propanamide 'C22 H28 N2 O'
#
# COMPACT_ATOMS: atom_id res chain seq x y z
N GLU A 1 -2.91 -3.34 7.99
CA GLU A 1 -3.85 -2.22 8.02
C GLU A 1 -5.12 -2.60 8.77
N VAL A 2 -6.25 -2.46 8.09
CA VAL A 2 -7.53 -2.92 8.61
C VAL A 2 -7.87 -4.25 7.97
N GLN A 3 -8.64 -5.07 8.68
CA GLN A 3 -9.05 -6.36 8.15
C GLN A 3 -10.55 -6.54 8.26
N LEU A 4 -11.10 -6.32 9.46
CA LEU A 4 -12.54 -6.45 9.72
C LEU A 4 -13.04 -7.85 9.34
N GLN A 5 -12.37 -8.87 9.87
CA GLN A 5 -12.68 -10.25 9.52
C GLN A 5 -13.87 -10.75 10.33
N GLN A 6 -14.70 -11.57 9.68
CA GLN A 6 -15.83 -12.23 10.32
C GLN A 6 -15.61 -13.74 10.32
N SER A 7 -16.39 -14.42 11.15
CA SER A 7 -16.27 -15.86 11.30
C SER A 7 -16.74 -16.57 10.03
N GLY A 8 -16.62 -17.89 10.03
CA GLY A 8 -17.02 -18.69 8.89
C GLY A 8 -18.52 -18.88 8.82
N ALA A 9 -18.94 -19.56 7.75
CA ALA A 9 -20.36 -19.84 7.55
C ALA A 9 -20.87 -20.85 8.57
N GLU A 10 -22.18 -20.86 8.78
CA GLU A 10 -22.81 -21.73 9.75
C GLU A 10 -24.10 -22.31 9.19
N LEU A 11 -24.55 -23.41 9.80
CA LEU A 11 -25.79 -24.08 9.42
C LEU A 11 -26.50 -24.54 10.69
N VAL A 12 -27.76 -24.15 10.83
CA VAL A 12 -28.59 -24.50 11.98
C VAL A 12 -29.93 -25.01 11.49
N LYS A 13 -30.78 -25.37 12.43
CA LYS A 13 -32.13 -25.85 12.15
C LYS A 13 -33.13 -24.72 12.33
N PRO A 14 -34.23 -24.75 11.56
CA PRO A 14 -35.28 -23.75 11.76
C PRO A 14 -35.74 -23.67 13.20
N GLY A 15 -35.59 -22.50 13.81
CA GLY A 15 -35.91 -22.34 15.21
C GLY A 15 -34.69 -22.48 16.09
N ALA A 16 -33.63 -21.73 15.75
CA ALA A 16 -32.38 -21.73 16.48
C ALA A 16 -31.96 -20.31 16.76
N SER A 17 -30.91 -20.17 17.58
CA SER A 17 -30.34 -18.88 17.93
C SER A 17 -28.90 -18.80 17.44
N VAL A 18 -28.53 -17.65 16.89
CA VAL A 18 -27.21 -17.44 16.31
C VAL A 18 -26.73 -16.03 16.65
N LYS A 19 -25.47 -15.92 17.06
CA LYS A 19 -24.83 -14.64 17.33
C LYS A 19 -23.55 -14.56 16.49
N LEU A 20 -23.53 -13.67 15.51
CA LEU A 20 -22.40 -13.54 14.60
C LEU A 20 -21.36 -12.59 15.14
N SER A 21 -20.15 -12.67 14.58
CA SER A 21 -19.02 -11.88 15.02
C SER A 21 -18.28 -11.30 13.83
N CYS A 22 -17.80 -10.07 13.98
CA CYS A 22 -16.97 -9.42 12.97
C CYS A 22 -15.89 -8.63 13.70
N THR A 23 -14.64 -9.05 13.54
CA THR A 23 -13.55 -8.48 14.30
C THR A 23 -13.24 -7.06 13.83
N ALA A 24 -12.44 -6.36 14.63
CA ALA A 24 -12.05 -4.98 14.38
C ALA A 24 -10.71 -4.85 13.66
N SER A 25 -9.72 -5.65 14.06
CA SER A 25 -8.36 -5.58 13.52
C SER A 25 -7.76 -4.18 13.66
N GLY A 26 -7.79 -3.41 12.57
CA GLY A 26 -7.24 -2.07 12.59
C GLY A 26 -8.16 -0.96 13.04
N PHE A 27 -9.44 -1.25 13.28
CA PHE A 27 -10.36 -0.21 13.71
C PHE A 27 -10.61 -0.22 15.22
N ASN A 28 -9.55 -0.08 16.02
CA ASN A 28 -9.71 0.01 17.46
C ASN A 28 -10.33 1.33 17.91
N ILE A 29 -10.54 2.27 16.99
CA ILE A 29 -11.12 3.56 17.36
C ILE A 29 -12.59 3.37 17.70
N LYS A 30 -13.16 4.39 18.35
CA LYS A 30 -14.54 4.35 18.81
C LYS A 30 -15.45 5.26 18.00
N ASP A 31 -14.94 5.91 16.96
CA ASP A 31 -15.72 6.81 16.13
C ASP A 31 -16.36 6.13 14.93
N THR A 32 -16.09 4.84 14.73
CA THR A 32 -16.64 4.12 13.59
C THR A 32 -18.10 3.74 13.84
N TYR A 33 -18.87 3.69 12.76
CA TYR A 33 -20.28 3.33 12.80
C TYR A 33 -20.48 2.14 11.86
N ILE A 34 -20.50 0.94 12.41
CA ILE A 34 -20.66 -0.29 11.64
C ILE A 34 -22.14 -0.59 11.49
N TYR A 35 -22.55 -1.00 10.30
CA TYR A 35 -23.93 -1.37 9.99
C TYR A 35 -24.02 -2.85 9.67
N TRP A 36 -25.25 -3.36 9.73
CA TRP A 36 -25.54 -4.76 9.41
C TRP A 36 -26.33 -4.84 8.11
N VAL A 37 -25.99 -5.81 7.27
CA VAL A 37 -26.48 -5.89 5.90
C VAL A 37 -26.74 -7.34 5.54
N ARG A 38 -27.88 -7.61 4.92
CA ARG A 38 -28.25 -8.93 4.43
C ARG A 38 -28.25 -8.94 2.90
N GLN A 39 -27.95 -10.10 2.33
CA GLN A 39 -27.97 -10.26 0.87
C GLN A 39 -28.41 -11.68 0.56
N ARG A 40 -29.69 -11.82 0.19
CA ARG A 40 -30.19 -13.12 -0.23
C ARG A 40 -29.62 -13.48 -1.60
N PRO A 41 -29.49 -14.77 -1.90
CA PRO A 41 -28.96 -15.17 -3.21
C PRO A 41 -29.84 -14.74 -4.38
N GLU A 42 -31.03 -14.20 -4.12
CA GLU A 42 -31.89 -13.67 -5.16
C GLU A 42 -31.60 -12.21 -5.49
N GLN A 43 -30.37 -11.75 -5.21
CA GLN A 43 -29.94 -10.39 -5.49
C GLN A 43 -30.88 -9.37 -4.83
N GLY A 44 -30.85 -9.39 -3.50
CA GLY A 44 -31.65 -8.48 -2.71
C GLY A 44 -30.98 -8.11 -1.40
N LEU A 45 -30.66 -6.83 -1.23
CA LEU A 45 -29.93 -6.35 -0.07
C LEU A 45 -30.84 -5.50 0.80
N GLU A 46 -30.46 -5.36 2.06
CA GLU A 46 -31.26 -4.60 3.02
C GLU A 46 -30.36 -4.01 4.09
N TRP A 47 -30.88 -2.99 4.77
CA TRP A 47 -30.19 -2.33 5.87
C TRP A 47 -30.77 -2.87 7.18
N ILE A 48 -29.99 -3.69 7.88
CA ILE A 48 -30.49 -4.30 9.11
C ILE A 48 -30.44 -3.29 10.26
N GLY A 49 -29.39 -2.50 10.33
CA GLY A 49 -29.25 -1.53 11.40
C GLY A 49 -27.83 -0.99 11.46
N ARG A 50 -27.45 -0.52 12.64
CA ARG A 50 -26.12 0.03 12.87
C ARG A 50 -25.87 0.06 14.37
N ILE A 51 -24.70 0.54 14.76
CA ILE A 51 -24.34 0.64 16.16
C ILE A 51 -23.22 1.67 16.31
N ASP A 52 -23.26 2.41 17.41
CA ASP A 52 -22.24 3.40 17.74
C ASP A 52 -21.52 2.95 19.01
N PRO A 53 -20.20 2.65 18.93
CA PRO A 53 -19.45 2.29 20.13
C PRO A 53 -19.75 3.16 21.35
N ALA A 54 -19.95 4.45 21.10
CA ALA A 54 -20.45 5.38 22.12
C ALA A 54 -21.94 5.57 21.87
N ASN A 55 -22.76 4.96 22.72
CA ASN A 55 -24.21 5.07 22.64
C ASN A 55 -24.74 4.67 21.28
N GLY A 56 -24.82 3.37 21.02
CA GLY A 56 -25.39 2.89 19.77
C GLY A 56 -26.89 2.79 19.81
N ASN A 57 -27.58 3.93 19.64
CA ASN A 57 -29.03 3.96 19.72
C ASN A 57 -29.70 3.09 18.67
N THR A 58 -29.01 2.77 17.58
CA THR A 58 -29.56 1.92 16.54
C THR A 58 -29.46 0.45 16.95
N LYS A 59 -30.51 -0.31 16.67
CA LYS A 59 -30.52 -1.73 17.02
C LYS A 59 -31.52 -2.49 16.16
N TYR A 60 -32.33 -1.77 15.39
CA TYR A 60 -33.41 -2.39 14.64
C TYR A 60 -33.61 -1.65 13.33
N ASP A 61 -34.60 -2.13 12.57
CA ASP A 61 -35.02 -1.60 11.29
C ASP A 61 -36.45 -2.07 11.06
N PRO A 62 -37.36 -1.19 10.67
CA PRO A 62 -38.74 -1.61 10.41
C PRO A 62 -38.80 -2.81 9.48
N LYS A 63 -39.83 -3.64 9.69
CA LYS A 63 -40.06 -4.93 9.02
C LYS A 63 -39.09 -5.99 9.52
N VAL A 64 -38.15 -5.61 10.38
CA VAL A 64 -37.19 -6.55 10.95
C VAL A 64 -37.21 -6.57 12.47
N GLN A 65 -37.88 -5.62 13.12
CA GLN A 65 -37.84 -5.50 14.56
C GLN A 65 -38.32 -6.78 15.24
N GLY A 66 -37.49 -7.30 16.15
CA GLY A 66 -37.75 -8.53 16.84
C GLY A 66 -37.00 -9.73 16.29
N LYS A 67 -36.47 -9.62 15.08
CA LYS A 67 -35.78 -10.74 14.43
C LYS A 67 -34.27 -10.73 14.69
N ALA A 68 -33.70 -9.58 15.05
CA ALA A 68 -32.27 -9.49 15.26
C ALA A 68 -31.99 -8.43 16.32
N THR A 69 -30.75 -8.44 16.83
CA THR A 69 -30.33 -7.48 17.84
C THR A 69 -28.80 -7.44 17.85
N ILE A 70 -28.24 -6.26 17.64
CA ILE A 70 -26.80 -6.07 17.58
C ILE A 70 -26.28 -5.71 18.96
N THR A 71 -25.06 -6.14 19.25
CA THR A 71 -24.36 -5.73 20.47
C THR A 71 -22.86 -5.75 20.19
N ALA A 72 -22.10 -5.17 21.10
CA ALA A 72 -20.68 -4.93 20.90
C ALA A 72 -19.84 -5.59 21.99
N ASP A 73 -18.52 -5.60 21.77
CA ASP A 73 -17.56 -6.22 22.66
C ASP A 73 -16.49 -5.20 23.03
N THR A 74 -16.00 -5.30 24.26
CA THR A 74 -14.98 -4.40 24.77
C THR A 74 -13.58 -5.00 24.80
N SER A 75 -13.45 -6.31 24.57
CA SER A 75 -12.14 -6.94 24.64
C SER A 75 -11.39 -6.78 23.33
N SER A 76 -12.04 -7.08 22.21
CA SER A 76 -11.43 -6.92 20.90
C SER A 76 -12.28 -6.06 19.97
N ASN A 77 -13.27 -5.34 20.49
CA ASN A 77 -14.10 -4.43 19.71
C ASN A 77 -14.77 -5.16 18.55
N THR A 78 -15.46 -6.25 18.88
CA THR A 78 -16.12 -7.10 17.90
C THR A 78 -17.63 -6.98 18.07
N ALA A 79 -18.29 -6.45 17.05
CA ALA A 79 -19.75 -6.29 17.09
C ALA A 79 -20.44 -7.62 16.89
N TYR A 80 -21.35 -7.95 17.79
CA TYR A 80 -22.07 -9.22 17.75
C TYR A 80 -23.46 -9.01 17.17
N LEU A 81 -23.89 -9.96 16.34
CA LEU A 81 -25.17 -9.89 15.63
C LEU A 81 -26.01 -11.09 16.04
N GLN A 82 -26.89 -10.90 17.02
CA GLN A 82 -27.74 -11.97 17.51
C GLN A 82 -28.95 -12.14 16.59
N LEU A 83 -29.20 -13.37 16.17
CA LEU A 83 -30.32 -13.69 15.28
C LEU A 83 -31.00 -14.95 15.78
N SER A 84 -32.27 -14.84 16.16
CA SER A 84 -33.06 -15.95 16.68
C SER A 84 -34.33 -16.09 15.86
N SER A 85 -35.11 -17.14 16.16
CA SER A 85 -36.34 -17.46 15.45
C SER A 85 -36.11 -17.53 13.95
N LEU A 86 -35.00 -18.16 13.57
CA LEU A 86 -34.52 -18.12 12.20
C LEU A 86 -35.39 -18.96 11.28
N THR A 87 -35.71 -18.41 10.12
CA THR A 87 -36.46 -19.11 9.07
C THR A 87 -35.63 -19.15 7.80
N PHE A 88 -36.21 -19.69 6.73
CA PHE A 88 -35.51 -19.74 5.46
C PHE A 88 -35.40 -18.38 4.81
N GLU A 89 -36.27 -17.42 5.16
CA GLU A 89 -36.14 -16.07 4.65
C GLU A 89 -34.89 -15.40 5.17
N ASP A 90 -34.40 -15.82 6.34
CA ASP A 90 -33.17 -15.27 6.90
C ASP A 90 -31.93 -15.74 6.15
N THR A 91 -32.06 -16.71 5.25
CA THR A 91 -30.91 -17.23 4.51
C THR A 91 -30.38 -16.16 3.57
N ALA A 92 -29.18 -15.67 3.85
CA ALA A 92 -28.59 -14.58 3.08
C ALA A 92 -27.11 -14.52 3.43
N VAL A 93 -26.40 -13.66 2.72
CA VAL A 93 -25.00 -13.35 3.02
C VAL A 93 -24.95 -12.01 3.73
N TYR A 94 -24.19 -11.95 4.82
CA TYR A 94 -24.15 -10.79 5.69
C TYR A 94 -22.76 -10.19 5.74
N TYR A 95 -22.68 -8.91 6.09
CA TYR A 95 -21.44 -8.16 5.98
C TYR A 95 -21.29 -7.19 7.14
N CYS A 96 -20.10 -6.59 7.22
CA CYS A 96 -19.76 -5.56 8.19
C CYS A 96 -18.77 -4.60 7.55
N ALA A 97 -18.93 -3.31 7.82
CA ALA A 97 -18.06 -2.30 7.24
C ALA A 97 -17.92 -1.12 8.20
N LEU A 98 -16.73 -0.51 8.23
CA LEU A 98 -16.44 0.60 9.11
C LEU A 98 -16.07 1.81 8.28
N GLU A 99 -16.93 2.83 8.28
CA GLU A 99 -16.70 4.06 7.51
C GLU A 99 -17.10 5.24 8.37
N HIS A 100 -16.11 5.95 8.90
CA HIS A 100 -16.32 7.20 9.63
C HIS A 100 -16.03 8.34 8.66
N GLY A 101 -17.09 8.87 8.05
CA GLY A 101 -16.92 9.90 7.02
C GLY A 101 -16.42 11.22 7.54
N TYR A 102 -16.63 11.51 8.82
CA TYR A 102 -16.20 12.76 9.42
C TYR A 102 -14.88 12.63 10.18
N TYR A 103 -14.14 11.53 9.94
CA TYR A 103 -12.82 11.35 10.54
C TYR A 103 -11.88 10.72 9.52
N ASP A 104 -12.38 9.74 8.78
CA ASP A 104 -11.62 8.99 7.79
C ASP A 104 -12.17 9.28 6.40
N VAL A 105 -11.54 8.68 5.39
CA VAL A 105 -11.92 8.90 4.00
C VAL A 105 -11.98 7.56 3.26
N MET A 106 -11.81 6.45 3.98
CA MET A 106 -11.89 5.13 3.39
C MET A 106 -12.62 4.19 4.35
N ASP A 107 -12.93 3.00 3.85
CA ASP A 107 -13.59 1.98 4.64
C ASP A 107 -13.08 0.62 4.20
N TYR A 108 -13.74 -0.43 4.67
CA TYR A 108 -13.41 -1.80 4.30
C TYR A 108 -14.61 -2.68 4.62
N TRP A 109 -14.76 -3.75 3.86
CA TRP A 109 -15.86 -4.69 4.02
C TRP A 109 -15.35 -6.02 4.56
N GLY A 110 -16.18 -6.66 5.38
CA GLY A 110 -15.83 -7.96 5.92
C GLY A 110 -15.83 -9.03 4.86
N GLN A 111 -15.18 -10.16 5.19
CA GLN A 111 -15.11 -11.28 4.26
C GLN A 111 -16.50 -11.81 3.92
N GLY A 112 -17.42 -11.74 4.87
CA GLY A 112 -18.78 -12.23 4.65
C GLY A 112 -19.00 -13.52 5.42
N THR A 113 -20.19 -13.63 6.01
CA THR A 113 -20.60 -14.84 6.73
C THR A 113 -21.92 -15.30 6.16
N SER A 114 -21.95 -16.54 5.68
CA SER A 114 -23.13 -17.10 5.03
C SER A 114 -23.91 -17.97 6.02
N VAL A 115 -25.24 -17.87 5.97
CA VAL A 115 -26.12 -18.63 6.85
C VAL A 115 -27.00 -19.53 6.00
N THR A 116 -27.25 -20.74 6.51
CA THR A 116 -28.14 -21.69 5.86
C THR A 116 -29.14 -22.19 6.89
N VAL A 117 -30.41 -21.87 6.69
CA VAL A 117 -31.47 -22.31 7.58
C VAL A 117 -32.28 -23.39 6.88
N SER A 118 -31.85 -24.65 7.03
CA SER A 118 -32.53 -25.78 6.44
C SER A 118 -32.48 -26.95 7.41
N SER A 119 -33.34 -27.93 7.17
CA SER A 119 -33.44 -29.09 8.04
C SER A 119 -32.39 -30.15 7.75
N ALA A 120 -31.64 -30.02 6.67
CA ALA A 120 -30.64 -31.04 6.33
C ALA A 120 -29.37 -30.86 7.17
N SER A 121 -28.57 -31.91 7.20
CA SER A 121 -27.33 -31.94 7.97
C SER A 121 -26.15 -31.60 7.07
N THR A 122 -25.01 -31.34 7.71
CA THR A 122 -23.79 -31.02 6.99
C THR A 122 -23.34 -32.21 6.15
N LYS A 123 -22.53 -31.93 5.13
CA LYS A 123 -22.11 -32.96 4.19
C LYS A 123 -20.87 -32.49 3.47
N GLY A 124 -19.76 -33.19 3.69
CA GLY A 124 -18.53 -32.90 2.97
C GLY A 124 -18.63 -33.33 1.52
N PRO A 125 -18.08 -32.52 0.63
CA PRO A 125 -18.20 -32.80 -0.80
C PRO A 125 -17.27 -33.91 -1.26
N SER A 126 -17.42 -34.28 -2.52
CA SER A 126 -16.60 -35.30 -3.17
C SER A 126 -15.76 -34.65 -4.25
N VAL A 127 -14.46 -34.93 -4.24
CA VAL A 127 -13.48 -34.25 -5.10
C VAL A 127 -12.93 -35.27 -6.07
N PHE A 128 -13.41 -35.23 -7.31
CA PHE A 128 -12.92 -36.09 -8.37
C PHE A 128 -12.10 -35.27 -9.35
N PRO A 129 -10.84 -35.63 -9.61
CA PRO A 129 -10.00 -34.80 -10.49
C PRO A 129 -10.43 -34.85 -11.95
N LEU A 130 -9.78 -34.05 -12.79
CA LEU A 130 -10.06 -33.99 -14.23
C LEU A 130 -8.71 -34.08 -14.95
N ALA A 131 -8.33 -35.30 -15.33
CA ALA A 131 -7.03 -35.52 -15.93
C ALA A 131 -7.00 -34.95 -17.35
N PRO A 132 -5.90 -34.31 -17.75
CA PRO A 132 -5.79 -33.77 -19.12
C PRO A 132 -5.53 -34.90 -20.11
N SER A 133 -6.46 -35.09 -21.04
CA SER A 133 -6.34 -36.12 -22.06
C SER A 133 -5.41 -35.66 -23.17
N SER A 134 -5.21 -36.52 -24.16
CA SER A 134 -4.54 -36.10 -25.39
C SER A 134 -5.39 -35.13 -26.20
N LYS A 135 -6.71 -35.18 -26.02
CA LYS A 135 -7.63 -34.26 -26.68
C LYS A 135 -7.88 -33.01 -25.85
N SER A 136 -7.38 -32.94 -24.63
CA SER A 136 -7.47 -31.73 -23.81
C SER A 136 -6.40 -30.71 -24.17
N THR A 137 -5.56 -30.99 -25.15
CA THR A 137 -4.58 -30.04 -25.66
C THR A 137 -5.12 -29.41 -26.92
N SER A 138 -5.10 -28.08 -26.98
CA SER A 138 -5.53 -27.33 -28.16
C SER A 138 -4.41 -26.35 -28.50
N GLY A 139 -3.62 -26.70 -29.51
CA GLY A 139 -2.50 -25.87 -29.92
C GLY A 139 -1.36 -25.85 -28.93
N GLY A 140 -0.81 -27.03 -28.64
CA GLY A 140 0.34 -27.14 -27.75
C GLY A 140 0.06 -26.69 -26.33
N THR A 141 -1.21 -26.42 -26.02
CA THR A 141 -1.61 -25.92 -24.71
C THR A 141 -2.84 -26.69 -24.26
N ALA A 142 -2.79 -27.22 -23.04
CA ALA A 142 -3.84 -28.08 -22.52
C ALA A 142 -4.64 -27.36 -21.43
N ALA A 143 -5.45 -28.12 -20.71
CA ALA A 143 -6.28 -27.60 -19.63
C ALA A 143 -6.63 -28.73 -18.69
N LEU A 144 -6.91 -28.40 -17.44
CA LEU A 144 -7.19 -29.39 -16.42
C LEU A 144 -8.10 -28.75 -15.36
N GLY A 145 -8.37 -29.51 -14.29
CA GLY A 145 -9.20 -29.01 -13.21
C GLY A 145 -9.57 -30.09 -12.24
N CYS A 146 -10.78 -29.98 -11.69
CA CYS A 146 -11.31 -30.94 -10.74
C CYS A 146 -12.78 -30.62 -10.52
N LEU A 147 -13.51 -31.58 -9.97
CA LEU A 147 -14.94 -31.45 -9.73
C LEU A 147 -15.24 -31.71 -8.26
N VAL A 148 -16.08 -30.86 -7.68
CA VAL A 148 -16.55 -31.02 -6.31
C VAL A 148 -18.04 -31.32 -6.37
N LYS A 149 -18.43 -32.48 -5.85
CA LYS A 149 -19.80 -32.95 -5.91
C LYS A 149 -20.33 -33.18 -4.50
N ASP A 150 -21.62 -32.84 -4.31
CA ASP A 150 -22.37 -33.25 -3.13
C ASP A 150 -21.89 -32.59 -1.86
N TYR A 151 -22.08 -31.28 -1.76
CA TYR A 151 -21.89 -30.53 -0.52
C TYR A 151 -23.18 -29.77 -0.22
N PHE A 152 -23.73 -29.98 0.99
CA PHE A 152 -24.98 -29.31 1.31
C PHE A 152 -24.78 -27.81 1.58
N PRO A 153 -23.92 -27.39 2.53
CA PRO A 153 -23.72 -25.95 2.70
C PRO A 153 -23.04 -25.37 1.46
N GLU A 154 -23.59 -24.26 0.97
CA GLU A 154 -23.15 -23.61 -0.26
C GLU A 154 -21.70 -23.13 -0.23
N PRO A 155 -21.20 -22.54 0.89
CA PRO A 155 -19.82 -22.02 0.88
C PRO A 155 -18.76 -23.11 0.75
N VAL A 156 -18.18 -23.24 -0.45
CA VAL A 156 -17.04 -24.10 -0.68
C VAL A 156 -15.96 -23.28 -1.37
N THR A 157 -14.75 -23.28 -0.79
CA THR A 157 -13.66 -22.42 -1.24
C THR A 157 -12.61 -23.30 -1.93
N VAL A 158 -12.52 -23.20 -3.24
CA VAL A 158 -11.56 -23.99 -4.02
C VAL A 158 -10.30 -23.16 -4.20
N SER A 159 -9.24 -23.54 -3.50
CA SER A 159 -7.94 -22.93 -3.73
C SER A 159 -7.13 -23.83 -4.66
N TRP A 160 -6.02 -23.28 -5.17
CA TRP A 160 -5.16 -24.00 -6.09
C TRP A 160 -3.71 -23.73 -5.73
N ASN A 161 -2.94 -24.79 -5.52
CA ASN A 161 -1.53 -24.69 -5.13
C ASN A 161 -1.37 -23.79 -3.91
N SER A 162 -2.34 -23.87 -3.00
CA SER A 162 -2.33 -23.15 -1.73
C SER A 162 -2.31 -21.63 -1.97
N GLY A 163 -3.39 -21.16 -2.60
CA GLY A 163 -3.58 -19.73 -2.81
C GLY A 163 -2.48 -19.06 -3.60
N ALA A 164 -1.82 -19.79 -4.50
CA ALA A 164 -0.73 -19.24 -5.29
C ALA A 164 -1.05 -19.15 -6.76
N LEU A 165 -2.13 -19.78 -7.23
CA LEU A 165 -2.49 -19.80 -8.64
C LEU A 165 -3.76 -18.99 -8.85
N THR A 166 -3.83 -18.26 -9.96
CA THR A 166 -4.99 -17.46 -10.29
C THR A 166 -5.15 -17.30 -11.79
N SER A 167 -4.09 -17.63 -12.55
CA SER A 167 -4.12 -17.43 -14.00
C SER A 167 -5.11 -18.39 -14.66
N GLY A 168 -5.94 -17.85 -15.54
CA GLY A 168 -6.87 -18.67 -16.31
C GLY A 168 -7.88 -19.42 -15.48
N VAL A 169 -8.09 -19.01 -14.24
CA VAL A 169 -8.97 -19.71 -13.31
C VAL A 169 -10.42 -19.41 -13.66
N HIS A 170 -11.26 -20.45 -13.61
CA HIS A 170 -12.70 -20.33 -13.82
C HIS A 170 -13.39 -21.24 -12.82
N THR A 171 -13.87 -20.65 -11.72
CA THR A 171 -14.65 -21.38 -10.72
C THR A 171 -16.13 -21.22 -11.04
N PHE A 172 -16.82 -22.32 -11.20
CA PHE A 172 -18.19 -22.31 -11.67
C PHE A 172 -19.18 -22.17 -10.52
N PRO A 173 -20.33 -21.55 -10.78
CA PRO A 173 -21.37 -21.45 -9.76
C PRO A 173 -21.90 -22.82 -9.36
N ALA A 174 -22.47 -22.87 -8.17
CA ALA A 174 -22.97 -24.10 -7.57
C ALA A 174 -24.28 -24.49 -8.24
N VAL A 175 -24.22 -25.41 -9.19
CA VAL A 175 -25.42 -25.94 -9.83
C VAL A 175 -25.94 -27.09 -9.00
N LEU A 176 -27.26 -27.09 -8.75
CA LEU A 176 -27.89 -28.12 -7.96
C LEU A 176 -28.18 -29.35 -8.81
N GLN A 177 -28.08 -30.52 -8.20
CA GLN A 177 -28.43 -31.77 -8.87
C GLN A 177 -29.85 -32.18 -8.52
N SER A 178 -30.34 -33.19 -9.24
CA SER A 178 -31.59 -33.82 -8.86
C SER A 178 -31.51 -34.45 -7.48
N SER A 179 -30.32 -34.84 -7.04
CA SER A 179 -30.08 -35.29 -5.68
C SER A 179 -30.29 -34.19 -4.63
N GLY A 180 -30.68 -32.98 -5.03
CA GLY A 180 -30.79 -31.92 -4.05
C GLY A 180 -29.46 -31.41 -3.54
N LEU A 181 -28.36 -31.73 -4.22
CA LEU A 181 -27.03 -31.36 -3.79
C LEU A 181 -26.36 -30.50 -4.84
N TYR A 182 -25.32 -29.80 -4.41
CA TYR A 182 -24.57 -28.89 -5.25
C TYR A 182 -23.36 -29.59 -5.85
N SER A 183 -22.94 -29.10 -7.02
CA SER A 183 -21.71 -29.54 -7.65
C SER A 183 -21.13 -28.40 -8.46
N LEU A 184 -19.80 -28.31 -8.48
CA LEU A 184 -19.14 -27.30 -9.28
C LEU A 184 -17.81 -27.84 -9.75
N SER A 185 -17.21 -27.15 -10.72
CA SER A 185 -15.93 -27.54 -11.26
C SER A 185 -15.00 -26.33 -11.27
N SER A 186 -13.74 -26.55 -10.89
CA SER A 186 -12.72 -25.51 -10.85
C SER A 186 -11.61 -25.90 -11.83
N VAL A 187 -11.56 -25.21 -12.96
CA VAL A 187 -10.65 -25.57 -14.04
C VAL A 187 -9.59 -24.49 -14.22
N VAL A 188 -8.57 -24.80 -15.01
CA VAL A 188 -7.45 -23.89 -15.27
C VAL A 188 -6.67 -24.38 -16.48
N THR A 189 -6.24 -23.46 -17.34
CA THR A 189 -5.50 -23.80 -18.54
C THR A 189 -4.00 -23.69 -18.30
N VAL A 190 -3.24 -24.62 -18.88
CA VAL A 190 -1.81 -24.73 -18.63
C VAL A 190 -1.10 -25.16 -19.91
N PRO A 191 0.20 -24.94 -20.04
CA PRO A 191 0.92 -25.41 -21.23
C PRO A 191 1.13 -26.91 -21.21
N SER A 192 1.06 -27.53 -22.40
CA SER A 192 1.31 -28.95 -22.52
C SER A 192 2.75 -29.32 -22.13
N SER A 193 3.68 -28.37 -22.16
CA SER A 193 5.05 -28.64 -21.77
C SER A 193 5.20 -28.88 -20.27
N SER A 194 4.21 -28.48 -19.47
CA SER A 194 4.25 -28.69 -18.03
C SER A 194 4.04 -30.14 -17.64
N LEU A 195 3.88 -31.04 -18.61
CA LEU A 195 3.77 -32.47 -18.33
C LEU A 195 5.01 -33.04 -17.67
N GLY A 196 6.13 -32.33 -17.69
CA GLY A 196 7.32 -32.78 -17.00
C GLY A 196 7.27 -32.56 -15.50
N THR A 197 6.28 -33.19 -14.84
CA THR A 197 6.17 -33.22 -13.38
C THR A 197 5.90 -31.84 -12.77
N GLN A 198 5.18 -30.98 -13.49
CA GLN A 198 4.66 -29.73 -12.93
C GLN A 198 3.35 -30.05 -12.23
N THR A 199 3.36 -30.04 -10.90
CA THR A 199 2.24 -30.54 -10.10
C THR A 199 1.30 -29.41 -9.70
N TYR A 200 0.00 -29.68 -9.82
CA TYR A 200 -1.04 -28.73 -9.43
C TYR A 200 -2.04 -29.43 -8.53
N ILE A 201 -2.62 -28.66 -7.61
CA ILE A 201 -3.49 -29.21 -6.57
C ILE A 201 -4.72 -28.34 -6.44
N CYS A 202 -5.88 -28.98 -6.24
CA CYS A 202 -7.12 -28.31 -5.90
C CYS A 202 -7.19 -28.21 -4.38
N ASN A 203 -6.72 -27.07 -3.84
CA ASN A 203 -6.69 -26.87 -2.39
C ASN A 203 -8.08 -26.43 -1.89
N VAL A 204 -9.08 -27.25 -2.21
CA VAL A 204 -10.45 -26.96 -1.84
C VAL A 204 -10.59 -27.01 -0.31
N ASN A 205 -11.54 -26.24 0.20
CA ASN A 205 -11.83 -26.20 1.63
C ASN A 205 -13.33 -26.06 1.83
N HIS A 206 -13.89 -26.89 2.71
CA HIS A 206 -15.30 -26.85 3.08
C HIS A 206 -15.35 -26.55 4.58
N LYS A 207 -15.38 -25.27 4.93
CA LYS A 207 -15.34 -24.87 6.33
C LYS A 207 -16.48 -25.44 7.19
N PRO A 208 -17.75 -25.51 6.73
CA PRO A 208 -18.82 -26.04 7.61
C PRO A 208 -18.57 -27.48 8.05
N SER A 209 -18.46 -28.39 7.09
CA SER A 209 -18.22 -29.80 7.41
C SER A 209 -16.81 -30.08 7.88
N ASN A 210 -16.02 -29.03 8.12
CA ASN A 210 -14.60 -29.18 8.47
C ASN A 210 -13.89 -30.12 7.50
N THR A 211 -14.20 -29.95 6.21
CA THR A 211 -13.72 -30.83 5.14
C THR A 211 -12.66 -30.07 4.35
N LYS A 212 -11.39 -30.43 4.57
CA LYS A 212 -10.26 -29.77 3.94
C LYS A 212 -9.40 -30.82 3.23
N VAL A 213 -9.51 -30.88 1.91
CA VAL A 213 -8.71 -31.79 1.09
C VAL A 213 -8.05 -30.99 -0.02
N ASP A 214 -6.76 -31.22 -0.23
CA ASP A 214 -5.99 -30.57 -1.28
C ASP A 214 -5.58 -31.66 -2.28
N LYS A 215 -6.46 -31.92 -3.24
CA LYS A 215 -6.29 -33.04 -4.16
C LYS A 215 -5.43 -32.64 -5.35
N ARG A 216 -4.41 -33.45 -5.63
CA ARG A 216 -3.55 -33.25 -6.79
C ARG A 216 -4.22 -33.79 -8.05
N VAL A 217 -3.77 -33.27 -9.19
CA VAL A 217 -4.27 -33.67 -10.49
C VAL A 217 -3.11 -34.25 -11.29
N GLU A 218 -3.37 -35.35 -12.01
CA GLU A 218 -2.36 -36.02 -12.81
C GLU A 218 -3.02 -36.56 -14.08
N PRO A 219 -2.32 -36.56 -15.21
CA PRO A 219 -2.91 -37.11 -16.43
C PRO A 219 -3.00 -38.62 -16.38
N LYS A 220 -4.19 -39.14 -16.67
CA LYS A 220 -4.44 -40.59 -16.69
C LYS A 220 -4.03 -41.26 -15.38
N ASP B 1 -42.03 5.29 5.13
CA ASP B 1 -41.12 4.29 4.57
C ASP B 1 -40.59 4.72 3.22
N ILE B 2 -39.33 5.18 3.20
CA ILE B 2 -38.71 5.64 1.97
C ILE B 2 -38.39 4.45 1.07
N VAL B 3 -38.71 4.58 -0.21
CA VAL B 3 -38.43 3.56 -1.21
C VAL B 3 -37.52 4.17 -2.27
N MET B 4 -37.08 3.32 -3.20
CA MET B 4 -36.21 3.74 -4.29
C MET B 4 -36.33 2.72 -5.41
N THR B 5 -35.71 3.02 -6.54
CA THR B 5 -35.75 2.13 -7.70
C THR B 5 -34.57 2.42 -8.60
N GLN B 6 -34.25 1.44 -9.45
CA GLN B 6 -33.32 1.65 -10.55
C GLN B 6 -34.03 1.83 -11.88
N SER B 7 -35.30 1.41 -11.97
CA SER B 7 -36.10 1.45 -13.20
C SER B 7 -35.43 0.72 -14.35
N GLN B 8 -34.44 -0.11 -14.07
CA GLN B 8 -33.74 -0.89 -15.08
C GLN B 8 -33.28 -2.18 -14.42
N LYS B 9 -33.77 -3.30 -14.94
CA LYS B 9 -33.41 -4.59 -14.37
C LYS B 9 -32.02 -5.02 -14.80
N PHE B 10 -31.72 -4.90 -16.10
CA PHE B 10 -30.42 -5.27 -16.64
C PHE B 10 -29.96 -4.21 -17.64
N MET B 11 -28.65 -4.07 -17.76
CA MET B 11 -28.07 -3.07 -18.65
C MET B 11 -26.95 -3.70 -19.46
N SER B 12 -26.85 -3.28 -20.72
CA SER B 12 -25.84 -3.78 -21.63
C SER B 12 -25.27 -2.61 -22.42
N THR B 13 -23.96 -2.43 -22.36
CA THR B 13 -23.27 -1.36 -23.07
C THR B 13 -22.09 -1.93 -23.84
N SER B 14 -21.50 -1.09 -24.69
CA SER B 14 -20.35 -1.49 -25.48
C SER B 14 -19.08 -1.40 -24.64
N VAL B 15 -17.94 -1.63 -25.29
CA VAL B 15 -16.69 -1.72 -24.55
C VAL B 15 -16.19 -0.33 -24.14
N GLY B 16 -16.50 0.71 -24.90
CA GLY B 16 -15.92 2.01 -24.63
C GLY B 16 -16.92 3.12 -24.35
N ASP B 17 -18.14 2.97 -24.85
CA ASP B 17 -19.11 4.06 -24.74
C ASP B 17 -19.51 4.29 -23.29
N ARG B 18 -20.11 5.45 -23.05
CA ARG B 18 -20.60 5.76 -21.71
C ARG B 18 -21.99 5.16 -21.51
N VAL B 19 -22.39 5.10 -20.24
CA VAL B 19 -23.69 4.54 -19.87
C VAL B 19 -24.18 5.26 -18.62
N SER B 20 -25.43 5.71 -18.65
CA SER B 20 -26.02 6.52 -17.58
C SER B 20 -27.07 5.69 -16.84
N VAL B 21 -26.79 5.37 -15.58
CA VAL B 21 -27.68 4.57 -14.75
C VAL B 21 -28.57 5.51 -13.95
N THR B 22 -29.87 5.19 -13.90
CA THR B 22 -30.83 6.00 -13.16
C THR B 22 -31.16 5.36 -11.82
N CYS B 23 -31.55 6.19 -10.87
CA CYS B 23 -32.06 5.72 -9.58
C CYS B 23 -33.04 6.76 -9.06
N LYS B 24 -34.28 6.33 -8.80
CA LYS B 24 -35.34 7.23 -8.36
C LYS B 24 -35.82 6.81 -6.98
N ALA B 25 -36.71 7.61 -6.40
CA ALA B 25 -37.19 7.38 -5.04
C ALA B 25 -38.54 8.07 -4.87
N SER B 26 -39.01 8.13 -3.62
CA SER B 26 -40.30 8.73 -3.29
C SER B 26 -40.19 9.99 -2.46
N GLN B 27 -39.01 10.32 -1.93
CA GLN B 27 -38.83 11.53 -1.13
C GLN B 27 -37.93 12.53 -1.84
N ASN B 28 -37.02 13.16 -1.08
CA ASN B 28 -36.11 14.15 -1.62
C ASN B 28 -34.95 14.39 -0.67
N VAL B 29 -33.73 14.19 -1.17
CA VAL B 29 -32.51 14.38 -0.39
C VAL B 29 -31.36 14.68 -1.33
N ASP B 30 -30.35 15.38 -0.80
CA ASP B 30 -29.20 15.81 -1.59
C ASP B 30 -27.93 15.66 -0.77
N THR B 31 -26.83 15.45 -1.48
CA THR B 31 -25.50 15.33 -0.87
C THR B 31 -25.50 14.28 0.24
N ASN B 32 -26.33 13.24 0.07
CA ASN B 32 -26.45 12.13 1.01
C ASN B 32 -26.44 10.75 0.37
N VAL B 33 -26.80 10.62 -0.91
CA VAL B 33 -26.92 9.31 -1.54
C VAL B 33 -25.54 8.79 -1.90
N ALA B 34 -25.26 7.53 -1.54
CA ALA B 34 -24.04 6.84 -1.93
C ALA B 34 -24.38 5.71 -2.89
N TRP B 35 -23.34 5.12 -3.47
CA TRP B 35 -23.50 4.00 -4.39
C TRP B 35 -22.44 2.95 -4.08
N TYR B 36 -22.69 1.73 -4.55
CA TYR B 36 -21.81 0.61 -4.26
C TYR B 36 -21.72 -0.29 -5.48
N GLN B 37 -20.67 -1.10 -5.51
CA GLN B 37 -20.50 -2.12 -6.54
C GLN B 37 -20.28 -3.46 -5.87
N LYS B 38 -21.18 -4.41 -6.13
CA LYS B 38 -20.97 -5.78 -5.70
C LYS B 38 -20.18 -6.50 -6.79
N LYS B 39 -18.87 -6.58 -6.60
CA LYS B 39 -18.04 -7.26 -7.59
C LYS B 39 -18.45 -8.73 -7.66
N PRO B 40 -18.39 -9.35 -8.86
CA PRO B 40 -18.89 -10.72 -9.03
C PRO B 40 -18.31 -11.71 -8.03
N GLY B 41 -19.16 -12.21 -7.13
CA GLY B 41 -18.72 -13.05 -6.04
C GLY B 41 -17.89 -12.35 -4.99
N GLN B 42 -17.66 -11.04 -5.11
CA GLN B 42 -16.88 -10.30 -4.13
C GLN B 42 -17.75 -9.26 -3.43
N SER B 43 -17.26 -8.81 -2.27
CA SER B 43 -18.03 -7.93 -1.41
C SER B 43 -18.39 -6.64 -2.14
N PRO B 44 -19.43 -5.94 -1.69
CA PRO B 44 -19.72 -4.61 -2.23
C PRO B 44 -18.61 -3.64 -1.90
N LYS B 45 -18.49 -2.62 -2.74
CA LYS B 45 -17.42 -1.64 -2.67
C LYS B 45 -17.99 -0.24 -2.55
N ALA B 46 -17.33 0.61 -1.77
CA ALA B 46 -17.77 1.99 -1.56
C ALA B 46 -17.54 2.77 -2.84
N LEU B 47 -18.58 2.85 -3.67
CA LEU B 47 -18.42 3.43 -5.00
C LEU B 47 -18.51 4.96 -5.00
N ILE B 48 -19.27 5.54 -4.07
CA ILE B 48 -19.41 7.00 -4.03
C ILE B 48 -19.94 7.43 -2.66
N TYR B 49 -19.90 8.73 -2.39
CA TYR B 49 -20.57 9.31 -1.24
C TYR B 49 -21.22 10.60 -1.69
N SER B 50 -22.44 10.85 -1.21
CA SER B 50 -23.15 12.12 -1.45
C SER B 50 -23.19 12.48 -2.94
N ALA B 51 -22.99 11.49 -3.81
CA ALA B 51 -22.81 11.70 -5.25
C ALA B 51 -21.61 12.60 -5.52
N SER B 52 -20.51 12.31 -4.82
CA SER B 52 -19.30 13.12 -4.90
C SER B 52 -18.17 12.23 -5.33
N TYR B 53 -17.33 11.75 -4.40
CA TYR B 53 -16.16 10.94 -4.73
C TYR B 53 -16.16 9.62 -3.94
N ARG B 54 -15.03 8.92 -3.93
CA ARG B 54 -14.90 7.68 -3.18
C ARG B 54 -13.43 7.26 -3.17
N TYR B 55 -12.99 6.70 -2.06
CA TYR B 55 -11.60 6.32 -1.89
C TYR B 55 -11.16 5.33 -2.96
N SER B 56 -9.98 5.57 -3.53
CA SER B 56 -9.36 4.69 -4.52
C SER B 56 -10.29 4.42 -5.71
N GLY B 57 -11.25 5.31 -5.95
CA GLY B 57 -12.14 5.14 -7.06
C GLY B 57 -11.44 5.41 -8.39
N VAL B 58 -12.25 5.46 -9.44
CA VAL B 58 -11.77 5.85 -10.76
C VAL B 58 -11.43 7.33 -10.70
N PRO B 59 -10.63 7.87 -11.63
CA PRO B 59 -10.44 9.33 -11.69
C PRO B 59 -11.78 10.04 -11.77
N ASP B 60 -12.57 9.68 -12.78
CA ASP B 60 -13.92 10.21 -12.94
C ASP B 60 -14.64 9.40 -14.01
N ARG B 61 -14.17 8.18 -14.27
CA ARG B 61 -14.74 7.37 -15.34
C ARG B 61 -16.23 7.15 -15.12
N PHE B 62 -16.69 7.21 -13.88
CA PHE B 62 -18.09 7.15 -13.52
C PHE B 62 -18.48 8.45 -12.83
N THR B 63 -19.70 8.92 -13.11
CA THR B 63 -20.15 10.18 -12.53
C THR B 63 -21.66 10.27 -12.64
N GLY B 64 -22.30 10.75 -11.58
CA GLY B 64 -23.74 10.89 -11.59
C GLY B 64 -24.21 11.87 -10.55
N SER B 65 -25.46 12.30 -10.71
CA SER B 65 -26.05 13.29 -9.82
C SER B 65 -27.56 13.10 -9.82
N GLY B 66 -28.25 14.06 -9.20
CA GLY B 66 -29.70 14.01 -9.11
C GLY B 66 -30.19 13.93 -7.69
N SER B 67 -30.88 14.97 -7.24
CA SER B 67 -31.49 15.02 -5.91
C SER B 67 -33.00 15.09 -6.05
N GLY B 68 -33.69 14.93 -4.93
CA GLY B 68 -35.13 14.90 -4.99
C GLY B 68 -35.63 13.57 -5.55
N THR B 69 -36.71 13.65 -6.32
CA THR B 69 -37.32 12.46 -6.91
C THR B 69 -36.66 12.07 -8.23
N ASP B 70 -35.34 12.19 -8.34
CA ASP B 70 -34.63 11.88 -9.57
C ASP B 70 -33.14 11.81 -9.26
N PHE B 71 -32.43 10.96 -9.99
CA PHE B 71 -30.99 10.81 -9.86
C PHE B 71 -30.46 9.96 -11.00
N THR B 72 -29.15 10.02 -11.22
CA THR B 72 -28.52 9.24 -12.29
C THR B 72 -27.07 8.97 -11.94
N LEU B 73 -26.43 8.15 -12.78
CA LEU B 73 -25.00 7.85 -12.66
C LEU B 73 -24.51 7.41 -14.04
N THR B 74 -23.67 8.24 -14.65
CA THR B 74 -23.11 7.94 -15.97
C THR B 74 -21.67 7.47 -15.82
N ILE B 75 -21.31 6.47 -16.62
CA ILE B 75 -19.98 5.86 -16.53
C ILE B 75 -19.38 5.81 -17.92
N SER B 76 -18.32 6.60 -18.13
CA SER B 76 -17.59 6.56 -19.39
C SER B 76 -16.53 5.48 -19.32
N ASN B 77 -16.62 4.50 -20.23
CA ASN B 77 -15.64 3.40 -20.30
C ASN B 77 -14.37 3.93 -20.97
N VAL B 78 -13.55 4.59 -20.16
CA VAL B 78 -12.26 5.09 -20.66
C VAL B 78 -11.18 4.04 -20.51
N GLN B 79 -11.12 3.38 -19.35
CA GLN B 79 -10.24 2.24 -19.10
C GLN B 79 -11.01 1.22 -18.27
N SER B 80 -12.20 0.85 -18.76
CA SER B 80 -13.21 0.17 -17.95
C SER B 80 -13.43 -1.25 -18.48
N GLU B 81 -12.77 -2.22 -17.84
CA GLU B 81 -13.10 -3.63 -17.98
C GLU B 81 -14.16 -4.08 -16.99
N ASP B 82 -14.59 -3.17 -16.10
CA ASP B 82 -15.37 -3.55 -14.94
C ASP B 82 -16.75 -4.06 -15.34
N LEU B 83 -17.14 -5.19 -14.76
CA LEU B 83 -18.48 -5.77 -14.94
C LEU B 83 -18.97 -6.25 -13.58
N ALA B 84 -20.01 -5.61 -13.07
CA ALA B 84 -20.59 -5.97 -11.78
C ALA B 84 -21.97 -5.32 -11.70
N GLU B 85 -22.54 -5.33 -10.50
CA GLU B 85 -23.84 -4.71 -10.25
C GLU B 85 -23.68 -3.57 -9.26
N TYR B 86 -24.55 -2.58 -9.37
CA TYR B 86 -24.42 -1.32 -8.66
C TYR B 86 -25.75 -0.92 -8.03
N PHE B 87 -25.66 -0.28 -6.87
CA PHE B 87 -26.82 -0.03 -6.03
C PHE B 87 -26.75 1.36 -5.42
N CYS B 88 -27.92 1.95 -5.20
CA CYS B 88 -28.07 3.26 -4.57
C CYS B 88 -28.71 3.10 -3.20
N GLN B 89 -28.27 3.92 -2.24
CA GLN B 89 -28.77 3.87 -0.87
C GLN B 89 -29.35 5.23 -0.48
N GLN B 90 -30.39 5.18 0.34
CA GLN B 90 -30.97 6.40 0.93
C GLN B 90 -30.38 6.66 2.32
N TYR B 91 -29.07 6.79 2.36
CA TYR B 91 -28.34 7.01 3.61
C TYR B 91 -28.67 8.33 4.31
N ASN B 92 -29.65 9.11 3.82
CA ASN B 92 -29.93 10.39 4.46
C ASN B 92 -30.65 10.21 5.79
N SER B 93 -31.41 9.14 5.94
CA SER B 93 -32.17 8.89 7.17
C SER B 93 -32.60 7.43 7.16
N TYR B 94 -33.03 6.97 8.33
CA TYR B 94 -33.50 5.61 8.48
C TYR B 94 -34.74 5.39 7.61
N PRO B 95 -34.92 4.18 7.06
CA PRO B 95 -34.09 2.97 7.24
C PRO B 95 -32.85 2.91 6.36
N TYR B 96 -32.26 4.05 5.96
CA TYR B 96 -31.10 4.05 5.06
C TYR B 96 -31.35 3.14 3.86
N THR B 97 -32.55 3.24 3.28
CA THR B 97 -33.02 2.25 2.34
C THR B 97 -32.15 2.21 1.09
N PHE B 98 -32.21 1.08 0.38
CA PHE B 98 -31.41 0.80 -0.79
C PHE B 98 -32.30 0.82 -2.04
N GLY B 99 -31.88 0.10 -3.08
CA GLY B 99 -32.60 0.08 -4.35
C GLY B 99 -32.46 -1.26 -5.03
N GLY B 100 -33.09 -1.37 -6.21
CA GLY B 100 -33.12 -2.63 -6.92
C GLY B 100 -31.79 -3.00 -7.55
N GLY B 101 -31.00 -2.01 -7.94
CA GLY B 101 -29.73 -2.27 -8.57
C GLY B 101 -29.88 -2.79 -9.99
N THR B 102 -28.84 -2.64 -10.81
CA THR B 102 -28.91 -3.09 -12.19
C THR B 102 -27.61 -3.74 -12.61
N LYS B 103 -27.73 -4.86 -13.32
CA LYS B 103 -26.56 -5.57 -13.82
C LYS B 103 -26.01 -4.88 -15.06
N LEU B 104 -24.74 -5.18 -15.37
CA LEU B 104 -24.01 -4.55 -16.45
C LEU B 104 -23.52 -5.63 -17.41
N GLU B 105 -23.97 -5.57 -18.66
CA GLU B 105 -23.61 -6.54 -19.69
C GLU B 105 -22.67 -5.87 -20.70
N ILE B 106 -21.36 -6.04 -20.47
CA ILE B 106 -20.39 -5.55 -21.44
C ILE B 106 -20.55 -6.32 -22.74
N LYS B 107 -20.76 -5.60 -23.84
CA LYS B 107 -20.75 -6.23 -25.15
C LYS B 107 -19.31 -6.36 -25.64
N ARG B 108 -19.09 -7.36 -26.50
CA ARG B 108 -17.78 -7.54 -27.11
C ARG B 108 -17.95 -8.33 -28.40
N THR B 109 -16.81 -8.60 -29.06
CA THR B 109 -16.84 -9.39 -30.27
C THR B 109 -17.22 -10.83 -29.96
N VAL B 110 -17.75 -11.52 -30.99
CA VAL B 110 -17.97 -12.96 -30.86
C VAL B 110 -16.63 -13.65 -30.69
N ALA B 111 -16.59 -14.61 -29.77
CA ALA B 111 -15.39 -15.38 -29.51
C ALA B 111 -15.74 -16.87 -29.53
N ALA B 112 -14.94 -17.64 -30.24
CA ALA B 112 -15.15 -19.09 -30.29
C ALA B 112 -14.47 -19.74 -29.09
N PRO B 113 -15.06 -20.80 -28.55
CA PRO B 113 -14.48 -21.47 -27.38
C PRO B 113 -13.42 -22.49 -27.76
N SER B 114 -12.55 -22.77 -26.80
CA SER B 114 -11.60 -23.88 -26.89
C SER B 114 -12.14 -25.04 -26.07
N VAL B 115 -12.19 -26.22 -26.67
CA VAL B 115 -12.97 -27.34 -26.15
C VAL B 115 -12.02 -28.44 -25.67
N PHE B 116 -12.27 -28.95 -24.47
CA PHE B 116 -11.57 -30.11 -23.92
C PHE B 116 -12.57 -30.97 -23.16
N ILE B 117 -12.44 -32.28 -23.31
CA ILE B 117 -13.33 -33.23 -22.66
C ILE B 117 -12.52 -34.05 -21.65
N PHE B 118 -13.17 -34.45 -20.57
CA PHE B 118 -12.50 -35.11 -19.45
C PHE B 118 -13.28 -36.35 -19.03
N PRO B 119 -12.62 -37.50 -18.89
CA PRO B 119 -13.32 -38.70 -18.44
C PRO B 119 -13.48 -38.69 -16.93
N PRO B 120 -14.43 -39.44 -16.39
CA PRO B 120 -14.57 -39.53 -14.94
C PRO B 120 -13.29 -40.06 -14.30
N SER B 121 -12.96 -39.52 -13.13
CA SER B 121 -11.80 -40.00 -12.39
C SER B 121 -11.92 -41.50 -12.16
N ASP B 122 -10.80 -42.20 -12.30
CA ASP B 122 -10.78 -43.62 -11.93
C ASP B 122 -11.28 -43.82 -10.51
N GLU B 123 -11.09 -42.81 -9.66
CA GLU B 123 -11.63 -42.87 -8.30
C GLU B 123 -13.15 -42.86 -8.31
N GLN B 124 -13.77 -42.14 -9.25
CA GLN B 124 -15.23 -42.05 -9.26
C GLN B 124 -15.89 -43.38 -9.60
N LEU B 125 -15.16 -44.30 -10.24
CA LEU B 125 -15.72 -45.60 -10.57
C LEU B 125 -15.99 -46.44 -9.32
N LYS B 126 -15.25 -46.20 -8.24
CA LYS B 126 -15.44 -46.89 -6.97
C LYS B 126 -16.79 -46.58 -6.32
N SER B 127 -17.62 -45.72 -6.93
CA SER B 127 -18.94 -45.41 -6.40
C SER B 127 -20.07 -45.80 -7.35
N GLY B 128 -19.75 -46.43 -8.47
CA GLY B 128 -20.75 -46.77 -9.47
C GLY B 128 -21.27 -45.59 -10.27
N THR B 129 -20.80 -44.38 -9.99
CA THR B 129 -21.20 -43.19 -10.71
C THR B 129 -20.15 -42.81 -11.74
N ALA B 130 -20.58 -42.09 -12.78
CA ALA B 130 -19.69 -41.62 -13.83
C ALA B 130 -20.16 -40.25 -14.25
N SER B 131 -19.32 -39.23 -14.02
CA SER B 131 -19.64 -37.85 -14.38
C SER B 131 -18.69 -37.42 -15.49
N VAL B 132 -19.24 -37.21 -16.69
CA VAL B 132 -18.46 -36.76 -17.83
C VAL B 132 -18.75 -35.29 -18.06
N VAL B 133 -17.68 -34.49 -18.16
CA VAL B 133 -17.79 -33.04 -18.27
C VAL B 133 -17.25 -32.60 -19.63
N CYS B 134 -18.05 -31.81 -20.33
CA CYS B 134 -17.59 -31.07 -21.51
C CYS B 134 -17.37 -29.63 -21.09
N LEU B 135 -16.22 -29.07 -21.46
CA LEU B 135 -15.77 -27.78 -20.96
C LEU B 135 -15.66 -26.75 -22.09
N LEU B 136 -16.00 -25.51 -21.77
CA LEU B 136 -15.88 -24.39 -22.71
C LEU B 136 -15.13 -23.28 -22.00
N ASN B 137 -13.90 -23.00 -22.46
CA ASN B 137 -13.01 -22.14 -21.70
C ASN B 137 -13.36 -20.67 -21.88
N ASN B 138 -13.24 -20.15 -23.11
CA ASN B 138 -13.38 -18.73 -23.38
C ASN B 138 -14.19 -18.54 -24.65
N PHE B 139 -15.33 -17.88 -24.56
CA PHE B 139 -16.17 -17.65 -25.74
C PHE B 139 -17.15 -16.52 -25.46
N TYR B 140 -17.87 -16.13 -26.51
CA TYR B 140 -18.89 -15.08 -26.50
C TYR B 140 -19.72 -15.28 -27.75
N PRO B 141 -21.05 -15.09 -27.69
CA PRO B 141 -21.86 -14.62 -26.56
C PRO B 141 -22.34 -15.73 -25.63
N ARG B 142 -23.46 -15.45 -24.95
CA ARG B 142 -24.02 -16.38 -23.97
C ARG B 142 -24.82 -17.48 -24.65
N GLU B 143 -25.77 -17.12 -25.51
CA GLU B 143 -26.67 -18.11 -26.11
C GLU B 143 -25.89 -19.13 -26.94
N ALA B 144 -26.21 -20.40 -26.75
CA ALA B 144 -25.57 -21.50 -27.47
C ALA B 144 -26.39 -22.78 -27.34
N LYS B 145 -25.74 -23.92 -27.53
CA LYS B 145 -26.44 -25.21 -27.50
C LYS B 145 -25.41 -26.32 -27.46
N VAL B 146 -25.67 -27.33 -26.63
CA VAL B 146 -24.80 -28.49 -26.49
C VAL B 146 -25.64 -29.75 -26.73
N GLN B 147 -25.02 -30.75 -27.34
CA GLN B 147 -25.64 -32.05 -27.59
C GLN B 147 -24.66 -33.15 -27.21
N TRP B 148 -25.18 -34.20 -26.57
CA TRP B 148 -24.37 -35.34 -26.13
C TRP B 148 -24.66 -36.55 -27.00
N LYS B 149 -23.60 -37.28 -27.35
CA LYS B 149 -23.69 -38.46 -28.19
C LYS B 149 -22.79 -39.55 -27.64
N VAL B 150 -23.29 -40.78 -27.58
CA VAL B 150 -22.55 -41.93 -27.09
C VAL B 150 -22.72 -43.07 -28.08
N ASP B 151 -21.67 -43.37 -28.83
CA ASP B 151 -21.73 -44.38 -29.91
C ASP B 151 -22.96 -44.16 -30.78
N ASN B 152 -23.12 -42.91 -31.23
CA ASN B 152 -24.22 -42.43 -32.06
C ASN B 152 -25.48 -42.16 -31.25
N ALA B 153 -25.60 -42.76 -30.07
CA ALA B 153 -26.83 -42.61 -29.29
C ALA B 153 -26.90 -41.23 -28.66
N LEU B 154 -28.00 -40.53 -28.91
CA LEU B 154 -28.21 -39.21 -28.33
C LEU B 154 -28.51 -39.32 -26.84
N GLN B 155 -28.38 -38.19 -26.14
CA GLN B 155 -28.67 -38.12 -24.72
C GLN B 155 -29.52 -36.89 -24.43
N SER B 156 -30.46 -37.04 -23.50
CA SER B 156 -31.38 -35.97 -23.14
C SER B 156 -31.62 -36.00 -21.64
N GLY B 157 -31.72 -34.80 -21.05
CA GLY B 157 -32.05 -34.70 -19.64
C GLY B 157 -30.95 -35.10 -18.67
N ASN B 158 -30.17 -36.11 -19.05
CA ASN B 158 -29.08 -36.64 -18.22
C ASN B 158 -27.88 -35.72 -18.14
N SER B 159 -27.98 -34.47 -18.58
CA SER B 159 -26.86 -33.55 -18.59
C SER B 159 -27.27 -32.24 -17.94
N GLN B 160 -26.31 -31.59 -17.28
CA GLN B 160 -26.54 -30.31 -16.63
C GLN B 160 -25.39 -29.37 -16.93
N GLU B 161 -25.70 -28.08 -17.07
CA GLU B 161 -24.72 -27.07 -17.44
C GLU B 161 -24.59 -26.04 -16.33
N SER B 162 -23.36 -25.54 -16.14
CA SER B 162 -23.07 -24.50 -15.16
C SER B 162 -22.47 -23.31 -15.89
N VAL B 163 -23.09 -22.14 -15.70
CA VAL B 163 -22.69 -20.92 -16.42
C VAL B 163 -22.00 -19.99 -15.45
N THR B 164 -20.78 -19.58 -15.79
CA THR B 164 -20.02 -18.68 -14.94
C THR B 164 -20.48 -17.25 -15.12
N GLU B 165 -19.87 -16.36 -14.35
CA GLU B 165 -19.98 -14.92 -14.52
C GLU B 165 -19.05 -14.51 -15.66
N GLN B 166 -18.88 -13.21 -15.87
CA GLN B 166 -18.07 -12.69 -16.96
C GLN B 166 -16.68 -12.32 -16.45
N ASP B 167 -15.66 -12.69 -17.23
CA ASP B 167 -14.28 -12.46 -16.83
C ASP B 167 -13.93 -10.98 -16.86
N SER B 168 -13.05 -10.57 -15.95
CA SER B 168 -12.70 -9.16 -15.82
C SER B 168 -11.96 -8.66 -17.05
N LYS B 169 -10.88 -9.34 -17.43
CA LYS B 169 -10.09 -8.96 -18.60
C LYS B 169 -10.90 -9.18 -19.87
N ASP B 170 -10.66 -10.30 -20.54
CA ASP B 170 -11.50 -10.68 -21.66
C ASP B 170 -12.94 -10.84 -21.20
N SER B 171 -13.88 -10.44 -22.04
CA SER B 171 -15.30 -10.62 -21.74
C SER B 171 -15.79 -12.01 -22.10
N THR B 172 -14.87 -12.96 -22.28
CA THR B 172 -15.24 -14.30 -22.70
C THR B 172 -16.04 -15.01 -21.63
N TYR B 173 -16.83 -15.99 -22.07
CA TYR B 173 -17.67 -16.78 -21.19
C TYR B 173 -17.07 -18.16 -20.96
N SER B 174 -17.67 -18.89 -20.01
CA SER B 174 -17.20 -20.23 -19.67
C SER B 174 -18.37 -21.02 -19.10
N LEU B 175 -18.64 -22.19 -19.70
CA LEU B 175 -19.71 -23.07 -19.27
C LEU B 175 -19.16 -24.49 -19.10
N SER B 176 -19.79 -25.24 -18.20
CA SER B 176 -19.44 -26.64 -17.96
C SER B 176 -20.70 -27.48 -18.10
N SER B 177 -20.75 -28.31 -19.14
CA SER B 177 -21.85 -29.26 -19.32
C SER B 177 -21.47 -30.57 -18.65
N THR B 178 -22.34 -31.07 -17.78
CA THR B 178 -22.05 -32.23 -16.95
C THR B 178 -23.02 -33.36 -17.30
N LEU B 179 -22.48 -34.41 -17.93
CA LEU B 179 -23.24 -35.62 -18.21
C LEU B 179 -22.92 -36.67 -17.15
N THR B 180 -23.95 -37.28 -16.58
CA THR B 180 -23.77 -38.21 -15.47
C THR B 180 -24.79 -39.33 -15.53
N LEU B 181 -24.31 -40.57 -15.42
CA LEU B 181 -25.14 -41.75 -15.30
C LEU B 181 -24.40 -42.79 -14.47
N SER B 182 -25.02 -43.95 -14.30
CA SER B 182 -24.38 -45.04 -13.56
C SER B 182 -23.20 -45.61 -14.35
N LYS B 183 -22.22 -46.12 -13.62
CA LYS B 183 -21.08 -46.77 -14.29
C LYS B 183 -21.53 -47.94 -15.15
N ALA B 184 -22.67 -48.54 -14.81
CA ALA B 184 -23.26 -49.56 -15.67
C ALA B 184 -23.58 -48.99 -17.05
N ASP B 185 -24.44 -47.96 -17.09
CA ASP B 185 -24.69 -47.25 -18.34
C ASP B 185 -23.38 -46.81 -18.98
N TYR B 186 -22.43 -46.35 -18.15
CA TYR B 186 -21.14 -45.88 -18.63
C TYR B 186 -20.34 -46.98 -19.32
N GLU B 187 -20.01 -48.05 -18.58
CA GLU B 187 -19.14 -49.08 -19.14
C GLU B 187 -19.79 -49.80 -20.32
N LYS B 188 -21.10 -49.63 -20.52
CA LYS B 188 -21.79 -50.29 -21.61
C LYS B 188 -21.43 -49.74 -22.98
N HIS B 189 -20.56 -48.73 -23.08
CA HIS B 189 -20.31 -48.09 -24.36
C HIS B 189 -18.84 -47.67 -24.44
N LYS B 190 -18.43 -47.28 -25.64
CA LYS B 190 -17.01 -47.04 -25.94
C LYS B 190 -16.70 -45.64 -26.41
N VAL B 191 -17.58 -45.02 -27.20
CA VAL B 191 -17.33 -43.71 -27.80
C VAL B 191 -18.30 -42.70 -27.22
N TYR B 192 -17.76 -41.58 -26.72
CA TYR B 192 -18.54 -40.54 -26.06
C TYR B 192 -18.14 -39.18 -26.61
N ALA B 193 -19.13 -38.33 -26.89
CA ALA B 193 -18.88 -37.05 -27.53
C ALA B 193 -19.88 -36.02 -27.03
N CYS B 194 -19.52 -34.74 -27.21
CA CYS B 194 -20.45 -33.63 -27.01
C CYS B 194 -20.45 -32.76 -28.26
N GLU B 195 -21.61 -32.65 -28.89
CA GLU B 195 -21.78 -31.79 -30.06
C GLU B 195 -22.10 -30.37 -29.61
N VAL B 196 -21.50 -29.39 -30.29
CA VAL B 196 -21.52 -28.01 -29.85
C VAL B 196 -21.90 -27.12 -31.04
N THR B 197 -23.07 -26.50 -30.97
CA THR B 197 -23.55 -25.59 -32.02
C THR B 197 -23.57 -24.18 -31.43
N HIS B 198 -22.46 -23.46 -31.59
CA HIS B 198 -22.31 -22.10 -31.07
C HIS B 198 -22.75 -21.09 -32.10
N GLN B 199 -23.38 -20.01 -31.63
CA GLN B 199 -23.77 -18.92 -32.51
C GLN B 199 -22.57 -18.33 -33.24
N GLY B 200 -21.39 -18.40 -32.62
CA GLY B 200 -20.17 -17.98 -33.29
C GLY B 200 -19.42 -19.15 -33.89
N LEU B 201 -20.14 -20.07 -34.53
CA LEU B 201 -19.54 -21.21 -35.20
C LEU B 201 -20.35 -21.54 -36.44
N SER B 202 -19.66 -22.01 -37.48
CA SER B 202 -20.30 -22.35 -38.74
C SER B 202 -21.11 -23.63 -38.61
N SER B 203 -20.43 -24.75 -38.39
CA SER B 203 -21.06 -26.04 -38.21
C SER B 203 -20.79 -26.56 -36.80
N PRO B 204 -21.72 -27.34 -36.23
CA PRO B 204 -21.49 -27.88 -34.89
C PRO B 204 -20.25 -28.76 -34.83
N VAL B 205 -19.33 -28.38 -33.95
CA VAL B 205 -18.07 -29.11 -33.77
C VAL B 205 -18.27 -30.16 -32.68
N THR B 206 -18.03 -31.42 -33.03
CA THR B 206 -18.29 -32.55 -32.14
C THR B 206 -16.96 -33.16 -31.72
N LYS B 207 -16.63 -33.03 -30.44
CA LYS B 207 -15.39 -33.55 -29.90
C LYS B 207 -15.66 -34.80 -29.07
N SER B 208 -14.76 -35.78 -29.15
CA SER B 208 -15.02 -37.10 -28.61
C SER B 208 -13.74 -37.70 -28.03
N PHE B 209 -13.89 -38.88 -27.42
CA PHE B 209 -12.76 -39.66 -26.93
C PHE B 209 -13.21 -41.09 -26.72
N ASN B 210 -12.30 -42.03 -26.97
CA ASN B 210 -12.58 -43.45 -26.83
C ASN B 210 -12.06 -43.96 -25.49
N ARG B 211 -12.82 -44.87 -24.88
CA ARG B 211 -12.41 -45.43 -23.60
C ARG B 211 -11.31 -46.45 -23.78
N GLY B 212 -10.48 -46.60 -22.74
CA GLY B 212 -9.43 -47.60 -22.73
C GLY B 212 -8.25 -47.34 -23.65
N GLU B 213 -8.24 -46.22 -24.37
CA GLU B 213 -7.17 -45.89 -25.32
C GLU B 213 -6.94 -46.99 -26.35
N GLU C 1 7.77 -17.62 -26.68
CA GLU C 1 7.66 -16.17 -26.50
C GLU C 1 8.27 -15.75 -25.16
N VAL C 2 7.38 -15.36 -24.24
CA VAL C 2 7.69 -14.93 -22.87
C VAL C 2 8.99 -14.15 -22.77
N GLN C 3 9.13 -13.11 -23.57
CA GLN C 3 10.19 -12.12 -23.38
C GLN C 3 9.59 -10.84 -22.81
N LEU C 4 10.41 -10.07 -22.10
CA LEU C 4 10.00 -8.79 -21.52
C LEU C 4 10.93 -7.72 -22.06
N GLN C 5 10.67 -7.28 -23.30
CA GLN C 5 11.50 -6.26 -23.92
C GLN C 5 11.39 -4.94 -23.14
N GLN C 6 12.54 -4.39 -22.78
CA GLN C 6 12.63 -3.11 -22.09
C GLN C 6 13.30 -2.09 -22.99
N SER C 7 13.27 -0.84 -22.53
CA SER C 7 13.99 0.21 -23.22
C SER C 7 15.48 0.05 -23.02
N GLY C 8 16.24 0.61 -23.95
CA GLY C 8 17.67 0.65 -23.81
C GLY C 8 18.09 1.60 -22.69
N ALA C 9 19.41 1.79 -22.61
CA ALA C 9 20.03 2.64 -21.61
C ALA C 9 20.01 4.09 -22.08
N GLU C 10 19.61 4.99 -21.18
CA GLU C 10 19.53 6.42 -21.46
C GLU C 10 20.35 7.19 -20.44
N LEU C 11 20.69 8.43 -20.80
CA LEU C 11 21.33 9.38 -19.89
C LEU C 11 20.47 10.63 -19.81
N VAL C 12 20.39 11.20 -18.61
CA VAL C 12 19.61 12.40 -18.34
C VAL C 12 20.39 13.28 -17.38
N LYS C 13 19.81 14.43 -17.09
CA LYS C 13 20.31 15.44 -16.17
C LYS C 13 19.46 15.47 -14.91
N PRO C 14 20.05 15.71 -13.76
CA PRO C 14 19.27 15.79 -12.51
C PRO C 14 18.17 16.84 -12.61
N GLY C 15 17.07 16.58 -11.91
CA GLY C 15 15.93 17.46 -11.87
C GLY C 15 14.82 17.09 -12.84
N ALA C 16 15.16 16.46 -13.97
CA ALA C 16 14.17 16.15 -14.99
C ALA C 16 13.32 14.95 -14.61
N SER C 17 12.68 14.33 -15.60
CA SER C 17 11.82 13.17 -15.36
C SER C 17 11.90 12.25 -16.56
N VAL C 18 11.68 10.96 -16.32
CA VAL C 18 11.81 9.94 -17.35
C VAL C 18 10.78 8.85 -17.12
N LYS C 19 10.28 8.28 -18.22
CA LYS C 19 9.32 7.20 -18.18
C LYS C 19 9.93 5.98 -18.87
N LEU C 20 9.97 4.85 -18.16
CA LEU C 20 10.63 3.65 -18.65
C LEU C 20 9.62 2.75 -19.38
N SER C 21 10.04 1.54 -19.73
CA SER C 21 9.22 0.66 -20.54
C SER C 21 9.61 -0.79 -20.33
N CYS C 22 8.62 -1.68 -20.50
CA CYS C 22 8.84 -3.12 -20.39
C CYS C 22 7.63 -3.82 -21.01
N THR C 23 7.85 -4.51 -22.13
CA THR C 23 6.74 -5.09 -22.88
C THR C 23 6.24 -6.36 -22.22
N ALA C 24 5.23 -6.97 -22.85
CA ALA C 24 4.66 -8.23 -22.41
C ALA C 24 4.58 -9.18 -23.59
N SER C 25 4.34 -10.45 -23.30
CA SER C 25 4.22 -11.48 -24.32
C SER C 25 3.40 -12.64 -23.74
N GLY C 26 3.51 -13.81 -24.34
CA GLY C 26 2.64 -14.91 -23.99
C GLY C 26 1.20 -14.56 -24.28
N PHE C 27 0.43 -14.28 -23.23
CA PHE C 27 -0.92 -13.76 -23.34
C PHE C 27 -1.38 -13.39 -21.93
N ASN C 28 -2.57 -12.80 -21.86
CA ASN C 28 -3.25 -12.49 -20.59
C ASN C 28 -2.31 -11.76 -19.64
N ILE C 29 -1.86 -10.59 -20.10
CA ILE C 29 -0.94 -9.79 -19.29
C ILE C 29 -1.58 -9.43 -17.96
N LYS C 30 -2.89 -9.17 -17.95
CA LYS C 30 -3.56 -8.78 -16.72
C LYS C 30 -3.61 -9.94 -15.72
N ASP C 31 -3.62 -11.18 -16.20
CA ASP C 31 -3.50 -12.33 -15.32
C ASP C 31 -2.13 -12.42 -14.66
N THR C 32 -1.25 -11.45 -14.88
CA THR C 32 0.09 -11.47 -14.34
C THR C 32 0.44 -10.09 -13.81
N TYR C 33 0.91 -10.03 -12.57
CA TYR C 33 1.38 -8.79 -11.97
C TYR C 33 2.88 -8.66 -12.18
N ILE C 34 3.36 -7.42 -12.19
CA ILE C 34 4.75 -7.10 -12.50
C ILE C 34 5.34 -6.29 -11.36
N TYR C 35 6.60 -6.58 -11.03
CA TYR C 35 7.33 -5.94 -9.96
C TYR C 35 8.55 -5.22 -10.53
N TRP C 36 9.09 -4.27 -9.77
CA TRP C 36 10.25 -3.49 -10.19
C TRP C 36 11.28 -3.47 -9.07
N VAL C 37 12.56 -3.47 -9.45
CA VAL C 37 13.67 -3.55 -8.50
C VAL C 37 14.84 -2.74 -9.05
N ARG C 38 15.53 -2.02 -8.16
CA ARG C 38 16.73 -1.28 -8.51
C ARG C 38 17.99 -2.05 -8.14
N GLN C 39 19.10 -1.69 -8.78
CA GLN C 39 20.38 -2.36 -8.54
C GLN C 39 21.52 -1.46 -9.01
N ARG C 40 22.46 -1.18 -8.12
CA ARG C 40 23.60 -0.32 -8.43
C ARG C 40 24.90 -0.99 -7.99
N PRO C 41 25.97 -0.84 -8.79
CA PRO C 41 27.24 -1.50 -8.42
C PRO C 41 27.79 -1.07 -7.07
N GLU C 42 27.47 0.13 -6.61
CA GLU C 42 27.83 0.56 -5.27
C GLU C 42 26.70 0.36 -4.27
N GLN C 43 25.60 -0.25 -4.68
CA GLN C 43 24.49 -0.56 -3.79
C GLN C 43 24.13 -2.03 -3.90
N GLY C 44 22.97 -2.42 -3.36
CA GLY C 44 22.49 -3.77 -3.52
C GLY C 44 21.16 -3.78 -4.24
N LEU C 45 20.43 -4.89 -4.15
CA LEU C 45 19.09 -4.92 -4.72
C LEU C 45 18.13 -4.19 -3.80
N GLU C 46 17.20 -3.43 -4.39
CA GLU C 46 16.23 -2.67 -3.62
C GLU C 46 14.88 -2.76 -4.31
N TRP C 47 13.86 -3.17 -3.56
CA TRP C 47 12.54 -3.39 -4.15
C TRP C 47 11.82 -2.07 -4.36
N ILE C 48 11.23 -1.91 -5.54
CA ILE C 48 10.54 -0.67 -5.88
C ILE C 48 9.06 -0.83 -5.57
N GLY C 49 8.31 -1.42 -6.51
CA GLY C 49 6.87 -1.53 -6.35
C GLY C 49 6.30 -2.58 -7.27
N ARG C 50 4.97 -2.69 -7.24
CA ARG C 50 4.24 -3.64 -8.06
C ARG C 50 2.93 -3.02 -8.51
N ILE C 51 2.37 -3.58 -9.57
CA ILE C 51 1.10 -3.15 -10.13
C ILE C 51 0.39 -4.38 -10.68
N ASP C 52 -0.93 -4.32 -10.72
CA ASP C 52 -1.71 -5.35 -11.39
C ASP C 52 -2.33 -4.75 -12.64
N PRO C 53 -2.03 -5.27 -13.83
CA PRO C 53 -2.70 -4.79 -15.03
C PRO C 53 -4.20 -5.01 -14.95
N ALA C 54 -4.93 -4.27 -15.79
CA ALA C 54 -6.39 -4.20 -15.76
C ALA C 54 -6.90 -3.64 -14.45
N ASN C 55 -6.38 -4.15 -13.33
CA ASN C 55 -6.71 -3.60 -12.02
C ASN C 55 -6.26 -2.15 -11.91
N GLY C 56 -4.95 -1.93 -11.97
CA GLY C 56 -4.40 -0.61 -11.78
C GLY C 56 -4.11 -0.23 -10.35
N ASN C 57 -4.07 -1.20 -9.43
CA ASN C 57 -3.72 -0.91 -8.05
C ASN C 57 -2.23 -1.16 -7.83
N THR C 58 -1.65 -0.38 -6.92
CA THR C 58 -0.20 -0.35 -6.75
C THR C 58 0.15 -0.32 -5.27
N LYS C 59 1.44 -0.57 -5.01
CA LYS C 59 2.01 -0.51 -3.67
C LYS C 59 3.52 -0.45 -3.80
N TYR C 60 4.15 0.45 -3.07
CA TYR C 60 5.57 0.75 -3.23
C TYR C 60 6.28 0.68 -1.87
N ASP C 61 7.58 0.95 -1.90
CA ASP C 61 8.46 1.04 -0.74
C ASP C 61 8.41 2.45 -0.16
N PRO C 62 8.41 2.61 1.17
CA PRO C 62 8.35 3.96 1.75
C PRO C 62 9.56 4.82 1.42
N LYS C 63 10.62 4.27 0.84
CA LYS C 63 11.75 5.08 0.40
C LYS C 63 11.53 5.62 -1.01
N VAL C 64 10.82 4.88 -1.85
CA VAL C 64 10.61 5.26 -3.24
C VAL C 64 9.16 5.63 -3.53
N GLN C 65 8.31 5.69 -2.49
CA GLN C 65 6.91 5.99 -2.71
C GLN C 65 6.69 7.42 -3.18
N GLY C 66 7.65 8.31 -2.94
CA GLY C 66 7.53 9.69 -3.37
C GLY C 66 8.62 10.12 -4.32
N LYS C 67 8.80 9.36 -5.40
CA LYS C 67 9.82 9.68 -6.39
C LYS C 67 9.64 8.86 -7.66
N ALA C 68 8.49 8.21 -7.82
CA ALA C 68 8.27 7.36 -8.98
C ALA C 68 6.78 7.15 -9.17
N THR C 69 6.43 6.61 -10.34
CA THR C 69 5.04 6.32 -10.67
C THR C 69 5.01 5.24 -11.74
N ILE C 70 4.20 4.20 -11.51
CA ILE C 70 4.07 3.08 -12.42
C ILE C 70 2.73 3.18 -13.13
N THR C 71 2.73 2.92 -14.44
CA THR C 71 1.52 2.90 -15.24
C THR C 71 1.51 1.67 -16.14
N ALA C 72 0.36 1.41 -16.74
CA ALA C 72 0.20 0.22 -17.57
C ALA C 72 -0.73 0.53 -18.74
N ASP C 73 -0.31 0.10 -19.94
CA ASP C 73 -1.11 0.23 -21.15
C ASP C 73 -1.49 -1.16 -21.61
N THR C 74 -2.78 -1.48 -21.50
CA THR C 74 -3.26 -2.80 -21.89
C THR C 74 -3.43 -2.92 -23.41
N SER C 75 -3.96 -1.88 -24.05
CA SER C 75 -4.15 -1.91 -25.50
C SER C 75 -2.82 -2.05 -26.24
N SER C 76 -1.71 -1.74 -25.58
CA SER C 76 -0.39 -1.97 -26.15
C SER C 76 0.29 -3.21 -25.58
N ASN C 77 -0.29 -3.81 -24.52
CA ASN C 77 0.27 -5.02 -23.89
C ASN C 77 1.67 -4.74 -23.36
N THR C 78 1.79 -3.71 -22.53
CA THR C 78 3.08 -3.23 -22.06
C THR C 78 2.86 -2.28 -20.88
N ALA C 79 3.70 -2.41 -19.87
CA ALA C 79 3.62 -1.57 -18.67
C ALA C 79 4.69 -0.48 -18.70
N TYR C 80 4.41 0.61 -17.99
CA TYR C 80 5.29 1.77 -17.95
C TYR C 80 5.65 2.12 -16.51
N LEU C 81 6.67 2.97 -16.37
CA LEU C 81 7.12 3.44 -15.07
C LEU C 81 7.73 4.82 -15.24
N GLN C 82 7.28 5.77 -14.43
CA GLN C 82 7.73 7.16 -14.49
C GLN C 82 8.65 7.47 -13.32
N LEU C 83 9.81 8.03 -13.61
CA LEU C 83 10.71 8.59 -12.62
C LEU C 83 10.72 10.10 -12.74
N SER C 84 11.10 10.77 -11.65
CA SER C 84 11.07 12.22 -11.62
C SER C 84 11.93 12.72 -10.47
N SER C 85 12.42 13.95 -10.60
CA SER C 85 13.23 14.61 -9.58
C SER C 85 14.49 13.79 -9.26
N LEU C 86 15.35 13.67 -10.25
CA LEU C 86 16.51 12.79 -10.16
C LEU C 86 17.69 13.51 -9.51
N THR C 87 18.47 12.76 -8.75
CA THR C 87 19.69 13.26 -8.14
C THR C 87 20.87 12.40 -8.60
N PHE C 88 22.07 12.80 -8.18
CA PHE C 88 23.28 12.11 -8.61
C PHE C 88 23.30 10.67 -8.13
N GLU C 89 22.81 10.41 -6.91
CA GLU C 89 22.84 9.08 -6.34
C GLU C 89 21.70 8.18 -6.83
N ASP C 90 21.04 8.54 -7.93
CA ASP C 90 19.94 7.75 -8.47
C ASP C 90 20.35 6.95 -9.71
N THR C 91 21.64 6.73 -9.90
CA THR C 91 22.16 5.99 -11.05
C THR C 91 22.25 4.52 -10.66
N ALA C 92 21.46 3.67 -11.32
CA ALA C 92 21.42 2.26 -11.01
C ALA C 92 20.88 1.51 -12.21
N VAL C 93 20.71 0.20 -12.05
CA VAL C 93 20.08 -0.66 -13.05
C VAL C 93 18.71 -1.03 -12.54
N TYR C 94 17.77 -1.18 -13.47
CA TYR C 94 16.37 -1.36 -13.12
C TYR C 94 15.75 -2.48 -13.95
N TYR C 95 14.84 -3.22 -13.33
CA TYR C 95 14.28 -4.42 -13.93
C TYR C 95 12.77 -4.44 -13.76
N CYS C 96 12.12 -5.20 -14.64
CA CYS C 96 10.72 -5.61 -14.50
C CYS C 96 10.67 -7.12 -14.32
N ALA C 97 9.76 -7.59 -13.46
CA ALA C 97 9.67 -8.99 -13.12
C ALA C 97 8.26 -9.53 -13.33
N LEU C 98 8.19 -10.83 -13.64
CA LEU C 98 6.91 -11.48 -13.90
C LEU C 98 7.03 -12.97 -13.63
N GLU C 99 5.92 -13.57 -13.22
CA GLU C 99 5.84 -15.00 -12.96
C GLU C 99 4.80 -15.63 -13.87
N HIS C 100 5.10 -16.84 -14.36
CA HIS C 100 4.17 -17.53 -15.23
C HIS C 100 3.09 -18.28 -14.46
N GLY C 101 3.21 -18.39 -13.13
CA GLY C 101 2.22 -19.15 -12.39
C GLY C 101 2.41 -19.20 -10.89
N TYR C 102 2.30 -20.41 -10.33
CA TYR C 102 2.14 -20.61 -8.89
C TYR C 102 3.26 -21.42 -8.27
N TYR C 103 3.57 -22.59 -8.82
CA TYR C 103 4.51 -23.50 -8.18
C TYR C 103 5.37 -24.18 -9.24
N ASP C 104 6.68 -24.24 -9.00
CA ASP C 104 7.64 -24.80 -9.93
C ASP C 104 7.52 -24.16 -11.31
N VAL C 105 7.10 -22.90 -11.36
CA VAL C 105 6.78 -22.23 -12.60
C VAL C 105 7.97 -21.39 -13.03
N MET C 106 7.96 -20.96 -14.29
CA MET C 106 9.05 -20.20 -14.87
C MET C 106 8.84 -18.71 -14.57
N ASP C 107 9.77 -18.12 -13.83
CA ASP C 107 9.80 -16.67 -13.69
C ASP C 107 10.34 -16.05 -14.98
N TYR C 108 10.13 -14.75 -15.14
CA TYR C 108 10.57 -14.06 -16.34
C TYR C 108 11.11 -12.68 -15.97
N TRP C 109 12.24 -12.33 -16.56
CA TRP C 109 12.92 -11.06 -16.32
C TRP C 109 13.07 -10.30 -17.63
N GLY C 110 13.59 -9.07 -17.52
CA GLY C 110 13.83 -8.22 -18.65
C GLY C 110 15.30 -8.07 -18.96
N GLN C 111 15.59 -7.16 -19.89
CA GLN C 111 16.95 -7.00 -20.40
C GLN C 111 17.83 -6.24 -19.41
N GLY C 112 17.28 -5.24 -18.74
CA GLY C 112 18.05 -4.43 -17.81
C GLY C 112 18.34 -3.05 -18.36
N THR C 113 17.53 -2.07 -17.97
CA THR C 113 17.72 -0.68 -18.34
C THR C 113 18.44 0.04 -17.21
N SER C 114 19.65 0.53 -17.49
CA SER C 114 20.47 1.22 -16.51
C SER C 114 20.69 2.65 -16.96
N VAL C 115 20.33 3.61 -16.11
CA VAL C 115 20.45 5.02 -16.43
C VAL C 115 21.53 5.65 -15.56
N THR C 116 22.14 6.71 -16.08
CA THR C 116 23.16 7.46 -15.38
C THR C 116 22.70 8.91 -15.25
N VAL C 117 22.28 9.30 -14.05
CA VAL C 117 21.86 10.67 -13.78
C VAL C 117 23.08 11.55 -13.56
N SER C 118 23.53 12.20 -14.62
CA SER C 118 24.74 13.02 -14.59
C SER C 118 24.48 14.34 -15.31
N SER C 119 25.53 15.15 -15.42
CA SER C 119 25.45 16.42 -16.10
C SER C 119 26.30 16.49 -17.36
N ALA C 120 27.13 15.49 -17.62
CA ALA C 120 28.04 15.51 -18.75
C ALA C 120 27.28 15.17 -20.03
N SER C 121 28.01 14.99 -21.12
CA SER C 121 27.44 14.70 -22.43
C SER C 121 27.96 13.35 -22.91
N THR C 122 27.08 12.60 -23.57
CA THR C 122 27.44 11.28 -24.08
C THR C 122 28.66 11.38 -25.00
N LYS C 123 29.41 10.29 -25.06
CA LYS C 123 30.63 10.21 -25.85
C LYS C 123 30.57 8.98 -26.74
N GLY C 124 30.65 9.20 -28.05
CA GLY C 124 30.72 8.13 -29.01
C GLY C 124 31.99 7.32 -28.82
N PRO C 125 31.86 6.00 -28.88
CA PRO C 125 33.02 5.13 -28.70
C PRO C 125 33.99 5.21 -29.87
N SER C 126 35.27 5.04 -29.55
CA SER C 126 36.32 4.89 -30.56
C SER C 126 36.74 3.43 -30.58
N VAL C 127 36.68 2.81 -31.76
CA VAL C 127 36.83 1.37 -31.89
C VAL C 127 38.07 1.08 -32.73
N PHE C 128 38.94 0.19 -32.21
CA PHE C 128 40.21 -0.12 -32.85
C PHE C 128 40.47 -1.62 -32.79
N PRO C 129 40.82 -2.25 -33.92
CA PRO C 129 41.05 -3.70 -33.92
C PRO C 129 42.36 -4.07 -33.23
N LEU C 130 42.51 -5.38 -33.03
CA LEU C 130 43.70 -5.98 -32.42
C LEU C 130 44.21 -7.04 -33.38
N ALA C 131 45.34 -6.76 -34.05
CA ALA C 131 45.77 -7.77 -35.02
C ALA C 131 46.59 -8.86 -34.35
N PRO C 132 46.37 -10.12 -34.73
CA PRO C 132 47.16 -11.22 -34.17
C PRO C 132 48.55 -11.25 -34.78
N SER C 133 49.57 -11.20 -33.93
CA SER C 133 50.95 -11.26 -34.40
C SER C 133 51.35 -12.70 -34.68
N SER C 134 52.55 -12.86 -35.25
CA SER C 134 53.06 -14.20 -35.52
C SER C 134 53.62 -14.87 -34.28
N LYS C 135 53.86 -14.11 -33.21
CA LYS C 135 54.31 -14.68 -31.94
C LYS C 135 53.16 -15.09 -31.03
N SER C 136 51.93 -14.67 -31.34
CA SER C 136 50.76 -15.09 -30.59
C SER C 136 50.19 -16.41 -31.09
N THR C 137 50.93 -17.12 -31.94
CA THR C 137 50.51 -18.43 -32.44
C THR C 137 50.89 -19.47 -31.40
N SER C 138 49.99 -19.68 -30.44
CA SER C 138 50.25 -20.59 -29.33
C SER C 138 50.03 -22.02 -29.81
N GLY C 139 51.11 -22.64 -30.26
CA GLY C 139 51.09 -24.02 -30.72
C GLY C 139 50.06 -24.28 -31.81
N GLY C 140 49.79 -23.28 -32.64
CA GLY C 140 48.77 -23.39 -33.66
C GLY C 140 47.43 -22.81 -33.28
N THR C 141 47.35 -22.06 -32.17
CA THR C 141 46.11 -21.46 -31.71
C THR C 141 46.41 -20.02 -31.30
N ALA C 142 45.70 -19.09 -31.92
CA ALA C 142 45.91 -17.66 -31.69
C ALA C 142 44.73 -17.06 -30.94
N ALA C 143 44.75 -15.74 -30.81
CA ALA C 143 43.68 -14.99 -30.16
C ALA C 143 43.51 -13.66 -30.87
N LEU C 144 42.41 -12.98 -30.58
CA LEU C 144 42.08 -11.74 -31.28
C LEU C 144 40.95 -11.03 -30.55
N GLY C 145 40.72 -9.78 -30.93
CA GLY C 145 39.66 -9.01 -30.32
C GLY C 145 39.61 -7.62 -30.91
N CYS C 146 38.75 -6.79 -30.33
CA CYS C 146 38.59 -5.38 -30.69
C CYS C 146 38.84 -4.52 -29.46
N LEU C 147 38.85 -3.20 -29.66
CA LEU C 147 39.09 -2.27 -28.56
C LEU C 147 38.17 -1.08 -28.68
N VAL C 148 37.47 -0.75 -27.59
CA VAL C 148 36.64 0.45 -27.50
C VAL C 148 37.40 1.43 -26.62
N LYS C 149 38.06 2.40 -27.26
CA LYS C 149 39.03 3.22 -26.53
C LYS C 149 38.36 4.15 -25.53
N ASP C 150 37.49 5.04 -26.00
CA ASP C 150 36.93 6.09 -25.16
C ASP C 150 35.47 6.33 -25.53
N TYR C 151 34.65 6.49 -24.52
CA TYR C 151 33.22 6.74 -24.70
C TYR C 151 32.62 7.11 -23.36
N PHE C 152 31.31 7.36 -23.36
CA PHE C 152 30.52 7.74 -22.21
C PHE C 152 29.06 7.83 -22.62
N PRO C 153 28.11 7.38 -21.79
CA PRO C 153 28.29 6.70 -20.50
C PRO C 153 28.30 5.19 -20.64
N GLU C 154 28.31 4.48 -19.52
CA GLU C 154 28.21 3.02 -19.52
C GLU C 154 26.75 2.62 -19.43
N PRO C 155 26.40 1.39 -19.85
CA PRO C 155 27.25 0.34 -20.43
C PRO C 155 27.16 0.28 -21.95
N VAL C 156 28.07 -0.47 -22.57
CA VAL C 156 28.07 -0.67 -24.01
C VAL C 156 28.01 -2.17 -24.28
N THR C 157 27.35 -2.55 -25.37
CA THR C 157 27.13 -3.94 -25.72
C THR C 157 28.07 -4.35 -26.84
N VAL C 158 28.79 -5.45 -26.65
CA VAL C 158 29.78 -5.94 -27.60
C VAL C 158 29.37 -7.34 -28.04
N SER C 159 28.99 -7.47 -29.29
CA SER C 159 28.72 -8.77 -29.91
C SER C 159 29.78 -9.06 -30.96
N TRP C 160 29.79 -10.30 -31.43
CA TRP C 160 30.76 -10.75 -32.41
C TRP C 160 30.03 -11.33 -33.61
N ASN C 161 30.28 -10.75 -34.78
CA ASN C 161 29.60 -11.16 -36.01
C ASN C 161 28.08 -11.12 -35.81
N SER C 162 27.62 -9.94 -35.41
CA SER C 162 26.20 -9.69 -35.14
C SER C 162 25.69 -10.62 -34.05
N GLY C 163 26.54 -10.93 -33.09
CA GLY C 163 26.15 -11.77 -31.96
C GLY C 163 26.20 -13.25 -32.25
N ALA C 164 27.23 -13.71 -32.96
CA ALA C 164 27.33 -15.12 -33.33
C ALA C 164 28.14 -15.90 -32.30
N LEU C 165 29.46 -15.70 -32.30
CA LEU C 165 30.32 -16.50 -31.46
C LEU C 165 30.08 -16.24 -29.98
N THR C 166 30.08 -17.33 -29.21
CA THR C 166 29.83 -17.25 -27.78
C THR C 166 30.83 -18.05 -26.94
N SER C 167 31.48 -19.06 -27.49
CA SER C 167 32.52 -19.79 -26.78
C SER C 167 33.84 -19.03 -26.88
N GLY C 168 34.55 -18.95 -25.76
CA GLY C 168 35.81 -18.23 -25.70
C GLY C 168 35.71 -16.72 -25.66
N VAL C 169 34.53 -16.15 -25.91
CA VAL C 169 34.39 -14.70 -25.86
C VAL C 169 34.63 -14.23 -24.42
N HIS C 170 35.15 -13.00 -24.28
CA HIS C 170 35.55 -12.48 -22.97
C HIS C 170 35.52 -10.95 -23.05
N THR C 171 34.32 -10.39 -22.98
CA THR C 171 34.16 -8.94 -22.93
C THR C 171 34.59 -8.45 -21.55
N PHE C 172 35.69 -7.72 -21.50
CA PHE C 172 36.27 -7.27 -20.25
C PHE C 172 35.33 -6.30 -19.55
N PRO C 173 35.52 -6.10 -18.24
CA PRO C 173 34.74 -5.07 -17.53
C PRO C 173 35.16 -3.68 -17.95
N ALA C 174 34.23 -2.74 -17.75
CA ALA C 174 34.48 -1.35 -18.08
C ALA C 174 35.57 -0.78 -17.19
N VAL C 175 36.65 -0.31 -17.81
CA VAL C 175 37.76 0.31 -17.09
C VAL C 175 37.70 1.80 -17.32
N LEU C 176 38.16 2.56 -16.33
CA LEU C 176 38.12 4.01 -16.33
C LEU C 176 39.54 4.57 -16.50
N GLN C 177 39.69 5.50 -17.43
CA GLN C 177 40.98 6.09 -17.75
C GLN C 177 41.16 7.41 -17.01
N SER C 178 42.42 7.89 -17.02
CA SER C 178 42.70 9.23 -16.53
C SER C 178 41.89 10.27 -17.28
N SER C 179 41.67 10.04 -18.58
CA SER C 179 40.78 10.88 -19.38
C SER C 179 39.35 10.88 -18.86
N GLY C 180 39.00 9.96 -17.98
CA GLY C 180 37.65 9.88 -17.47
C GLY C 180 36.65 9.21 -18.39
N LEU C 181 37.10 8.60 -19.47
CA LEU C 181 36.22 7.88 -20.39
C LEU C 181 36.47 6.38 -20.28
N TYR C 182 35.41 5.62 -20.49
CA TYR C 182 35.46 4.19 -20.26
C TYR C 182 36.26 3.47 -21.35
N SER C 183 36.72 2.27 -21.01
CA SER C 183 37.50 1.45 -21.93
C SER C 183 37.36 -0.01 -21.52
N LEU C 184 37.12 -0.88 -22.50
CA LEU C 184 37.00 -2.31 -22.26
C LEU C 184 37.41 -3.05 -23.53
N SER C 185 37.36 -4.38 -23.46
CA SER C 185 37.78 -5.21 -24.58
C SER C 185 37.01 -6.53 -24.57
N SER C 186 36.98 -7.17 -25.73
CA SER C 186 36.32 -8.47 -25.91
C SER C 186 37.20 -9.32 -26.81
N VAL C 187 37.60 -10.49 -26.32
CA VAL C 187 38.57 -11.34 -27.01
C VAL C 187 38.01 -12.76 -27.14
N VAL C 188 38.72 -13.58 -27.92
CA VAL C 188 38.35 -14.96 -28.18
C VAL C 188 39.53 -15.67 -28.84
N THR C 189 39.68 -16.97 -28.57
CA THR C 189 40.79 -17.74 -29.13
C THR C 189 40.29 -18.63 -30.27
N VAL C 190 41.06 -18.65 -31.36
CA VAL C 190 40.76 -19.50 -32.51
C VAL C 190 42.05 -20.09 -33.04
N PRO C 191 41.95 -21.26 -33.68
CA PRO C 191 43.16 -21.93 -34.18
C PRO C 191 43.70 -21.24 -35.43
N SER C 192 44.94 -21.62 -35.78
CA SER C 192 45.66 -20.96 -36.86
C SER C 192 45.07 -21.27 -38.24
N SER C 193 44.51 -22.47 -38.41
CA SER C 193 44.08 -22.91 -39.74
C SER C 193 42.77 -22.27 -40.20
N SER C 194 42.27 -21.24 -39.51
CA SER C 194 41.03 -20.59 -39.90
C SER C 194 41.15 -19.09 -40.02
N LEU C 195 42.30 -18.51 -39.71
CA LEU C 195 42.41 -17.06 -39.60
C LEU C 195 42.23 -16.38 -40.96
N GLY C 196 42.87 -16.92 -42.00
CA GLY C 196 42.83 -16.27 -43.30
C GLY C 196 41.43 -16.22 -43.88
N THR C 197 40.70 -17.34 -43.81
CA THR C 197 39.39 -17.41 -44.44
C THR C 197 38.31 -16.76 -43.57
N GLN C 198 38.24 -17.16 -42.31
CA GLN C 198 37.13 -16.72 -41.46
C GLN C 198 37.20 -15.22 -41.21
N THR C 199 36.02 -14.59 -41.20
CA THR C 199 35.88 -13.15 -41.03
C THR C 199 35.37 -12.88 -39.62
N TYR C 200 36.22 -12.34 -38.77
CA TYR C 200 35.93 -12.15 -37.35
C TYR C 200 35.50 -10.70 -37.16
N ILE C 201 34.20 -10.48 -37.08
CA ILE C 201 33.63 -9.13 -37.05
C ILE C 201 33.23 -8.81 -35.62
N CYS C 202 33.88 -7.81 -35.04
CA CYS C 202 33.43 -7.24 -33.78
C CYS C 202 32.28 -6.27 -34.02
N ASN C 203 31.37 -6.19 -33.06
CA ASN C 203 30.18 -5.37 -33.19
C ASN C 203 29.86 -4.70 -31.87
N VAL C 204 29.53 -3.41 -31.94
CA VAL C 204 29.33 -2.56 -30.76
C VAL C 204 28.12 -1.67 -30.99
N ASN C 205 27.30 -1.50 -29.96
CA ASN C 205 26.15 -0.60 -30.02
C ASN C 205 26.17 0.29 -28.78
N HIS C 206 26.16 1.60 -29.01
CA HIS C 206 26.13 2.61 -27.95
C HIS C 206 24.87 3.45 -28.16
N LYS C 207 23.74 2.90 -27.75
CA LYS C 207 22.43 3.54 -27.84
C LYS C 207 22.37 4.93 -27.21
N PRO C 208 23.11 5.22 -26.12
CA PRO C 208 23.14 6.60 -25.61
C PRO C 208 23.43 7.65 -26.67
N SER C 209 24.53 7.51 -27.41
CA SER C 209 24.82 8.38 -28.54
C SER C 209 24.24 7.84 -29.85
N ASN C 210 23.33 6.86 -29.76
CA ASN C 210 22.76 6.19 -30.94
C ASN C 210 23.87 5.67 -31.85
N THR C 211 24.94 5.21 -31.24
CA THR C 211 26.14 4.78 -31.94
C THR C 211 26.13 3.26 -32.11
N LYS C 212 26.31 2.80 -33.34
CA LYS C 212 26.40 1.38 -33.64
C LYS C 212 27.60 1.17 -34.55
N VAL C 213 28.67 0.59 -34.00
CA VAL C 213 29.93 0.43 -34.70
C VAL C 213 30.16 -1.04 -35.03
N ASP C 214 30.75 -1.28 -36.21
CA ASP C 214 31.20 -2.61 -36.60
C ASP C 214 32.57 -2.48 -37.26
N LYS C 215 33.27 -3.60 -37.38
CA LYS C 215 34.55 -3.64 -38.05
C LYS C 215 34.99 -5.09 -38.23
N ARG C 216 35.62 -5.36 -39.37
CA ARG C 216 36.24 -6.65 -39.61
C ARG C 216 37.71 -6.59 -39.19
N VAL C 217 38.20 -7.69 -38.62
CA VAL C 217 39.58 -7.76 -38.14
C VAL C 217 40.40 -8.55 -39.15
N GLU C 218 41.57 -8.01 -39.50
CA GLU C 218 42.51 -8.63 -40.42
C GLU C 218 43.91 -8.34 -39.89
N PRO C 219 44.82 -9.32 -39.97
CA PRO C 219 46.19 -9.11 -39.44
C PRO C 219 47.07 -8.31 -40.39
N LYS C 220 46.73 -7.04 -40.56
CA LYS C 220 47.48 -6.11 -41.42
C LYS C 220 47.62 -6.65 -42.84
N ASP D 1 11.32 -0.33 9.34
CA ASP D 1 11.78 -1.08 8.18
C ASP D 1 12.29 -2.46 8.58
N ILE D 2 12.12 -3.43 7.69
CA ILE D 2 12.66 -4.77 7.88
C ILE D 2 14.14 -4.75 7.55
N VAL D 3 14.95 -5.40 8.40
CA VAL D 3 16.38 -5.53 8.18
C VAL D 3 16.70 -7.01 7.95
N MET D 4 17.53 -7.29 6.95
CA MET D 4 17.96 -8.65 6.66
C MET D 4 19.44 -8.62 6.30
N THR D 5 20.25 -9.35 7.07
CA THR D 5 21.70 -9.33 6.92
C THR D 5 22.20 -10.76 6.79
N GLN D 6 22.84 -11.06 5.67
CA GLN D 6 23.63 -12.28 5.57
C GLN D 6 24.89 -12.13 6.42
N SER D 7 25.34 -13.24 6.98
CA SER D 7 26.47 -13.18 7.91
C SER D 7 27.78 -12.91 7.19
N GLN D 8 28.05 -13.62 6.10
CA GLN D 8 29.23 -13.41 5.28
C GLN D 8 28.82 -13.00 3.86
N LYS D 9 29.80 -12.64 3.05
CA LYS D 9 29.52 -12.09 1.73
C LYS D 9 30.48 -12.61 0.67
N PHE D 10 31.77 -12.69 0.99
CA PHE D 10 32.78 -13.14 0.05
C PHE D 10 33.29 -14.52 0.47
N MET D 11 32.42 -15.51 0.35
CA MET D 11 32.76 -16.87 0.76
C MET D 11 33.31 -17.66 -0.43
N SER D 12 34.22 -18.58 -0.12
CA SER D 12 34.96 -19.33 -1.13
C SER D 12 34.84 -20.82 -0.86
N THR D 13 34.70 -21.59 -1.95
CA THR D 13 34.59 -23.04 -1.84
C THR D 13 35.23 -23.67 -3.07
N SER D 14 35.27 -25.00 -3.08
CA SER D 14 35.75 -25.78 -4.21
C SER D 14 34.59 -26.47 -4.91
N VAL D 15 34.85 -26.95 -6.13
CA VAL D 15 33.83 -27.60 -6.93
C VAL D 15 33.39 -28.89 -6.26
N GLY D 16 32.09 -29.17 -6.30
CA GLY D 16 31.53 -30.38 -5.76
C GLY D 16 31.23 -30.36 -4.27
N ASP D 17 31.87 -29.48 -3.51
CA ASP D 17 31.65 -29.47 -2.07
C ASP D 17 30.24 -29.01 -1.73
N ARG D 18 29.90 -29.18 -0.46
CA ARG D 18 28.60 -28.80 0.09
C ARG D 18 28.79 -27.52 0.88
N VAL D 19 28.28 -26.42 0.35
CA VAL D 19 28.43 -25.10 0.96
C VAL D 19 27.05 -24.50 1.16
N SER D 20 26.92 -23.70 2.22
CA SER D 20 25.64 -23.12 2.61
C SER D 20 25.79 -21.63 2.81
N VAL D 21 24.80 -20.87 2.35
CA VAL D 21 24.78 -19.41 2.46
C VAL D 21 23.92 -19.04 3.67
N THR D 22 24.50 -18.25 4.58
CA THR D 22 23.81 -17.84 5.80
C THR D 22 23.17 -16.46 5.60
N CYS D 23 21.96 -16.30 6.14
CA CYS D 23 21.28 -15.01 6.17
C CYS D 23 20.55 -14.87 7.49
N LYS D 24 20.36 -13.64 7.92
CA LYS D 24 19.58 -13.35 9.12
C LYS D 24 18.31 -12.60 8.72
N ALA D 25 17.56 -12.14 9.72
CA ALA D 25 16.31 -11.44 9.49
C ALA D 25 15.86 -10.69 10.73
N SER D 26 15.56 -9.40 10.58
CA SER D 26 15.11 -8.63 11.72
C SER D 26 13.60 -8.71 11.89
N GLN D 27 13.15 -8.28 13.06
CA GLN D 27 11.73 -8.23 13.43
C GLN D 27 11.08 -9.61 13.39
N ASN D 28 10.16 -9.80 12.43
CA ASN D 28 9.21 -10.92 12.50
C ASN D 28 8.93 -11.41 11.09
N VAL D 29 9.74 -12.37 10.63
CA VAL D 29 9.45 -13.05 9.38
C VAL D 29 9.68 -14.54 9.57
N ASP D 30 8.70 -15.33 9.13
CA ASP D 30 8.81 -16.78 9.09
C ASP D 30 8.13 -17.25 7.82
N THR D 31 8.80 -18.14 7.07
CA THR D 31 8.35 -18.59 5.76
C THR D 31 8.18 -17.42 4.80
N ASN D 32 7.60 -17.67 3.63
CA ASN D 32 7.43 -16.65 2.60
C ASN D 32 8.76 -15.95 2.30
N VAL D 33 9.75 -16.76 1.90
CA VAL D 33 11.10 -16.29 1.67
C VAL D 33 11.52 -16.74 0.27
N ALA D 34 12.63 -16.17 -0.20
CA ALA D 34 13.11 -16.48 -1.54
C ALA D 34 14.58 -16.07 -1.66
N TRP D 35 15.30 -16.78 -2.53
CA TRP D 35 16.69 -16.49 -2.83
C TRP D 35 16.87 -16.33 -4.34
N TYR D 36 17.91 -15.59 -4.72
CA TYR D 36 18.13 -15.24 -6.11
C TYR D 36 19.61 -15.39 -6.44
N GLN D 37 19.89 -15.54 -7.73
CA GLN D 37 21.26 -15.70 -8.23
C GLN D 37 21.53 -14.64 -9.28
N LYS D 38 22.59 -13.87 -9.08
CA LYS D 38 22.99 -12.84 -10.02
C LYS D 38 24.20 -13.34 -10.82
N LYS D 39 24.03 -13.43 -12.15
CA LYS D 39 25.11 -13.84 -13.04
C LYS D 39 25.86 -12.62 -13.56
N PRO D 40 27.14 -12.77 -13.89
CA PRO D 40 27.90 -11.65 -14.45
C PRO D 40 27.29 -11.17 -15.76
N GLY D 41 26.95 -9.89 -15.80
CA GLY D 41 26.38 -9.32 -17.01
C GLY D 41 25.05 -9.90 -17.40
N GLN D 42 24.24 -10.30 -16.42
CA GLN D 42 22.96 -10.92 -16.70
C GLN D 42 21.98 -10.57 -15.58
N SER D 43 20.70 -10.57 -15.94
CA SER D 43 19.66 -10.31 -14.97
C SER D 43 19.65 -11.37 -13.88
N PRO D 44 19.15 -11.04 -12.70
CA PRO D 44 19.03 -12.04 -11.64
C PRO D 44 18.08 -13.16 -12.05
N LYS D 45 18.22 -14.28 -11.35
CA LYS D 45 17.39 -15.46 -11.56
C LYS D 45 16.81 -15.88 -10.21
N ALA D 46 15.49 -16.04 -10.17
CA ALA D 46 14.85 -16.53 -8.96
C ALA D 46 15.10 -18.02 -8.80
N LEU D 47 15.32 -18.44 -7.55
CA LEU D 47 15.71 -19.82 -7.28
C LEU D 47 14.61 -20.58 -6.55
N ILE D 48 14.27 -20.18 -5.33
CA ILE D 48 13.27 -20.90 -4.55
C ILE D 48 12.24 -19.92 -4.02
N TYR D 49 11.04 -20.43 -3.76
CA TYR D 49 9.97 -19.67 -3.14
C TYR D 49 9.56 -20.38 -1.86
N SER D 50 9.20 -19.60 -0.85
CA SER D 50 9.16 -20.09 0.52
C SER D 50 10.58 -20.61 0.82
N ALA D 51 10.73 -21.55 1.76
CA ALA D 51 12.07 -21.98 2.14
C ALA D 51 12.48 -23.31 1.52
N SER D 52 11.57 -24.04 0.91
CA SER D 52 11.88 -25.35 0.36
C SER D 52 11.59 -25.46 -1.13
N TYR D 53 10.45 -24.94 -1.58
CA TYR D 53 10.05 -25.12 -2.97
C TYR D 53 10.88 -24.25 -3.89
N ARG D 54 11.41 -24.85 -4.95
CA ARG D 54 12.21 -24.17 -5.95
C ARG D 54 11.44 -24.07 -7.26
N TYR D 55 11.85 -23.12 -8.09
CA TYR D 55 11.20 -22.90 -9.38
C TYR D 55 11.71 -23.87 -10.43
N SER D 56 11.52 -23.53 -11.70
CA SER D 56 11.89 -24.40 -12.81
C SER D 56 13.35 -24.15 -13.16
N GLY D 57 14.24 -24.91 -12.53
CA GLY D 57 15.66 -24.83 -12.82
C GLY D 57 16.42 -26.10 -12.49
N VAL D 58 17.26 -26.03 -11.46
CA VAL D 58 17.96 -27.22 -10.96
C VAL D 58 17.82 -27.24 -9.44
N PRO D 59 16.75 -27.87 -8.91
CA PRO D 59 16.64 -28.02 -7.46
C PRO D 59 17.53 -29.09 -6.88
N ASP D 60 18.04 -30.02 -7.71
CA ASP D 60 18.88 -31.10 -7.22
C ASP D 60 20.10 -30.55 -6.46
N ARG D 61 20.90 -29.74 -7.14
CA ARG D 61 22.15 -29.26 -6.57
C ARG D 61 21.97 -28.20 -5.50
N PHE D 62 20.74 -27.88 -5.10
CA PHE D 62 20.46 -26.76 -4.21
C PHE D 62 19.45 -27.19 -3.15
N THR D 63 19.51 -26.54 -1.99
CA THR D 63 18.65 -26.90 -0.86
C THR D 63 18.66 -25.77 0.15
N GLY D 64 17.48 -25.40 0.62
CA GLY D 64 17.33 -24.36 1.62
C GLY D 64 17.38 -24.89 3.04
N SER D 65 16.64 -24.23 3.92
CA SER D 65 16.56 -24.64 5.32
C SER D 65 15.26 -24.10 5.91
N GLY D 66 15.02 -24.46 7.17
CA GLY D 66 13.81 -24.06 7.85
C GLY D 66 13.75 -22.57 8.12
N SER D 67 12.55 -22.11 8.46
CA SER D 67 12.30 -20.69 8.66
C SER D 67 12.57 -20.25 10.09
N GLY D 68 11.93 -19.17 10.52
CA GLY D 68 12.11 -18.66 11.85
C GLY D 68 13.04 -17.46 11.91
N THR D 69 14.24 -17.67 12.44
CA THR D 69 15.22 -16.60 12.58
C THR D 69 16.29 -16.72 11.49
N ASP D 70 17.17 -17.70 11.63
CA ASP D 70 18.22 -17.91 10.65
C ASP D 70 17.70 -18.73 9.46
N PHE D 71 18.30 -18.48 8.29
CA PHE D 71 17.99 -19.18 7.06
C PHE D 71 19.30 -19.53 6.37
N THR D 72 19.39 -20.73 5.80
CA THR D 72 20.56 -21.14 5.05
C THR D 72 20.16 -21.66 3.69
N LEU D 73 20.92 -21.28 2.68
CA LEU D 73 20.80 -21.81 1.32
C LEU D 73 22.01 -22.67 1.05
N THR D 74 21.79 -23.97 0.88
CA THR D 74 22.86 -24.94 0.71
C THR D 74 22.89 -25.41 -0.74
N ILE D 75 24.07 -25.37 -1.34
CA ILE D 75 24.26 -25.83 -2.71
C ILE D 75 25.07 -27.11 -2.66
N SER D 76 24.48 -28.20 -3.14
CA SER D 76 25.14 -29.49 -3.17
C SER D 76 25.76 -29.71 -4.54
N ASN D 77 26.92 -30.36 -4.55
CA ASN D 77 27.64 -30.68 -5.78
C ASN D 77 27.83 -29.43 -6.64
N VAL D 78 28.48 -28.43 -6.05
CA VAL D 78 28.66 -27.16 -6.71
C VAL D 78 29.51 -27.35 -7.96
N GLN D 79 29.24 -26.53 -8.98
CA GLN D 79 29.89 -26.61 -10.27
C GLN D 79 30.59 -25.29 -10.59
N SER D 80 31.37 -25.30 -11.68
CA SER D 80 32.04 -24.08 -12.11
C SER D 80 31.05 -23.06 -12.62
N GLU D 81 29.94 -23.51 -13.20
CA GLU D 81 28.86 -22.63 -13.63
C GLU D 81 28.03 -22.10 -12.46
N ASP D 82 28.31 -22.56 -11.23
CA ASP D 82 27.58 -22.09 -10.06
C ASP D 82 28.14 -20.81 -9.49
N LEU D 83 29.30 -20.34 -9.98
CA LEU D 83 29.88 -19.11 -9.46
C LEU D 83 28.99 -17.92 -9.80
N ALA D 84 28.49 -17.24 -8.78
CA ALA D 84 27.58 -16.11 -8.94
C ALA D 84 27.45 -15.43 -7.59
N GLU D 85 26.57 -14.44 -7.50
CA GLU D 85 26.25 -13.80 -6.23
C GLU D 85 24.80 -14.11 -5.87
N TYR D 86 24.57 -14.41 -4.60
CA TYR D 86 23.31 -14.96 -4.13
C TYR D 86 22.71 -14.08 -3.06
N PHE D 87 21.41 -13.84 -3.17
CA PHE D 87 20.73 -12.80 -2.39
C PHE D 87 19.58 -13.40 -1.60
N CYS D 88 19.30 -12.74 -0.47
CA CYS D 88 18.37 -13.22 0.55
C CYS D 88 17.22 -12.23 0.63
N GLN D 89 16.02 -12.65 0.19
CA GLN D 89 14.88 -11.76 0.05
C GLN D 89 13.66 -12.33 0.77
N GLN D 90 12.79 -11.44 1.23
CA GLN D 90 11.53 -11.82 1.88
C GLN D 90 10.38 -11.10 1.21
N TYR D 91 9.17 -11.65 1.34
CA TYR D 91 7.96 -11.05 0.79
C TYR D 91 6.82 -11.12 1.82
N ASN D 92 7.06 -10.51 2.98
CA ASN D 92 6.03 -10.23 3.96
C ASN D 92 5.94 -8.73 4.17
N SER D 93 4.72 -8.24 4.41
CA SER D 93 4.41 -6.81 4.51
C SER D 93 4.68 -6.12 3.17
N TYR D 94 4.21 -4.89 3.01
CA TYR D 94 4.42 -4.21 1.73
C TYR D 94 5.90 -3.87 1.48
N PRO D 95 6.73 -3.55 2.50
CA PRO D 95 8.14 -3.31 2.19
C PRO D 95 8.93 -4.61 1.99
N TYR D 96 8.99 -5.10 0.76
CA TYR D 96 9.76 -6.30 0.44
C TYR D 96 11.23 -5.99 0.59
N THR D 97 11.82 -6.43 1.71
CA THR D 97 13.21 -6.14 2.03
C THR D 97 14.12 -7.23 1.48
N PHE D 98 15.22 -6.82 0.87
CA PHE D 98 16.21 -7.74 0.34
C PHE D 98 17.30 -7.99 1.37
N GLY D 99 18.37 -8.67 0.95
CA GLY D 99 19.49 -8.95 1.80
C GLY D 99 20.80 -8.45 1.20
N GLY D 100 21.89 -8.77 1.90
CA GLY D 100 23.19 -8.23 1.54
C GLY D 100 23.76 -8.81 0.26
N GLY D 101 23.45 -10.06 -0.03
CA GLY D 101 24.05 -10.73 -1.17
C GLY D 101 25.39 -11.34 -0.81
N THR D 102 25.79 -12.39 -1.53
CA THR D 102 26.98 -13.14 -1.18
C THR D 102 27.74 -13.52 -2.45
N LYS D 103 28.96 -13.00 -2.58
CA LYS D 103 29.84 -13.43 -3.64
C LYS D 103 30.31 -14.86 -3.39
N LEU D 104 30.67 -15.54 -4.48
CA LEU D 104 31.12 -16.94 -4.41
C LEU D 104 32.47 -17.04 -5.10
N GLU D 105 33.50 -17.40 -4.34
CA GLU D 105 34.86 -17.47 -4.87
C GLU D 105 35.22 -18.94 -5.10
N ILE D 106 34.99 -19.40 -6.34
CA ILE D 106 35.31 -20.78 -6.67
C ILE D 106 36.81 -20.99 -6.63
N LYS D 107 37.25 -21.88 -5.73
CA LYS D 107 38.63 -22.35 -5.78
C LYS D 107 38.77 -23.41 -6.85
N ARG D 108 39.93 -23.44 -7.50
CA ARG D 108 40.23 -24.48 -8.49
C ARG D 108 41.74 -24.64 -8.57
N THR D 109 42.18 -25.44 -9.53
CA THR D 109 43.59 -25.74 -9.68
C THR D 109 44.33 -24.55 -10.31
N VAL D 110 45.65 -24.56 -10.15
CA VAL D 110 46.48 -23.48 -10.67
C VAL D 110 46.55 -23.60 -12.19
N ALA D 111 46.17 -22.53 -12.89
CA ALA D 111 46.14 -22.51 -14.34
C ALA D 111 47.13 -21.49 -14.87
N ALA D 112 48.01 -21.92 -15.77
CA ALA D 112 48.94 -21.00 -16.38
C ALA D 112 48.23 -20.14 -17.43
N PRO D 113 48.54 -18.85 -17.51
CA PRO D 113 47.89 -17.99 -18.50
C PRO D 113 48.34 -18.29 -19.92
N SER D 114 47.48 -17.91 -20.86
CA SER D 114 47.83 -17.87 -22.27
C SER D 114 48.06 -16.41 -22.65
N VAL D 115 49.29 -16.09 -23.01
CA VAL D 115 49.72 -14.70 -23.16
C VAL D 115 49.78 -14.34 -24.64
N PHE D 116 49.20 -13.19 -24.97
CA PHE D 116 49.27 -12.64 -26.32
C PHE D 116 49.44 -11.13 -26.22
N ILE D 117 49.89 -10.52 -27.31
CA ILE D 117 50.19 -9.10 -27.33
C ILE D 117 49.73 -8.51 -28.66
N PHE D 118 49.27 -7.26 -28.62
CA PHE D 118 48.69 -6.60 -29.79
C PHE D 118 49.26 -5.19 -29.96
N PRO D 119 49.80 -4.87 -31.14
CA PRO D 119 50.19 -3.49 -31.42
C PRO D 119 48.97 -2.64 -31.72
N PRO D 120 49.05 -1.32 -31.51
CA PRO D 120 47.89 -0.47 -31.79
C PRO D 120 47.57 -0.41 -33.27
N SER D 121 46.27 -0.37 -33.58
CA SER D 121 45.82 -0.43 -34.96
C SER D 121 46.34 0.76 -35.76
N ASP D 122 46.56 0.55 -37.06
CA ASP D 122 46.96 1.65 -37.92
C ASP D 122 45.96 2.80 -37.87
N GLU D 123 44.69 2.49 -37.64
CA GLU D 123 43.70 3.54 -37.47
C GLU D 123 44.01 4.38 -36.23
N GLN D 124 44.27 3.73 -35.10
CA GLN D 124 44.48 4.47 -33.86
C GLN D 124 45.75 5.31 -33.93
N LEU D 125 46.79 4.82 -34.62
CA LEU D 125 48.03 5.57 -34.73
C LEU D 125 47.80 6.95 -35.32
N LYS D 126 47.08 7.02 -36.44
CA LYS D 126 46.82 8.32 -37.06
C LYS D 126 46.02 9.22 -36.13
N SER D 127 45.25 8.66 -35.21
CA SER D 127 44.47 9.46 -34.28
C SER D 127 45.32 10.20 -33.26
N GLY D 128 46.64 9.99 -33.26
CA GLY D 128 47.51 10.70 -32.35
C GLY D 128 48.04 9.87 -31.19
N THR D 129 47.17 9.03 -30.62
CA THR D 129 47.53 8.18 -29.50
C THR D 129 47.73 6.74 -29.97
N ALA D 130 48.37 5.96 -29.10
CA ALA D 130 48.63 4.55 -29.38
C ALA D 130 48.49 3.77 -28.08
N SER D 131 47.74 2.67 -28.13
CA SER D 131 47.51 1.84 -26.96
C SER D 131 48.03 0.44 -27.21
N VAL D 132 48.86 -0.05 -26.29
CA VAL D 132 49.46 -1.37 -26.40
C VAL D 132 48.93 -2.23 -25.26
N VAL D 133 48.30 -3.35 -25.59
CA VAL D 133 47.66 -4.21 -24.61
C VAL D 133 48.28 -5.60 -24.67
N CYS D 134 48.66 -6.12 -23.50
CA CYS D 134 49.20 -7.46 -23.37
C CYS D 134 48.11 -8.37 -22.80
N LEU D 135 47.81 -9.47 -23.48
CA LEU D 135 46.68 -10.32 -23.15
C LEU D 135 47.12 -11.51 -22.30
N LEU D 136 46.21 -11.95 -21.41
CA LEU D 136 46.45 -13.08 -20.50
C LEU D 136 45.10 -13.76 -20.27
N ASN D 137 44.79 -14.75 -21.12
CA ASN D 137 43.49 -15.41 -21.10
C ASN D 137 43.58 -16.75 -20.37
N ASN D 138 42.58 -17.01 -19.52
CA ASN D 138 42.43 -18.27 -18.81
C ASN D 138 43.64 -18.61 -17.95
N PHE D 139 43.61 -18.17 -16.69
CA PHE D 139 44.70 -18.40 -15.76
C PHE D 139 44.13 -18.53 -14.35
N TYR D 140 44.98 -18.97 -13.43
CA TYR D 140 44.64 -19.06 -12.01
C TYR D 140 45.92 -19.29 -11.22
N PRO D 141 46.10 -18.65 -10.06
CA PRO D 141 45.15 -17.76 -9.35
C PRO D 141 44.99 -16.37 -9.98
N ARG D 142 44.18 -15.54 -9.33
CA ARG D 142 44.01 -14.17 -9.79
C ARG D 142 45.28 -13.34 -9.60
N GLU D 143 46.06 -13.62 -8.56
CA GLU D 143 47.25 -12.83 -8.28
C GLU D 143 48.27 -12.98 -9.40
N ALA D 144 48.58 -11.85 -10.04
CA ALA D 144 49.58 -11.82 -11.10
C ALA D 144 49.98 -10.36 -11.34
N LYS D 145 51.23 -10.18 -11.77
CA LYS D 145 51.73 -8.85 -12.12
C LYS D 145 52.61 -8.94 -13.35
N VAL D 146 52.46 -7.97 -14.24
CA VAL D 146 53.20 -7.92 -15.51
C VAL D 146 54.11 -6.69 -15.47
N GLN D 147 55.21 -6.79 -16.21
CA GLN D 147 56.17 -5.70 -16.34
C GLN D 147 56.21 -5.25 -17.80
N TRP D 148 55.96 -3.97 -18.03
CA TRP D 148 56.10 -3.39 -19.36
C TRP D 148 57.54 -2.95 -19.55
N LYS D 149 58.22 -3.55 -20.53
CA LYS D 149 59.62 -3.26 -20.81
C LYS D 149 59.78 -3.01 -22.30
N VAL D 150 59.95 -1.73 -22.67
CA VAL D 150 60.24 -1.35 -24.04
C VAL D 150 61.71 -0.98 -24.14
N ASP D 151 62.36 -1.42 -25.22
CA ASP D 151 63.79 -1.20 -25.44
C ASP D 151 64.59 -1.58 -24.20
N ASN D 152 64.19 -2.67 -23.55
CA ASN D 152 64.78 -3.16 -22.30
C ASN D 152 64.69 -2.14 -21.17
N ALA D 153 63.71 -1.25 -21.22
CA ALA D 153 63.49 -0.26 -20.17
C ALA D 153 62.10 -0.43 -19.59
N LEU D 154 62.01 -0.38 -18.26
CA LEU D 154 60.77 -0.70 -17.57
C LEU D 154 59.84 0.50 -17.51
N GLN D 155 58.55 0.24 -17.72
CA GLN D 155 57.52 1.27 -17.70
C GLN D 155 56.75 1.23 -16.38
N SER D 156 56.14 2.36 -16.05
CA SER D 156 55.39 2.46 -14.79
C SER D 156 54.50 3.70 -14.85
N GLY D 157 53.51 3.72 -13.95
CA GLY D 157 52.57 4.83 -13.88
C GLY D 157 51.73 5.05 -15.11
N ASN D 158 51.62 4.05 -15.99
CA ASN D 158 50.96 4.21 -17.28
C ASN D 158 50.12 3.02 -17.70
N SER D 159 50.45 1.80 -17.31
CA SER D 159 49.66 0.64 -17.67
C SER D 159 48.34 0.64 -16.91
N GLN D 160 47.38 -0.12 -17.42
CA GLN D 160 46.07 -0.22 -16.82
C GLN D 160 45.61 -1.67 -16.80
N GLU D 161 45.17 -2.13 -15.64
CA GLU D 161 44.75 -3.51 -15.45
C GLU D 161 43.23 -3.65 -15.59
N SER D 162 42.80 -4.90 -15.80
CA SER D 162 41.38 -5.20 -16.01
C SER D 162 41.12 -6.69 -15.83
N VAL D 163 40.28 -7.06 -14.86
CA VAL D 163 40.06 -8.45 -14.50
C VAL D 163 38.62 -8.84 -14.81
N THR D 164 38.45 -9.85 -15.66
CA THR D 164 37.12 -10.36 -15.95
C THR D 164 36.53 -11.05 -14.72
N GLU D 165 35.32 -11.57 -14.87
CA GLU D 165 34.75 -12.44 -13.86
C GLU D 165 35.31 -13.85 -14.02
N GLN D 166 35.04 -14.68 -13.01
CA GLN D 166 35.47 -16.07 -13.08
C GLN D 166 34.48 -16.87 -13.92
N ASP D 167 35.02 -17.71 -14.82
CA ASP D 167 34.22 -18.34 -15.85
C ASP D 167 33.17 -19.28 -15.23
N SER D 168 32.22 -19.70 -16.07
CA SER D 168 31.25 -20.74 -15.74
C SER D 168 31.61 -22.10 -16.31
N LYS D 169 32.18 -22.15 -17.53
CA LYS D 169 32.53 -23.43 -18.11
C LYS D 169 33.73 -24.06 -17.41
N ASP D 170 34.57 -23.24 -16.77
CA ASP D 170 35.70 -23.80 -16.04
C ASP D 170 36.17 -22.92 -14.90
N SER D 171 35.52 -21.81 -14.60
CA SER D 171 35.89 -20.92 -13.50
C SER D 171 37.33 -20.42 -13.65
N THR D 172 37.65 -19.91 -14.82
CA THR D 172 38.94 -19.29 -15.09
C THR D 172 38.79 -17.77 -15.15
N TYR D 173 39.94 -17.11 -15.25
CA TYR D 173 40.01 -15.65 -15.29
C TYR D 173 40.64 -15.18 -16.58
N SER D 174 40.63 -13.86 -16.77
CA SER D 174 41.23 -13.24 -17.95
C SER D 174 41.52 -11.78 -17.61
N LEU D 175 42.71 -11.30 -18.03
CA LEU D 175 43.17 -9.97 -17.67
C LEU D 175 43.76 -9.27 -18.89
N SER D 176 43.65 -7.94 -18.92
CA SER D 176 44.22 -7.12 -19.98
C SER D 176 45.01 -5.99 -19.36
N SER D 177 46.30 -5.92 -19.65
CA SER D 177 47.15 -4.81 -19.22
C SER D 177 47.25 -3.81 -20.35
N THR D 178 46.65 -2.63 -20.16
CA THR D 178 46.55 -1.64 -21.22
C THR D 178 47.58 -0.55 -21.00
N LEU D 179 48.45 -0.35 -21.99
CA LEU D 179 49.47 0.69 -21.96
C LEU D 179 49.16 1.69 -23.06
N THR D 180 48.75 2.89 -22.67
CA THR D 180 48.43 3.97 -23.60
C THR D 180 49.55 5.00 -23.59
N LEU D 181 50.06 5.32 -24.79
CA LEU D 181 51.16 6.27 -24.94
C LEU D 181 50.86 7.19 -26.12
N SER D 182 51.84 8.04 -26.46
CA SER D 182 51.73 8.94 -27.60
C SER D 182 52.41 8.33 -28.82
N LYS D 183 51.82 8.57 -29.99
CA LYS D 183 52.42 8.11 -31.24
C LYS D 183 53.88 8.57 -31.35
N ALA D 184 54.19 9.76 -30.81
CA ALA D 184 55.57 10.22 -30.75
C ALA D 184 56.41 9.26 -29.93
N ASP D 185 56.03 9.06 -28.66
CA ASP D 185 56.73 8.09 -27.82
C ASP D 185 56.71 6.71 -28.45
N TYR D 186 55.63 6.37 -29.14
CA TYR D 186 55.54 5.07 -29.81
C TYR D 186 56.60 4.93 -30.89
N GLU D 187 56.49 5.73 -31.95
CA GLU D 187 57.39 5.61 -33.09
C GLU D 187 58.84 5.89 -32.70
N LYS D 188 59.04 6.38 -31.48
CA LYS D 188 60.37 6.59 -30.94
C LYS D 188 60.99 5.32 -30.36
N HIS D 189 60.32 4.18 -30.48
CA HIS D 189 60.82 2.94 -29.92
C HIS D 189 60.45 1.79 -30.85
N LYS D 190 61.09 0.63 -30.64
CA LYS D 190 61.01 -0.47 -31.59
C LYS D 190 60.59 -1.79 -30.96
N VAL D 191 61.36 -2.27 -29.99
CA VAL D 191 61.11 -3.56 -29.36
C VAL D 191 60.16 -3.37 -28.19
N TYR D 192 58.94 -3.86 -28.32
CA TYR D 192 57.90 -3.73 -27.31
C TYR D 192 57.59 -5.10 -26.72
N ALA D 193 57.68 -5.20 -25.39
CA ALA D 193 57.53 -6.48 -24.71
C ALA D 193 56.76 -6.29 -23.40
N CYS D 194 56.20 -7.39 -22.91
CA CYS D 194 55.54 -7.44 -21.60
C CYS D 194 55.98 -8.72 -20.89
N GLU D 195 56.67 -8.56 -19.76
CA GLU D 195 57.15 -9.70 -18.98
C GLU D 195 56.13 -10.02 -17.89
N VAL D 196 55.63 -11.25 -17.88
CA VAL D 196 54.54 -11.67 -17.01
C VAL D 196 55.09 -12.51 -15.86
N THR D 197 54.76 -12.13 -14.64
CA THR D 197 55.17 -12.87 -13.44
C THR D 197 53.92 -13.44 -12.77
N HIS D 198 53.72 -14.75 -12.91
CA HIS D 198 52.56 -15.42 -12.35
C HIS D 198 53.02 -16.68 -11.63
N GLN D 199 52.27 -17.07 -10.60
CA GLN D 199 52.65 -18.21 -9.76
C GLN D 199 52.68 -19.49 -10.57
N GLY D 200 51.65 -19.73 -11.38
CA GLY D 200 51.60 -20.94 -12.19
C GLY D 200 52.56 -20.92 -13.36
N LEU D 201 53.83 -20.63 -13.10
CA LEU D 201 54.82 -20.53 -14.16
C LEU D 201 56.16 -21.05 -13.65
N SER D 202 56.82 -21.89 -14.46
CA SER D 202 58.18 -22.31 -14.14
C SER D 202 59.17 -21.17 -14.34
N SER D 203 58.83 -20.20 -15.19
CA SER D 203 59.70 -19.06 -15.45
C SER D 203 58.83 -17.98 -16.05
N PRO D 204 59.02 -16.71 -15.67
CA PRO D 204 58.18 -15.64 -16.22
C PRO D 204 58.31 -15.53 -17.74
N VAL D 205 57.18 -15.29 -18.40
CA VAL D 205 57.11 -15.23 -19.86
C VAL D 205 57.35 -13.79 -20.30
N THR D 206 57.85 -13.63 -21.53
CA THR D 206 58.14 -12.31 -22.08
C THR D 206 57.81 -12.36 -23.57
N LYS D 207 56.67 -11.81 -23.95
CA LYS D 207 56.24 -11.75 -25.34
C LYS D 207 56.55 -10.37 -25.90
N SER D 208 57.14 -10.33 -27.10
CA SER D 208 57.61 -9.08 -27.68
C SER D 208 57.24 -9.02 -29.16
N PHE D 209 57.49 -7.86 -29.76
CA PHE D 209 57.38 -7.68 -31.20
C PHE D 209 58.24 -6.50 -31.60
N ASN D 210 58.56 -6.44 -32.89
CA ASN D 210 59.32 -5.33 -33.46
C ASN D 210 58.35 -4.33 -34.07
N ARG D 211 58.60 -3.05 -33.78
CA ARG D 211 57.73 -1.98 -34.29
C ARG D 211 57.69 -2.02 -35.81
N GLY D 212 56.50 -2.26 -36.35
CA GLY D 212 56.32 -2.39 -37.78
C GLY D 212 55.07 -3.16 -38.15
N GLU D 213 55.22 -4.22 -38.94
CA GLU D 213 54.10 -5.04 -39.35
C GLU D 213 53.69 -6.01 -38.25
N GLU E 1 -25.54 9.89 11.39
CA GLU E 1 -26.37 9.85 12.58
C GLU E 1 -27.02 11.21 12.83
N VAL E 2 -27.33 11.49 14.10
CA VAL E 2 -27.78 12.83 14.48
C VAL E 2 -26.60 13.78 14.40
N GLN E 3 -26.82 14.94 13.76
CA GLN E 3 -25.79 15.96 13.59
C GLN E 3 -26.37 17.31 13.99
N LEU E 4 -25.47 18.22 14.41
CA LEU E 4 -25.88 19.54 14.90
C LEU E 4 -24.70 20.52 14.68
N GLN E 5 -24.51 20.89 13.41
CA GLN E 5 -23.56 21.94 13.07
C GLN E 5 -24.12 23.31 13.45
N GLN E 6 -23.22 24.23 13.78
CA GLN E 6 -23.61 25.53 14.36
C GLN E 6 -22.79 26.65 13.74
N SER E 7 -23.35 27.32 12.74
CA SER E 7 -22.87 28.60 12.20
C SER E 7 -21.38 28.58 11.85
N GLY E 8 -20.69 29.70 12.11
CA GLY E 8 -19.29 29.82 11.77
C GLY E 8 -18.58 30.78 12.70
N ALA E 9 -17.27 30.56 12.86
CA ALA E 9 -16.44 31.34 13.78
C ALA E 9 -16.14 32.70 13.16
N GLU E 10 -16.84 33.73 13.64
CA GLU E 10 -16.74 35.06 13.06
C GLU E 10 -16.41 36.09 14.15
N LEU E 11 -16.32 37.35 13.74
CA LEU E 11 -15.98 38.46 14.61
C LEU E 11 -16.84 39.65 14.26
N VAL E 12 -17.33 40.36 15.28
CA VAL E 12 -18.18 41.52 15.09
C VAL E 12 -17.70 42.65 15.99
N LYS E 13 -18.20 43.83 15.71
CA LYS E 13 -17.95 44.99 16.56
C LYS E 13 -18.93 45.00 17.72
N PRO E 14 -18.55 45.60 18.85
CA PRO E 14 -19.48 45.72 19.97
C PRO E 14 -20.71 46.55 19.59
N GLY E 15 -21.80 46.30 20.31
CA GLY E 15 -23.06 46.95 20.04
C GLY E 15 -23.88 46.33 18.92
N ALA E 16 -23.35 45.33 18.22
CA ALA E 16 -23.98 44.77 17.03
C ALA E 16 -24.64 43.43 17.35
N SER E 17 -25.54 43.03 16.46
CA SER E 17 -26.24 41.75 16.56
C SER E 17 -25.53 40.70 15.71
N VAL E 18 -26.07 39.48 15.72
CA VAL E 18 -25.44 38.34 15.07
C VAL E 18 -26.49 37.27 14.80
N LYS E 19 -26.08 36.19 14.13
CA LYS E 19 -26.98 35.07 13.84
C LYS E 19 -26.16 33.79 13.82
N LEU E 20 -26.52 32.84 14.69
CA LEU E 20 -25.81 31.57 14.85
C LEU E 20 -26.78 30.44 14.53
N SER E 21 -26.79 30.01 13.27
CA SER E 21 -27.70 28.95 12.82
C SER E 21 -27.12 27.60 13.20
N CYS E 22 -27.61 27.03 14.29
CA CYS E 22 -27.24 25.67 14.69
C CYS E 22 -28.10 24.70 13.89
N THR E 23 -27.60 24.33 12.72
CA THR E 23 -28.32 23.39 11.86
C THR E 23 -28.37 22.01 12.51
N ALA E 24 -29.58 21.46 12.61
CA ALA E 24 -29.80 20.17 13.25
C ALA E 24 -30.33 19.18 12.23
N SER E 25 -29.77 17.97 12.22
CA SER E 25 -30.15 16.94 11.26
C SER E 25 -30.11 15.58 11.94
N GLY E 26 -30.69 14.59 11.25
CA GLY E 26 -30.82 13.25 11.77
C GLY E 26 -31.72 13.09 12.97
N PHE E 27 -32.36 14.17 13.44
CA PHE E 27 -33.25 14.09 14.59
C PHE E 27 -34.58 14.75 14.26
N ASN E 28 -35.67 14.21 14.81
CA ASN E 28 -36.97 14.84 14.66
C ASN E 28 -36.98 16.17 15.40
N ILE E 29 -37.16 17.27 14.66
CA ILE E 29 -37.02 18.59 15.26
C ILE E 29 -38.14 18.87 16.26
N LYS E 30 -39.33 18.33 16.03
CA LYS E 30 -40.45 18.57 16.95
C LYS E 30 -40.15 18.12 18.38
N ASP E 31 -39.11 17.31 18.57
CA ASP E 31 -38.71 16.83 19.88
C ASP E 31 -37.39 17.42 20.34
N THR E 32 -36.99 18.56 19.77
CA THR E 32 -35.66 19.10 20.04
C THR E 32 -35.58 19.71 21.44
N TYR E 33 -36.34 20.77 21.68
CA TYR E 33 -36.24 21.56 22.91
C TYR E 33 -34.80 22.02 23.12
N ILE E 34 -34.23 22.59 22.06
CA ILE E 34 -32.79 22.88 21.95
C ILE E 34 -32.26 23.65 23.15
N TYR E 35 -31.00 23.39 23.51
CA TYR E 35 -30.32 24.07 24.60
C TYR E 35 -29.11 24.83 24.05
N TRP E 36 -28.75 25.93 24.72
CA TRP E 36 -27.63 26.76 24.34
C TRP E 36 -26.78 27.07 25.56
N VAL E 37 -25.46 27.12 25.38
CA VAL E 37 -24.51 27.44 26.45
C VAL E 37 -23.31 28.14 25.82
N ARG E 38 -22.68 29.02 26.60
CA ARG E 38 -21.44 29.68 26.20
C ARG E 38 -20.30 29.29 27.14
N GLN E 39 -19.07 29.52 26.67
CA GLN E 39 -17.88 29.20 27.45
C GLN E 39 -16.66 29.90 26.86
N ARG E 40 -15.84 30.49 27.72
CA ARG E 40 -14.56 31.08 27.35
C ARG E 40 -13.44 30.43 28.13
N PRO E 41 -12.23 30.30 27.54
CA PRO E 41 -11.14 29.59 28.21
C PRO E 41 -10.70 30.21 29.53
N GLU E 42 -11.36 31.29 29.96
CA GLU E 42 -11.06 31.85 31.27
C GLU E 42 -12.29 32.45 31.95
N GLN E 43 -13.49 32.11 31.49
CA GLN E 43 -14.73 32.65 32.04
C GLN E 43 -15.51 31.61 32.84
N GLY E 44 -15.99 30.56 32.18
CA GLY E 44 -16.74 29.51 32.84
C GLY E 44 -18.01 29.21 32.10
N LEU E 45 -18.86 28.39 32.72
CA LEU E 45 -20.09 27.93 32.11
C LEU E 45 -21.23 28.91 32.38
N GLU E 46 -22.26 28.83 31.55
CA GLU E 46 -23.39 29.75 31.65
C GLU E 46 -24.60 29.15 30.95
N TRP E 47 -25.68 28.95 31.70
CA TRP E 47 -26.93 28.45 31.12
C TRP E 47 -27.60 29.57 30.34
N ILE E 48 -27.64 29.45 29.01
CA ILE E 48 -28.35 30.43 28.21
C ILE E 48 -29.84 30.24 28.45
N GLY E 49 -30.43 29.19 27.90
CA GLY E 49 -31.83 28.96 28.14
C GLY E 49 -32.35 27.76 27.39
N ARG E 50 -33.67 27.60 27.42
CA ARG E 50 -34.37 26.48 26.81
C ARG E 50 -35.36 27.01 25.78
N ILE E 51 -35.36 26.42 24.59
CA ILE E 51 -36.27 26.81 23.52
C ILE E 51 -36.91 25.54 22.95
N ASP E 52 -38.23 25.44 23.06
CA ASP E 52 -38.95 24.27 22.58
C ASP E 52 -39.62 24.57 21.24
N PRO E 53 -39.42 23.74 20.23
CA PRO E 53 -39.92 24.05 18.89
C PRO E 53 -41.40 23.74 18.70
N ALA E 54 -41.93 22.76 19.44
CA ALA E 54 -43.31 22.35 19.28
C ALA E 54 -44.26 23.51 19.55
N ASN E 55 -44.04 24.23 20.65
CA ASN E 55 -44.80 25.43 20.94
C ASN E 55 -44.14 26.68 20.37
N GLY E 56 -42.81 26.74 20.41
CA GLY E 56 -42.07 27.92 20.00
C GLY E 56 -41.59 28.78 21.16
N ASN E 57 -41.99 28.47 22.38
CA ASN E 57 -41.64 29.26 23.54
C ASN E 57 -40.19 29.05 23.94
N THR E 58 -39.62 30.07 24.59
CA THR E 58 -38.24 30.04 25.07
C THR E 58 -38.21 30.26 26.57
N LYS E 59 -37.31 29.55 27.25
CA LYS E 59 -37.01 29.77 28.66
C LYS E 59 -35.63 30.40 28.79
N TYR E 60 -35.56 31.50 29.52
CA TYR E 60 -34.31 32.25 29.60
C TYR E 60 -33.87 32.49 31.04
N ASP E 61 -32.87 33.36 31.22
CA ASP E 61 -32.35 33.75 32.51
C ASP E 61 -32.46 35.26 32.69
N PRO E 62 -32.79 35.74 33.90
CA PRO E 62 -33.01 37.18 34.07
C PRO E 62 -31.80 38.04 33.79
N LYS E 63 -30.59 37.53 34.03
CA LYS E 63 -29.39 38.35 33.85
C LYS E 63 -29.19 38.71 32.39
N VAL E 64 -29.62 37.85 31.47
CA VAL E 64 -29.52 38.10 30.04
C VAL E 64 -30.86 38.50 29.44
N GLN E 65 -31.95 37.82 29.83
CA GLN E 65 -33.30 38.06 29.32
C GLN E 65 -33.34 38.34 27.83
N GLY E 66 -33.74 39.56 27.45
CA GLY E 66 -33.88 39.93 26.06
C GLY E 66 -32.61 40.32 25.33
N LYS E 67 -31.44 40.16 25.95
CA LYS E 67 -30.20 40.37 25.21
C LYS E 67 -30.08 39.34 24.08
N ALA E 68 -30.45 38.09 24.36
CA ALA E 68 -30.47 37.03 23.36
C ALA E 68 -31.88 36.85 22.80
N THR E 69 -31.95 36.09 21.70
CA THR E 69 -33.23 35.83 21.04
C THR E 69 -33.09 34.55 20.23
N ILE E 70 -33.93 33.56 20.53
CA ILE E 70 -33.89 32.26 19.85
C ILE E 70 -35.05 32.19 18.88
N THR E 71 -34.78 31.64 17.69
CA THR E 71 -35.82 31.33 16.72
C THR E 71 -35.60 29.92 16.21
N ALA E 72 -36.59 29.39 15.52
CA ALA E 72 -36.52 28.03 15.00
C ALA E 72 -37.14 27.99 13.60
N ASP E 73 -36.63 27.07 12.78
CA ASP E 73 -37.18 26.80 11.47
C ASP E 73 -37.35 25.31 11.29
N THR E 74 -38.39 24.93 10.54
CA THR E 74 -38.70 23.54 10.30
C THR E 74 -38.37 23.08 8.89
N SER E 75 -38.41 23.97 7.90
CA SER E 75 -38.01 23.60 6.55
C SER E 75 -36.52 23.27 6.50
N SER E 76 -35.68 24.20 6.93
CA SER E 76 -34.26 23.93 7.06
C SER E 76 -33.92 23.17 8.33
N ASN E 77 -34.90 22.97 9.23
CA ASN E 77 -34.70 22.23 10.47
C ASN E 77 -33.55 22.84 11.29
N THR E 78 -33.53 24.17 11.37
CA THR E 78 -32.42 24.89 11.98
C THR E 78 -32.93 25.85 13.04
N ALA E 79 -32.29 25.84 14.20
CA ALA E 79 -32.54 26.82 15.25
C ALA E 79 -31.37 27.79 15.29
N TYR E 80 -31.67 29.06 15.54
CA TYR E 80 -30.67 30.12 15.54
C TYR E 80 -30.64 30.81 16.91
N LEU E 81 -29.62 31.64 17.09
CA LEU E 81 -29.45 32.40 18.32
C LEU E 81 -28.81 33.73 17.97
N GLN E 82 -29.39 34.83 18.47
CA GLN E 82 -28.92 36.17 18.18
C GLN E 82 -28.61 36.92 19.47
N LEU E 83 -27.87 38.02 19.33
CA LEU E 83 -27.53 38.89 20.45
C LEU E 83 -26.98 40.23 19.98
N SER E 84 -27.68 41.31 20.27
CA SER E 84 -27.15 42.65 20.02
C SER E 84 -26.16 42.97 21.14
N SER E 85 -24.93 42.49 20.96
CA SER E 85 -23.92 42.45 22.01
C SER E 85 -23.53 43.83 22.53
N LEU E 86 -24.11 44.22 23.66
CA LEU E 86 -23.68 45.46 24.32
C LEU E 86 -22.44 45.21 25.18
N THR E 87 -22.41 44.12 25.93
CA THR E 87 -21.30 43.85 26.83
C THR E 87 -20.15 43.18 26.08
N PHE E 88 -19.10 42.84 26.83
CA PHE E 88 -17.88 42.28 26.24
C PHE E 88 -17.54 40.93 26.86
N GLU E 89 -17.95 40.70 28.12
CA GLU E 89 -17.73 39.41 28.75
C GLU E 89 -18.40 38.28 27.98
N ASP E 90 -19.36 38.60 27.11
CA ASP E 90 -20.01 37.60 26.27
C ASP E 90 -19.04 36.95 25.30
N THR E 91 -17.89 37.57 25.04
CA THR E 91 -16.94 37.03 24.08
C THR E 91 -16.50 35.63 24.50
N ALA E 92 -17.00 34.62 23.80
CA ALA E 92 -16.77 33.23 24.14
C ALA E 92 -17.19 32.31 23.01
N VAL E 93 -17.36 31.03 23.29
CA VAL E 93 -17.83 30.06 22.31
C VAL E 93 -19.32 29.85 22.55
N TYR E 94 -20.02 29.34 21.54
CA TYR E 94 -21.45 29.15 21.61
C TYR E 94 -21.79 27.72 21.18
N TYR E 95 -22.44 26.98 22.07
CA TYR E 95 -22.80 25.59 21.83
C TYR E 95 -24.32 25.45 21.74
N CYS E 96 -24.76 24.35 21.13
CA CYS E 96 -26.16 23.96 21.08
C CYS E 96 -26.26 22.47 21.33
N ALA E 97 -27.16 22.06 22.23
CA ALA E 97 -27.24 20.68 22.68
C ALA E 97 -28.64 20.12 22.48
N LEU E 98 -28.69 18.81 22.23
CA LEU E 98 -29.94 18.07 22.04
C LEU E 98 -29.83 16.73 22.75
N GLU E 99 -30.87 16.38 23.52
CA GLU E 99 -30.95 15.10 24.22
C GLU E 99 -32.02 14.25 23.55
N HIS E 100 -31.60 13.27 22.76
CA HIS E 100 -32.54 12.35 22.14
C HIS E 100 -33.05 11.36 23.17
N GLY E 101 -34.35 11.37 23.43
CA GLY E 101 -34.92 10.52 24.44
C GLY E 101 -34.91 11.16 25.82
N TYR E 102 -35.93 10.85 26.63
CA TYR E 102 -36.02 11.33 28.00
C TYR E 102 -35.65 10.27 29.02
N TYR E 103 -35.25 9.08 28.57
CA TYR E 103 -34.82 8.03 29.49
C TYR E 103 -33.73 7.22 28.81
N ASP E 104 -32.62 7.01 29.52
CA ASP E 104 -31.43 6.39 28.96
C ASP E 104 -31.05 7.07 27.65
N VAL E 105 -31.02 8.41 27.70
CA VAL E 105 -31.01 9.25 26.52
C VAL E 105 -29.72 9.08 25.71
N MET E 106 -29.69 9.72 24.55
CA MET E 106 -28.48 9.84 23.73
C MET E 106 -28.38 11.33 23.38
N ASP E 107 -27.63 12.06 24.20
CA ASP E 107 -27.51 13.50 23.96
C ASP E 107 -26.51 13.75 22.83
N TYR E 108 -26.64 14.93 22.22
CA TYR E 108 -25.74 15.34 21.16
C TYR E 108 -25.40 16.81 21.34
N TRP E 109 -24.26 17.21 20.78
CA TRP E 109 -23.79 18.58 20.92
C TRP E 109 -23.39 19.16 19.57
N GLY E 110 -22.72 20.30 19.59
CA GLY E 110 -22.11 20.85 18.41
C GLY E 110 -20.67 21.19 18.69
N GLN E 111 -19.91 21.41 17.62
CA GLN E 111 -18.51 21.78 17.76
C GLN E 111 -18.36 23.15 18.43
N GLY E 112 -19.39 23.98 18.41
CA GLY E 112 -19.34 25.28 19.02
C GLY E 112 -18.68 26.33 18.15
N THR E 113 -19.38 27.43 17.90
CA THR E 113 -18.83 28.52 17.11
C THR E 113 -18.09 29.48 18.03
N SER E 114 -16.80 29.70 17.74
CA SER E 114 -15.97 30.60 18.53
C SER E 114 -16.01 31.99 17.91
N VAL E 115 -16.55 32.96 18.66
CA VAL E 115 -16.72 34.31 18.16
C VAL E 115 -16.14 35.31 19.15
N THR E 116 -15.60 36.39 18.61
CA THR E 116 -15.04 37.47 19.40
C THR E 116 -15.77 38.76 19.12
N VAL E 117 -15.89 39.59 20.15
CA VAL E 117 -16.47 40.93 20.00
C VAL E 117 -15.37 41.95 20.24
N SER E 118 -14.51 42.13 19.25
CA SER E 118 -13.36 43.00 19.36
C SER E 118 -13.59 44.28 18.55
N SER E 119 -12.79 45.29 18.87
CA SER E 119 -12.85 46.56 18.16
C SER E 119 -11.88 46.63 16.99
N ALA E 120 -10.92 45.73 16.90
CA ALA E 120 -9.95 45.74 15.82
C ALA E 120 -10.52 45.04 14.60
N SER E 121 -9.66 44.69 13.65
CA SER E 121 -10.06 44.06 12.41
C SER E 121 -9.41 42.67 12.30
N THR E 122 -9.76 41.95 11.24
CA THR E 122 -9.22 40.61 11.03
C THR E 122 -7.84 40.69 10.40
N LYS E 123 -7.04 39.67 10.67
CA LYS E 123 -5.67 39.59 10.18
C LYS E 123 -5.45 38.22 9.54
N GLY E 124 -4.95 38.24 8.31
CA GLY E 124 -4.61 37.02 7.60
C GLY E 124 -3.40 36.34 8.21
N PRO E 125 -3.52 35.04 8.46
CA PRO E 125 -2.42 34.32 9.12
C PRO E 125 -1.19 34.19 8.23
N SER E 126 -0.02 34.41 8.84
CA SER E 126 1.26 34.25 8.18
C SER E 126 1.83 32.90 8.60
N VAL E 127 1.93 31.96 7.65
CA VAL E 127 2.35 30.60 7.93
C VAL E 127 3.70 30.35 7.28
N PHE E 128 4.63 29.77 8.05
CA PHE E 128 5.94 29.38 7.56
C PHE E 128 6.26 27.96 8.03
N PRO E 129 6.95 27.18 7.20
CA PRO E 129 7.21 25.78 7.56
C PRO E 129 8.39 25.62 8.50
N LEU E 130 8.37 24.51 9.23
CA LEU E 130 9.45 24.12 10.13
C LEU E 130 10.02 22.79 9.64
N ALA E 131 11.29 22.79 9.24
CA ALA E 131 11.92 21.59 8.73
C ALA E 131 13.40 21.64 9.04
N PRO E 132 14.06 20.49 9.17
CA PRO E 132 15.51 20.50 9.38
C PRO E 132 16.28 20.54 8.07
N SER E 133 16.73 21.73 7.68
CA SER E 133 17.52 21.88 6.46
C SER E 133 18.92 21.30 6.62
N SER E 134 19.10 20.03 6.26
CA SER E 134 20.40 19.35 6.33
C SER E 134 20.96 19.39 7.75
N LYS E 135 20.11 19.00 8.71
CA LYS E 135 20.54 19.00 10.11
C LYS E 135 21.47 17.82 10.40
N SER E 136 21.07 16.62 10.00
CA SER E 136 21.85 15.40 10.22
C SER E 136 22.20 15.24 11.70
N THR E 137 21.24 15.55 12.57
CA THR E 137 21.39 15.44 14.03
C THR E 137 20.07 14.95 14.63
N SER E 138 19.85 13.64 14.57
CA SER E 138 18.69 13.00 15.18
C SER E 138 18.89 11.48 15.25
N GLY E 139 17.79 10.73 15.30
CA GLY E 139 17.85 9.28 15.31
C GLY E 139 17.05 8.66 14.19
N GLY E 140 16.44 7.50 14.45
CA GLY E 140 15.66 6.81 13.44
C GLY E 140 14.27 7.38 13.28
N THR E 141 14.02 8.52 13.94
CA THR E 141 12.72 9.17 13.90
C THR E 141 12.93 10.67 14.11
N ALA E 142 12.30 11.47 13.26
CA ALA E 142 12.48 12.92 13.24
C ALA E 142 11.12 13.61 13.36
N ALA E 143 11.15 14.94 13.28
CA ALA E 143 9.95 15.74 13.41
C ALA E 143 10.15 17.08 12.70
N LEU E 144 9.04 17.65 12.22
CA LEU E 144 9.03 18.95 11.56
C LEU E 144 7.61 19.48 11.63
N GLY E 145 7.41 20.70 11.15
CA GLY E 145 6.08 21.28 11.23
C GLY E 145 5.91 22.59 10.50
N CYS E 146 4.94 23.37 10.99
CA CYS E 146 4.59 24.68 10.46
C CYS E 146 4.58 25.69 11.60
N LEU E 147 4.42 26.96 11.23
CA LEU E 147 4.31 28.05 12.20
C LEU E 147 3.34 29.08 11.66
N VAL E 148 2.34 29.44 12.46
CA VAL E 148 1.40 30.49 12.11
C VAL E 148 1.77 31.74 12.91
N LYS E 149 2.14 32.81 12.21
CA LYS E 149 2.75 33.97 12.84
C LYS E 149 1.71 34.96 13.35
N ASP E 150 1.00 35.62 12.43
CA ASP E 150 0.17 36.78 12.77
C ASP E 150 -1.25 36.57 12.25
N TYR E 151 -2.21 36.46 13.16
CA TYR E 151 -3.60 36.23 12.79
C TYR E 151 -4.51 36.65 13.94
N PHE E 152 -5.78 36.92 13.59
CA PHE E 152 -6.77 37.31 14.58
C PHE E 152 -8.15 37.14 13.95
N PRO E 153 -9.15 36.63 14.68
CA PRO E 153 -9.13 36.22 16.09
C PRO E 153 -8.62 34.79 16.35
N GLU E 154 -9.03 34.22 17.49
CA GLU E 154 -8.53 32.96 18.03
C GLU E 154 -8.94 31.70 17.25
N PRO E 155 -10.17 31.61 16.71
CA PRO E 155 -10.54 30.41 15.94
C PRO E 155 -9.50 29.95 14.93
N VAL E 156 -9.02 28.72 15.10
CA VAL E 156 -7.96 28.14 14.28
C VAL E 156 -8.39 26.74 13.86
N THR E 157 -8.29 26.46 12.56
CA THR E 157 -8.61 25.14 12.01
C THR E 157 -7.42 24.70 11.17
N VAL E 158 -6.72 23.65 11.62
CA VAL E 158 -5.50 23.19 10.97
C VAL E 158 -5.61 21.70 10.67
N SER E 159 -5.09 21.28 9.52
CA SER E 159 -5.00 19.88 9.16
C SER E 159 -3.73 19.68 8.34
N TRP E 160 -3.42 18.41 8.08
CA TRP E 160 -2.19 18.02 7.40
C TRP E 160 -2.51 17.00 6.32
N ASN E 161 -2.28 17.37 5.06
CA ASN E 161 -2.54 16.51 3.91
C ASN E 161 -3.94 15.90 3.98
N SER E 162 -4.94 16.79 3.95
CA SER E 162 -6.35 16.44 4.04
C SER E 162 -6.72 15.83 5.40
N GLY E 163 -5.94 16.12 6.44
CA GLY E 163 -6.18 15.50 7.73
C GLY E 163 -5.99 14.01 7.76
N ALA E 164 -5.20 13.46 6.83
CA ALA E 164 -5.01 12.02 6.74
C ALA E 164 -4.28 11.49 7.98
N LEU E 165 -3.09 12.02 8.25
CA LEU E 165 -2.31 11.58 9.40
C LEU E 165 -2.97 12.09 10.67
N THR E 166 -3.76 11.23 11.31
CA THR E 166 -4.50 11.62 12.51
C THR E 166 -3.62 11.56 13.75
N SER E 167 -2.90 10.45 13.94
CA SER E 167 -2.01 10.31 15.08
C SER E 167 -0.60 10.77 14.69
N GLY E 168 0.26 10.89 15.71
CA GLY E 168 1.60 11.40 15.53
C GLY E 168 1.73 12.91 15.60
N VAL E 169 0.62 13.62 15.73
CA VAL E 169 0.63 15.07 15.73
C VAL E 169 0.46 15.58 17.17
N HIS E 170 0.73 16.87 17.35
CA HIS E 170 0.47 17.56 18.62
C HIS E 170 0.10 18.99 18.27
N THR E 171 -1.06 19.44 18.75
CA THR E 171 -1.57 20.77 18.48
C THR E 171 -1.51 21.60 19.75
N PHE E 172 -0.73 22.69 19.71
CA PHE E 172 -0.47 23.55 20.85
C PHE E 172 -1.53 24.63 20.97
N PRO E 173 -1.70 25.22 22.15
CA PRO E 173 -2.63 26.34 22.31
C PRO E 173 -2.14 27.57 21.55
N ALA E 174 -3.05 28.55 21.45
CA ALA E 174 -2.78 29.78 20.72
C ALA E 174 -2.20 30.81 21.69
N VAL E 175 -0.91 31.12 21.52
CA VAL E 175 -0.24 32.11 22.35
C VAL E 175 -0.16 33.42 21.58
N LEU E 176 -0.07 34.52 22.32
CA LEU E 176 0.00 35.85 21.72
C LEU E 176 1.45 36.31 21.64
N GLN E 177 1.79 36.93 20.51
CA GLN E 177 3.13 37.50 20.35
C GLN E 177 3.29 38.72 21.25
N SER E 178 4.51 39.25 21.28
CA SER E 178 4.75 40.51 21.98
C SER E 178 3.95 41.67 21.40
N SER E 179 3.25 41.47 20.27
CA SER E 179 2.48 42.53 19.63
C SER E 179 0.97 42.36 19.83
N GLY E 180 0.55 41.41 20.66
CA GLY E 180 -0.86 41.15 20.85
C GLY E 180 -1.51 40.32 19.78
N LEU E 181 -0.74 39.70 18.89
CA LEU E 181 -1.29 38.85 17.85
C LEU E 181 -1.08 37.39 18.21
N TYR E 182 -2.08 36.57 17.91
CA TYR E 182 -1.99 35.15 18.23
C TYR E 182 -0.97 34.46 17.31
N SER E 183 -0.39 33.38 17.82
CA SER E 183 0.63 32.63 17.10
C SER E 183 0.77 31.27 17.74
N LEU E 184 1.08 30.27 16.92
CA LEU E 184 1.27 28.91 17.38
C LEU E 184 2.02 28.13 16.32
N SER E 185 2.13 26.81 16.51
CA SER E 185 2.83 25.95 15.57
C SER E 185 2.13 24.59 15.55
N SER E 186 2.19 23.93 14.40
CA SER E 186 1.67 22.59 14.23
C SER E 186 2.81 21.69 13.74
N VAL E 187 2.94 20.51 14.33
CA VAL E 187 4.05 19.60 14.06
C VAL E 187 3.52 18.16 14.04
N VAL E 188 4.43 17.23 13.78
CA VAL E 188 4.14 15.80 13.69
C VAL E 188 5.45 15.03 13.65
N THR E 189 5.47 13.83 14.20
CA THR E 189 6.64 12.97 14.16
C THR E 189 6.39 11.75 13.30
N VAL E 190 7.43 11.33 12.60
CA VAL E 190 7.40 10.15 11.73
C VAL E 190 8.77 9.48 11.80
N PRO E 191 8.88 8.20 11.50
CA PRO E 191 10.21 7.57 11.45
C PRO E 191 11.06 8.15 10.34
N SER E 192 12.36 7.82 10.38
CA SER E 192 13.30 8.32 9.39
C SER E 192 13.01 7.79 7.99
N SER E 193 12.24 6.72 7.87
CA SER E 193 12.00 6.10 6.57
C SER E 193 11.03 6.88 5.69
N SER E 194 10.36 7.90 6.23
CA SER E 194 9.33 8.62 5.51
C SER E 194 9.82 9.88 4.82
N LEU E 195 11.11 10.23 4.97
CA LEU E 195 11.65 11.46 4.41
C LEU E 195 12.03 11.27 2.95
N GLY E 196 12.03 12.37 2.21
CA GLY E 196 12.15 12.29 0.76
C GLY E 196 11.02 11.56 0.07
N THR E 197 9.93 11.28 0.78
CA THR E 197 8.82 10.50 0.24
C THR E 197 7.54 11.33 0.23
N GLN E 198 6.60 11.02 1.12
CA GLN E 198 5.39 11.81 1.23
C GLN E 198 5.71 13.22 1.70
N THR E 199 5.15 14.22 1.01
CA THR E 199 5.44 15.62 1.31
C THR E 199 4.68 16.11 2.53
N TYR E 200 4.42 17.41 2.60
CA TYR E 200 3.73 18.01 3.73
C TYR E 200 2.72 19.02 3.21
N ILE E 201 1.85 19.48 4.11
CA ILE E 201 0.83 20.45 3.77
C ILE E 201 0.31 21.11 5.04
N CYS E 202 0.52 22.41 5.18
CA CYS E 202 0.03 23.16 6.34
C CYS E 202 -1.40 23.63 6.09
N ASN E 203 -2.30 22.66 5.87
CA ASN E 203 -3.69 22.96 5.58
C ASN E 203 -4.34 23.69 6.75
N VAL E 204 -4.75 24.93 6.50
CA VAL E 204 -5.39 25.76 7.51
C VAL E 204 -6.55 26.51 6.86
N ASN E 205 -7.65 26.61 7.60
CA ASN E 205 -8.82 27.37 7.15
C ASN E 205 -9.16 28.42 8.20
N HIS E 206 -9.68 29.56 7.74
CA HIS E 206 -9.87 30.74 8.58
C HIS E 206 -11.15 31.44 8.15
N LYS E 207 -12.23 31.22 8.89
CA LYS E 207 -13.53 31.80 8.52
C LYS E 207 -13.54 33.33 8.55
N PRO E 208 -13.11 34.02 9.64
CA PRO E 208 -13.26 35.49 9.67
C PRO E 208 -12.60 36.21 8.51
N SER E 209 -11.66 35.54 7.84
CA SER E 209 -11.05 36.06 6.63
C SER E 209 -11.37 35.26 5.39
N ASN E 210 -11.84 34.02 5.53
CA ASN E 210 -12.11 33.12 4.41
C ASN E 210 -10.84 32.93 3.56
N THR E 211 -9.84 32.32 4.20
CA THR E 211 -8.53 32.14 3.60
C THR E 211 -8.03 30.72 3.85
N LYS E 212 -7.49 30.10 2.81
CA LYS E 212 -6.98 28.73 2.87
C LYS E 212 -5.52 28.72 2.43
N VAL E 213 -4.64 28.29 3.32
CA VAL E 213 -3.19 28.35 3.10
C VAL E 213 -2.62 26.95 3.16
N ASP E 214 -1.49 26.76 2.48
CA ASP E 214 -0.75 25.50 2.48
C ASP E 214 0.63 25.74 1.85
N LYS E 215 1.64 25.06 2.38
CA LYS E 215 2.99 25.19 1.86
C LYS E 215 3.76 23.91 2.14
N ARG E 216 4.57 23.50 1.16
CA ARG E 216 5.34 22.26 1.27
C ARG E 216 6.50 22.47 2.22
N VAL E 217 6.47 21.74 3.35
CA VAL E 217 7.55 21.77 4.33
C VAL E 217 8.67 20.87 3.81
N GLU E 218 9.83 21.47 3.52
CA GLU E 218 10.96 20.76 2.97
C GLU E 218 12.23 21.37 3.54
N PRO E 219 13.34 20.64 3.48
CA PRO E 219 14.64 21.22 3.86
C PRO E 219 15.23 22.06 2.74
N LYS E 220 15.98 23.09 3.14
CA LYS E 220 16.64 24.02 2.21
C LYS E 220 15.66 24.68 1.26
N ASP F 1 -28.32 31.89 41.74
CA ASP F 1 -29.35 31.17 42.50
C ASP F 1 -28.75 30.24 43.55
N ILE F 2 -28.47 29.00 43.16
CA ILE F 2 -27.86 28.02 44.05
C ILE F 2 -26.40 27.85 43.65
N VAL F 3 -25.68 27.02 44.40
CA VAL F 3 -24.26 26.77 44.15
C VAL F 3 -24.00 25.28 44.30
N MET F 4 -23.27 24.71 43.34
CA MET F 4 -22.88 23.30 43.41
C MET F 4 -21.50 23.09 44.03
N THR F 5 -20.74 24.18 44.22
CA THR F 5 -19.36 24.12 44.70
C THR F 5 -18.47 23.32 43.75
N GLN F 6 -17.17 23.26 44.04
CA GLN F 6 -16.24 22.60 43.15
C GLN F 6 -15.06 21.97 43.88
N SER F 7 -14.96 22.22 45.19
CA SER F 7 -13.87 21.69 46.02
C SER F 7 -12.51 21.89 45.36
N GLN F 8 -11.70 20.85 45.35
CA GLN F 8 -10.42 20.91 44.66
C GLN F 8 -10.66 21.06 43.16
N LYS F 9 -10.39 22.25 42.64
CA LYS F 9 -10.58 22.50 41.21
C LYS F 9 -9.68 21.62 40.35
N PHE F 10 -8.58 21.10 40.90
CA PHE F 10 -7.78 20.11 40.21
C PHE F 10 -7.73 18.86 41.07
N MET F 11 -7.50 17.71 40.43
CA MET F 11 -7.46 16.46 41.18
C MET F 11 -6.64 15.46 40.39
N SER F 12 -5.55 15.00 40.98
CA SER F 12 -4.73 13.97 40.37
C SER F 12 -5.23 12.59 40.76
N THR F 13 -4.81 11.60 39.99
CA THR F 13 -5.12 10.20 40.26
C THR F 13 -4.16 9.34 39.44
N SER F 14 -4.34 8.03 39.54
CA SER F 14 -3.53 7.08 38.78
C SER F 14 -4.46 6.06 38.12
N VAL F 15 -3.95 5.43 37.06
CA VAL F 15 -4.75 4.50 36.28
C VAL F 15 -5.19 3.34 37.14
N GLY F 16 -6.45 2.92 36.97
CA GLY F 16 -7.01 1.82 37.70
C GLY F 16 -7.63 2.17 39.03
N ASP F 17 -7.22 3.29 39.63
CA ASP F 17 -7.80 3.69 40.91
C ASP F 17 -9.27 4.03 40.73
N ARG F 18 -10.05 3.77 41.79
CA ARG F 18 -11.46 4.13 41.82
C ARG F 18 -11.55 5.54 42.40
N VAL F 19 -11.31 6.52 41.54
CA VAL F 19 -11.28 7.93 41.93
C VAL F 19 -12.70 8.40 42.21
N SER F 20 -12.83 9.33 43.16
CA SER F 20 -14.12 9.90 43.55
C SER F 20 -14.11 11.41 43.34
N VAL F 21 -15.30 12.01 43.40
CA VAL F 21 -15.48 13.44 43.19
C VAL F 21 -16.27 14.02 44.36
N THR F 22 -16.10 15.32 44.58
CA THR F 22 -16.77 16.05 45.65
C THR F 22 -17.44 17.29 45.07
N CYS F 23 -18.76 17.39 45.26
CA CYS F 23 -19.57 18.50 44.76
C CYS F 23 -20.50 18.93 45.90
N LYS F 24 -19.93 19.65 46.88
CA LYS F 24 -20.60 19.91 48.15
C LYS F 24 -22.00 20.47 47.95
N ALA F 25 -22.12 21.58 47.22
CA ALA F 25 -23.39 22.24 46.98
C ALA F 25 -24.08 22.62 48.29
N SER F 26 -25.36 22.97 48.21
CA SER F 26 -26.19 23.30 49.36
C SER F 26 -27.62 23.48 48.88
N GLN F 27 -28.57 23.16 49.76
CA GLN F 27 -30.01 23.21 49.48
C GLN F 27 -30.30 22.21 48.35
N ASN F 28 -31.12 22.57 47.37
CA ASN F 28 -31.44 21.71 46.23
C ASN F 28 -32.02 20.37 46.66
N VAL F 29 -31.92 19.37 45.79
CA VAL F 29 -32.39 18.01 46.07
C VAL F 29 -31.84 17.08 44.99
N ASP F 30 -31.73 15.80 45.31
CA ASP F 30 -31.24 14.84 44.32
C ASP F 30 -32.28 14.67 43.21
N THR F 31 -31.96 13.77 42.27
CA THR F 31 -32.76 13.50 41.08
C THR F 31 -32.85 14.70 40.16
N ASN F 32 -32.57 15.89 40.68
CA ASN F 32 -32.46 17.11 39.91
C ASN F 32 -31.02 17.44 39.55
N VAL F 33 -30.09 16.55 39.87
CA VAL F 33 -28.66 16.79 39.75
C VAL F 33 -28.08 15.87 38.69
N ALA F 34 -27.22 16.42 37.83
CA ALA F 34 -26.50 15.64 36.82
C ALA F 34 -25.01 15.91 36.89
N TRP F 35 -24.25 15.41 35.92
CA TRP F 35 -22.82 15.65 35.81
C TRP F 35 -22.49 15.91 34.35
N TYR F 36 -21.22 16.19 34.07
CA TYR F 36 -20.78 16.46 32.70
C TYR F 36 -19.28 16.27 32.62
N GLN F 37 -18.78 16.16 31.39
CA GLN F 37 -17.36 15.95 31.15
C GLN F 37 -16.92 16.77 29.96
N LYS F 38 -15.61 17.04 29.89
CA LYS F 38 -15.08 17.85 28.79
C LYS F 38 -13.59 17.58 28.65
N LYS F 39 -13.18 17.07 27.49
CA LYS F 39 -11.79 16.81 27.20
C LYS F 39 -11.20 17.99 26.45
N PRO F 40 -9.88 18.00 26.21
CA PRO F 40 -9.31 19.04 25.33
C PRO F 40 -9.95 19.13 23.96
N GLY F 41 -10.81 18.18 23.59
CA GLY F 41 -11.58 18.30 22.36
C GLY F 41 -12.46 19.54 22.34
N GLN F 42 -13.16 19.78 21.23
CA GLN F 42 -13.89 21.02 21.03
C GLN F 42 -15.36 20.93 21.41
N SER F 43 -15.79 19.80 21.99
CA SER F 43 -17.18 19.59 22.34
C SER F 43 -17.28 18.94 23.71
N PRO F 44 -18.27 19.33 24.51
CA PRO F 44 -18.46 18.71 25.83
C PRO F 44 -19.31 17.46 25.74
N LYS F 45 -19.42 16.78 26.87
CA LYS F 45 -20.23 15.58 26.96
C LYS F 45 -20.85 15.51 28.35
N ALA F 46 -22.15 15.21 28.39
CA ALA F 46 -22.90 15.09 29.63
C ALA F 46 -23.06 13.62 29.99
N LEU F 47 -22.92 13.31 31.27
CA LEU F 47 -23.09 11.95 31.77
C LEU F 47 -23.74 12.01 33.14
N ILE F 48 -24.50 10.95 33.46
CA ILE F 48 -25.23 10.80 34.72
C ILE F 48 -26.34 11.84 34.82
N TYR F 49 -27.52 11.41 35.26
CA TYR F 49 -28.63 12.31 35.49
C TYR F 49 -29.42 11.78 36.66
N SER F 50 -30.47 12.52 37.04
CA SER F 50 -31.36 12.17 38.14
C SER F 50 -30.58 11.59 39.32
N ALA F 51 -29.64 12.40 39.82
CA ALA F 51 -28.73 11.99 40.89
C ALA F 51 -27.91 10.77 40.49
N SER F 52 -28.56 9.67 40.16
CA SER F 52 -27.90 8.44 39.77
C SER F 52 -28.49 7.92 38.47
N TYR F 53 -27.74 7.04 37.80
CA TYR F 53 -28.05 6.46 36.50
C TYR F 53 -27.72 7.44 35.38
N ARG F 54 -27.07 6.94 34.33
CA ARG F 54 -26.54 7.77 33.25
C ARG F 54 -27.23 7.41 31.93
N TYR F 55 -26.73 8.01 30.85
CA TYR F 55 -27.26 7.77 29.52
C TYR F 55 -26.64 6.48 28.96
N SER F 56 -26.92 6.20 27.68
CA SER F 56 -26.38 5.02 27.04
C SER F 56 -24.93 5.24 26.62
N GLY F 57 -24.24 4.13 26.34
CA GLY F 57 -22.84 4.18 25.98
C GLY F 57 -21.88 4.49 27.10
N VAL F 58 -22.33 4.38 28.34
CA VAL F 58 -21.52 4.73 29.52
C VAL F 58 -20.93 3.46 30.11
N PRO F 59 -19.62 3.39 30.34
CA PRO F 59 -19.06 2.25 31.06
C PRO F 59 -19.61 2.18 32.48
N ASP F 60 -19.98 0.97 32.90
CA ASP F 60 -20.54 0.80 34.24
C ASP F 60 -19.54 1.12 35.34
N ARG F 61 -18.26 1.23 35.00
CA ARG F 61 -17.20 1.50 35.98
C ARG F 61 -17.29 2.92 36.53
N PHE F 62 -18.28 3.68 36.08
CA PHE F 62 -18.46 5.07 36.46
C PHE F 62 -19.70 5.18 37.33
N THR F 63 -19.56 5.76 38.51
CA THR F 63 -20.59 5.70 39.53
C THR F 63 -20.68 7.02 40.28
N GLY F 64 -21.87 7.62 40.28
CA GLY F 64 -22.11 8.87 40.99
C GLY F 64 -22.94 8.64 42.23
N SER F 65 -22.73 9.47 43.26
CA SER F 65 -23.43 9.32 44.52
C SER F 65 -23.93 10.69 44.98
N GLY F 66 -24.23 10.80 46.27
CA GLY F 66 -24.67 12.05 46.87
C GLY F 66 -26.11 12.42 46.60
N SER F 67 -26.75 13.05 47.59
CA SER F 67 -28.13 13.48 47.46
C SER F 67 -28.34 14.73 48.31
N GLY F 68 -29.27 15.57 47.88
CA GLY F 68 -29.55 16.80 48.58
C GLY F 68 -28.41 17.80 48.50
N THR F 69 -27.61 17.89 49.56
CA THR F 69 -26.52 18.85 49.60
C THR F 69 -25.16 18.16 49.51
N ASP F 70 -25.00 17.31 48.49
CA ASP F 70 -23.75 16.61 48.24
C ASP F 70 -23.90 15.78 46.96
N PHE F 71 -22.76 15.40 46.38
CA PHE F 71 -22.73 14.54 45.20
C PHE F 71 -21.32 13.99 45.00
N THR F 72 -21.20 12.67 44.80
CA THR F 72 -19.91 12.00 44.73
C THR F 72 -19.88 11.05 43.54
N LEU F 73 -19.23 11.47 42.46
CA LEU F 73 -19.01 10.61 41.31
C LEU F 73 -17.74 9.79 41.52
N THR F 74 -17.78 8.52 41.12
CA THR F 74 -16.65 7.62 41.31
C THR F 74 -16.40 6.84 40.03
N ILE F 75 -15.14 6.77 39.62
CA ILE F 75 -14.75 6.11 38.37
C ILE F 75 -13.88 4.91 38.74
N SER F 76 -14.50 3.73 38.76
CA SER F 76 -13.74 2.52 39.02
C SER F 76 -12.84 2.22 37.83
N ASN F 77 -11.58 1.88 38.12
CA ASN F 77 -10.61 1.53 37.09
C ASN F 77 -10.56 2.59 36.01
N VAL F 78 -9.92 3.72 36.29
CA VAL F 78 -9.79 4.80 35.33
C VAL F 78 -8.75 4.42 34.28
N GLN F 79 -8.93 4.95 33.07
CA GLN F 79 -8.06 4.68 31.92
C GLN F 79 -7.46 5.98 31.41
N SER F 80 -6.63 5.87 30.36
CA SER F 80 -5.85 7.01 29.90
C SER F 80 -6.68 7.99 29.08
N GLU F 81 -7.56 7.48 28.20
CA GLU F 81 -8.44 8.37 27.46
C GLU F 81 -9.53 8.99 28.33
N ASP F 82 -9.64 8.55 29.59
CA ASP F 82 -10.59 9.11 30.56
C ASP F 82 -10.20 10.50 31.02
N LEU F 83 -9.16 11.08 30.44
CA LEU F 83 -8.80 12.46 30.76
C LEU F 83 -9.91 13.40 30.29
N ALA F 84 -10.31 14.32 31.18
CA ALA F 84 -11.31 15.34 30.85
C ALA F 84 -11.51 16.31 31.99
N GLU F 85 -12.34 17.33 31.76
CA GLU F 85 -12.78 18.25 32.80
C GLU F 85 -14.23 17.95 33.13
N TYR F 86 -14.50 17.66 34.40
CA TYR F 86 -15.79 17.14 34.81
C TYR F 86 -16.52 18.17 35.67
N PHE F 87 -17.85 18.06 35.70
CA PHE F 87 -18.68 19.08 36.32
C PHE F 87 -19.91 18.43 36.98
N CYS F 88 -20.60 19.24 37.80
CA CYS F 88 -21.85 18.84 38.44
C CYS F 88 -22.84 19.99 38.36
N GLN F 89 -24.09 19.67 38.02
CA GLN F 89 -25.14 20.64 37.76
C GLN F 89 -26.31 20.38 38.71
N GLN F 90 -27.34 21.23 38.61
CA GLN F 90 -28.58 21.04 39.34
C GLN F 90 -29.72 21.64 38.54
N TYR F 91 -30.93 21.10 38.75
CA TYR F 91 -32.09 21.52 37.97
C TYR F 91 -33.35 21.67 38.80
N ASN F 92 -33.25 21.69 40.13
CA ASN F 92 -34.42 21.76 40.99
C ASN F 92 -35.20 23.05 40.85
N SER F 93 -34.63 24.08 40.21
CA SER F 93 -35.34 25.32 39.97
C SER F 93 -34.85 25.89 38.64
N TYR F 94 -35.71 26.67 37.99
CA TYR F 94 -35.36 27.24 36.69
C TYR F 94 -34.00 27.92 36.67
N PRO F 95 -33.59 28.70 37.68
CA PRO F 95 -32.20 29.16 37.72
C PRO F 95 -31.25 28.04 38.13
N TYR F 96 -30.61 27.42 37.15
CA TYR F 96 -29.73 26.29 37.42
C TYR F 96 -28.40 26.77 37.99
N THR F 97 -27.63 25.82 38.52
CA THR F 97 -26.31 26.11 39.06
C THR F 97 -25.29 25.13 38.49
N PHE F 98 -24.09 25.63 38.20
CA PHE F 98 -23.07 24.84 37.51
C PHE F 98 -21.82 24.69 38.36
N GLY F 99 -20.66 24.73 37.72
CA GLY F 99 -19.41 24.61 38.45
C GLY F 99 -18.25 25.05 37.58
N GLY F 100 -17.09 25.10 38.21
CA GLY F 100 -15.87 25.48 37.52
C GLY F 100 -14.66 24.76 38.05
N GLY F 101 -13.85 24.21 37.15
CA GLY F 101 -12.69 23.44 37.54
C GLY F 101 -13.03 21.97 37.71
N THR F 102 -12.66 21.40 38.86
CA THR F 102 -12.77 19.97 39.10
C THR F 102 -12.11 19.18 37.98
N LYS F 103 -10.91 19.61 37.61
CA LYS F 103 -10.16 18.96 36.56
C LYS F 103 -9.50 17.69 37.08
N LEU F 104 -9.33 16.72 36.18
CA LEU F 104 -8.78 15.42 36.51
C LEU F 104 -7.36 15.31 35.98
N GLU F 105 -6.42 14.98 36.85
CA GLU F 105 -5.07 14.66 36.46
C GLU F 105 -4.82 13.16 36.66
N ILE F 106 -4.04 12.57 35.76
CA ILE F 106 -3.78 11.13 35.78
C ILE F 106 -2.28 10.97 35.92
N LYS F 107 -1.82 10.62 37.11
CA LYS F 107 -0.39 10.40 37.33
C LYS F 107 0.10 9.21 36.51
N ARG F 108 1.31 9.34 35.99
CA ARG F 108 1.94 8.25 35.27
C ARG F 108 3.44 8.29 35.54
N THR F 109 4.17 7.39 34.88
CA THR F 109 5.61 7.32 35.05
C THR F 109 6.29 8.51 34.39
N VAL F 110 7.55 8.73 34.77
CA VAL F 110 8.36 9.76 34.15
C VAL F 110 9.01 9.20 32.90
N ALA F 111 9.03 10.00 31.85
CA ALA F 111 9.73 9.63 30.61
C ALA F 111 10.46 10.87 30.10
N ALA F 112 11.60 10.64 29.46
CA ALA F 112 12.40 11.75 28.97
C ALA F 112 11.71 12.41 27.78
N PRO F 113 11.82 13.73 27.66
CA PRO F 113 11.22 14.42 26.50
C PRO F 113 11.90 14.09 25.18
N SER F 114 11.39 14.66 24.10
CA SER F 114 11.94 14.48 22.75
C SER F 114 12.29 15.85 22.20
N VAL F 115 13.57 16.19 22.26
CA VAL F 115 14.02 17.55 21.97
C VAL F 115 14.25 17.71 20.48
N PHE F 116 13.75 18.82 19.92
CA PHE F 116 14.04 19.23 18.57
C PHE F 116 14.35 20.72 18.55
N ILE F 117 14.82 21.21 17.41
CA ILE F 117 15.17 22.61 17.23
C ILE F 117 15.08 22.93 15.75
N PHE F 118 14.56 24.11 15.43
CA PHE F 118 14.25 24.43 14.05
C PHE F 118 14.80 25.80 13.66
N PRO F 119 15.40 25.92 12.47
CA PRO F 119 15.82 27.21 11.97
C PRO F 119 14.68 27.93 11.28
N PRO F 120 14.70 29.27 11.23
CA PRO F 120 13.62 29.99 10.56
C PRO F 120 13.62 29.71 9.06
N SER F 121 12.44 29.80 8.46
CA SER F 121 12.29 29.49 7.05
C SER F 121 12.95 30.57 6.19
N ASP F 122 13.13 30.23 4.91
CA ASP F 122 13.62 31.20 3.94
C ASP F 122 12.61 32.31 3.66
N GLU F 123 11.32 32.05 3.90
CA GLU F 123 10.28 33.02 3.62
C GLU F 123 9.97 33.92 4.81
N GLN F 124 10.33 33.50 6.03
CA GLN F 124 9.97 34.28 7.21
C GLN F 124 10.70 35.62 7.25
N LEU F 125 11.96 35.65 6.80
CA LEU F 125 12.75 36.87 6.85
C LEU F 125 12.36 37.87 5.77
N LYS F 126 11.57 37.47 4.77
CA LYS F 126 11.02 38.45 3.84
C LYS F 126 10.06 39.41 4.53
N SER F 127 9.48 39.00 5.66
CA SER F 127 8.65 39.89 6.46
C SER F 127 9.49 40.78 7.38
N GLY F 128 10.72 40.39 7.68
CA GLY F 128 11.61 41.17 8.52
C GLY F 128 11.91 40.55 9.87
N THR F 129 11.19 39.50 10.26
CA THR F 129 11.37 38.86 11.55
C THR F 129 11.92 37.45 11.38
N ALA F 130 12.64 36.99 12.40
CA ALA F 130 13.21 35.65 12.43
C ALA F 130 12.92 35.01 13.77
N SER F 131 12.53 33.74 13.75
CA SER F 131 12.13 33.03 14.96
C SER F 131 12.76 31.65 14.99
N VAL F 132 13.18 31.21 16.17
CA VAL F 132 13.76 29.89 16.37
C VAL F 132 12.86 29.11 17.32
N VAL F 133 12.69 27.82 17.04
CA VAL F 133 11.82 26.96 17.82
C VAL F 133 12.65 25.86 18.46
N CYS F 134 12.50 25.69 19.77
CA CYS F 134 13.06 24.56 20.49
C CYS F 134 11.88 23.66 20.86
N LEU F 135 11.80 22.50 20.23
CA LEU F 135 10.67 21.59 20.38
C LEU F 135 10.98 20.53 21.42
N LEU F 136 9.98 20.23 22.26
CA LEU F 136 10.10 19.18 23.26
C LEU F 136 8.81 18.36 23.28
N ASN F 137 8.93 17.09 23.69
CA ASN F 137 7.79 16.18 23.80
C ASN F 137 7.94 15.43 25.12
N ASN F 138 7.65 16.12 26.22
CA ASN F 138 7.92 15.63 27.56
C ASN F 138 6.77 14.80 28.09
N PHE F 139 7.06 14.05 29.14
CA PHE F 139 6.07 13.27 29.86
C PHE F 139 5.82 13.90 31.22
N TYR F 140 4.67 13.55 31.79
CA TYR F 140 4.30 14.05 33.11
C TYR F 140 5.42 13.72 34.10
N PRO F 141 5.78 14.66 35.00
CA PRO F 141 5.14 15.96 35.28
C PRO F 141 5.36 17.04 34.22
N ARG F 142 4.59 18.13 34.33
CA ARG F 142 4.65 19.19 33.33
C ARG F 142 5.79 20.17 33.55
N GLU F 143 6.35 20.24 34.76
CA GLU F 143 7.34 21.25 35.07
C GLU F 143 8.65 20.96 34.35
N ALA F 144 9.21 21.98 33.72
CA ALA F 144 10.46 21.92 32.98
C ALA F 144 10.85 23.33 32.59
N LYS F 145 12.15 23.54 32.41
CA LYS F 145 12.71 24.85 32.12
C LYS F 145 13.57 24.76 30.87
N VAL F 146 13.30 25.62 29.90
CA VAL F 146 14.11 25.77 28.69
C VAL F 146 14.98 26.99 28.85
N GLN F 147 16.25 26.86 28.46
CA GLN F 147 17.21 27.96 28.52
C GLN F 147 17.94 28.04 27.19
N TRP F 148 17.60 29.04 26.39
CA TRP F 148 18.27 29.25 25.11
C TRP F 148 19.72 29.67 25.34
N LYS F 149 20.46 29.79 24.24
CA LYS F 149 21.86 30.18 24.32
C LYS F 149 22.29 30.71 22.96
N VAL F 150 22.67 31.99 22.92
CA VAL F 150 23.07 32.65 21.67
C VAL F 150 24.48 33.18 21.86
N ASP F 151 25.43 32.61 21.12
CA ASP F 151 26.85 32.92 21.31
C ASP F 151 27.24 32.65 22.77
N ASN F 152 26.79 31.51 23.28
CA ASN F 152 27.01 31.11 24.66
C ASN F 152 26.36 32.10 25.63
N ALA F 153 25.23 32.69 25.24
CA ALA F 153 24.58 33.70 26.06
C ALA F 153 23.14 33.90 25.60
N LEU F 154 22.19 33.61 26.48
CA LEU F 154 20.79 33.87 26.17
C LEU F 154 20.47 35.34 26.40
N GLN F 155 19.22 35.72 26.12
CA GLN F 155 18.78 37.10 26.25
C GLN F 155 17.78 37.32 27.38
N SER F 156 17.28 36.25 28.00
CA SER F 156 16.35 36.34 29.13
C SER F 156 15.09 37.11 28.78
N GLY F 157 14.65 37.01 27.52
CA GLY F 157 13.46 37.72 27.08
C GLY F 157 13.09 37.29 25.68
N ASN F 158 11.95 37.79 25.22
CA ASN F 158 11.37 37.47 23.91
C ASN F 158 11.19 35.97 23.71
N SER F 159 11.15 35.19 24.80
CA SER F 159 10.94 33.76 24.71
C SER F 159 9.46 33.46 24.82
N GLN F 160 8.98 32.60 23.92
CA GLN F 160 7.57 32.21 23.89
C GLN F 160 7.49 30.72 24.20
N GLU F 161 6.72 30.37 25.22
CA GLU F 161 6.55 28.98 25.65
C GLU F 161 5.08 28.66 25.74
N SER F 162 4.69 27.52 25.19
CA SER F 162 3.29 27.09 25.18
C SER F 162 3.22 25.58 25.36
N VAL F 163 2.43 25.15 26.35
CA VAL F 163 2.30 23.73 26.69
C VAL F 163 1.00 23.22 26.10
N THR F 164 1.08 22.09 25.41
CA THR F 164 -0.10 21.49 24.78
C THR F 164 -0.98 20.84 25.86
N GLU F 165 -1.99 20.11 25.41
CA GLU F 165 -2.81 19.32 26.31
C GLU F 165 -2.22 17.91 26.45
N GLN F 166 -2.72 17.19 27.44
CA GLN F 166 -2.25 15.83 27.66
C GLN F 166 -2.91 14.88 26.67
N ASP F 167 -2.21 13.80 26.35
CA ASP F 167 -2.65 12.89 25.30
C ASP F 167 -3.79 12.00 25.78
N SER F 168 -4.64 11.60 24.84
CA SER F 168 -5.75 10.69 25.13
C SER F 168 -5.38 9.23 24.89
N LYS F 169 -4.25 8.95 24.24
CA LYS F 169 -3.78 7.58 24.13
C LYS F 169 -2.91 7.22 25.33
N ASP F 170 -1.63 7.60 25.30
CA ASP F 170 -0.73 7.29 26.39
C ASP F 170 -0.63 8.39 27.43
N SER F 171 -1.24 9.55 27.18
CA SER F 171 -1.24 10.68 28.10
C SER F 171 0.15 11.26 28.31
N THR F 172 0.50 12.28 27.53
CA THR F 172 1.84 12.87 27.56
C THR F 172 1.74 14.37 27.30
N TYR F 173 2.82 15.08 27.60
CA TYR F 173 2.91 16.53 27.46
C TYR F 173 3.66 16.91 26.19
N SER F 174 3.73 18.23 25.94
CA SER F 174 4.49 18.82 24.85
C SER F 174 4.51 20.33 25.01
N LEU F 175 5.66 20.95 24.79
CA LEU F 175 5.85 22.39 24.94
C LEU F 175 6.60 22.93 23.73
N SER F 176 6.43 24.24 23.49
CA SER F 176 7.09 24.92 22.38
C SER F 176 7.76 26.20 22.89
N SER F 177 9.07 26.13 23.15
CA SER F 177 9.84 27.33 23.44
C SER F 177 10.19 28.03 22.14
N THR F 178 9.86 29.32 22.05
CA THR F 178 9.98 30.06 20.81
C THR F 178 10.56 31.44 21.08
N LEU F 179 11.39 31.91 20.15
CA LEU F 179 12.04 33.22 20.27
C LEU F 179 11.57 34.13 19.15
N THR F 180 11.50 35.43 19.44
CA THR F 180 11.04 36.44 18.50
C THR F 180 12.14 37.46 18.27
N LEU F 181 12.59 37.59 17.03
CA LEU F 181 13.60 38.57 16.66
C LEU F 181 13.23 39.19 15.32
N SER F 182 14.00 40.19 14.93
CA SER F 182 13.94 40.75 13.59
C SER F 182 15.10 40.20 12.76
N LYS F 183 15.11 40.56 11.47
CA LYS F 183 16.20 40.12 10.61
C LYS F 183 17.54 40.66 11.09
N ALA F 184 17.55 41.84 11.69
CA ALA F 184 18.80 42.43 12.18
C ALA F 184 19.27 41.74 13.45
N ASP F 185 18.39 41.64 14.46
CA ASP F 185 18.74 40.93 15.69
C ASP F 185 19.17 39.51 15.39
N TYR F 186 18.66 38.93 14.31
CA TYR F 186 19.04 37.58 13.92
C TYR F 186 20.46 37.54 13.37
N GLU F 187 20.81 38.49 12.50
CA GLU F 187 22.11 38.45 11.85
C GLU F 187 23.24 38.63 12.85
N LYS F 188 23.18 39.68 13.67
CA LYS F 188 24.13 39.78 14.77
C LYS F 188 23.89 38.64 15.75
N HIS F 189 24.97 38.09 16.29
CA HIS F 189 24.97 36.90 17.13
C HIS F 189 24.54 35.69 16.30
N LYS F 190 25.35 34.63 16.29
CA LYS F 190 25.06 33.52 15.38
C LYS F 190 25.20 32.13 15.98
N VAL F 191 26.05 31.93 17.00
CA VAL F 191 25.99 30.66 17.72
C VAL F 191 24.62 30.56 18.38
N TYR F 192 23.87 29.52 18.03
CA TYR F 192 22.47 29.37 18.45
C TYR F 192 22.27 28.02 19.12
N ALA F 193 21.54 28.04 20.24
CA ALA F 193 21.32 26.83 21.03
C ALA F 193 20.14 27.06 21.96
N CYS F 194 19.62 25.95 22.49
CA CYS F 194 18.64 25.98 23.57
C CYS F 194 18.96 24.83 24.53
N GLU F 195 19.63 25.17 25.63
CA GLU F 195 19.85 24.18 26.68
C GLU F 195 18.50 23.75 27.26
N VAL F 196 18.45 22.50 27.72
CA VAL F 196 17.22 21.91 28.22
C VAL F 196 17.53 21.16 29.51
N THR F 197 16.75 21.44 30.55
CA THR F 197 16.89 20.78 31.85
C THR F 197 15.56 20.19 32.25
N HIS F 198 15.56 18.92 32.62
CA HIS F 198 14.38 18.24 33.13
C HIS F 198 14.79 17.36 34.30
N GLN F 199 13.88 17.19 35.26
CA GLN F 199 14.16 16.35 36.42
C GLN F 199 14.49 14.93 36.00
N GLY F 200 13.81 14.42 34.97
CA GLY F 200 14.05 13.07 34.49
C GLY F 200 15.21 12.96 33.53
N LEU F 201 16.33 13.58 33.87
CA LEU F 201 17.53 13.52 33.06
C LEU F 201 18.76 13.46 33.96
N SER F 202 19.79 12.77 33.48
CA SER F 202 21.04 12.67 34.23
C SER F 202 21.93 13.90 34.03
N SER F 203 21.73 14.64 32.95
CA SER F 203 22.51 15.83 32.67
C SER F 203 21.73 16.68 31.68
N PRO F 204 21.92 18.00 31.70
CA PRO F 204 21.11 18.88 30.83
C PRO F 204 21.38 18.65 29.36
N VAL F 205 20.32 18.70 28.57
CA VAL F 205 20.39 18.57 27.12
C VAL F 205 20.58 19.94 26.51
N THR F 206 21.37 20.01 25.44
CA THR F 206 21.61 21.27 24.74
C THR F 206 21.83 20.99 23.27
N LYS F 207 20.93 21.48 22.42
CA LYS F 207 21.04 21.32 20.98
C LYS F 207 21.77 22.51 20.38
N SER F 208 22.70 22.22 19.48
CA SER F 208 23.50 23.26 18.83
C SER F 208 22.94 23.58 17.45
N PHE F 209 22.91 24.87 17.13
CA PHE F 209 22.45 25.34 15.83
C PHE F 209 23.28 26.55 15.41
N ASN F 210 23.22 26.86 14.12
CA ASN F 210 24.02 27.94 13.56
C ASN F 210 23.54 28.19 12.14
N ARG F 211 24.04 29.28 11.54
CA ARG F 211 23.75 29.57 10.15
C ARG F 211 24.33 28.49 9.25
N GLY F 212 23.74 28.38 8.06
CA GLY F 212 24.17 27.39 7.10
C GLY F 212 23.12 26.33 6.87
N GLU F 213 23.24 25.67 5.73
CA GLU F 213 22.29 24.63 5.34
C GLU F 213 23.01 23.51 4.58
C10 7V7 G . 5.60 -12.65 -5.00
C13 7V7 G . 3.52 -15.49 -4.84
C15 7V7 G . 2.32 -13.55 -5.90
C17 7V7 G . 2.09 -13.42 -8.29
C20 7V7 G . 9.15 -12.20 -7.94
C21 7V7 G . 8.25 -11.74 -8.90
C22 7V7 G . 8.42 -12.11 -10.23
C24 7V7 G . 10.37 -13.38 -9.65
C02 7V7 G . 9.70 -10.75 -6.02
C03 7V7 G . 10.70 -10.03 -6.91
C04 7V7 G . 11.96 -9.80 -6.10
C06 7V7 G . 7.98 -12.53 -5.75
C07 7V7 G . 7.88 -14.03 -6.14
C08 7V7 G . 6.88 -14.75 -5.24
C11 7V7 G . 6.58 -11.92 -5.91
C12 7V7 G . 4.71 -14.76 -4.19
C14 7V7 G . 3.02 -14.75 -6.04
C16 7V7 G . 1.87 -12.89 -7.04
C18 7V7 G . 2.77 -14.62 -8.43
C19 7V7 G . 3.24 -15.29 -7.30
C23 7V7 G . 9.48 -12.93 -10.60
C25 7V7 G . 10.22 -13.03 -8.32
N05 7V7 G . 8.98 -11.81 -6.57
N09 7V7 G . 5.54 -14.10 -5.25
O01 7V7 G . 9.52 -10.44 -4.85
#